data_5M8S
#
_entry.id   5M8S
#
_cell.length_a   90.081
_cell.length_b   141.767
_cell.length_c   191.730
_cell.angle_alpha   90.000
_cell.angle_beta   90.000
_cell.angle_gamma   90.000
#
_symmetry.space_group_name_H-M   'P 21 21 21'
#
loop_
_entity.id
_entity.type
_entity.pdbx_description
1 polymer '5,6-dihydroxyindole-2-carboxylic acid oxidase'
2 branched 2-acetamido-2-deoxy-beta-D-glucopyranose-(1-4)-[alpha-L-fucopyranose-(1-6)]2-acetamido-2-deoxy-beta-D-glucopyranose
3 branched 2-acetamido-2-deoxy-beta-D-glucopyranose-(1-4)-2-acetamido-2-deoxy-beta-D-glucopyranose
4 branched alpha-D-mannopyranose-(1-6)-2-acetamido-2-deoxy-beta-D-glucopyranose
5 branched alpha-D-mannopyranose-(1-3)-[alpha-D-mannopyranose-(1-6)]alpha-D-mannopyranose-(1-4)-2-acetamido-2-deoxy-beta-D-glucopyranose-(1-4)-[alpha-L-fucopyranose-(1-6)]2-acetamido-2-deoxy-beta-D-glucopyranose
6 branched alpha-L-fucopyranose-(1-6)-2-acetamido-2-deoxy-beta-D-glucopyranose
7 branched alpha-D-mannopyranose-(1-3)-alpha-D-mannopyranose-(1-4)-2-acetamido-2-deoxy-beta-D-glucopyranose-(1-4)-[alpha-L-fucopyranose-(1-6)]2-acetamido-2-deoxy-beta-D-glucopyranose
8 branched alpha-D-mannopyranose-(1-3)-[alpha-D-mannopyranose-(1-6)]alpha-D-mannopyranose-(1-4)-2-acetamido-2-deoxy-beta-D-glucopyranose-(1-4)-2-acetamido-2-deoxy-beta-D-glucopyranose
9 non-polymer 2-acetamido-2-deoxy-beta-D-glucopyranose
10 non-polymer N-PHENYLTHIOUREA
11 non-polymer 'ZINC ION'
12 water water
#
_entity_poly.entity_id   1
_entity_poly.type   'polypeptide(L)'
_entity_poly.pdbx_seq_one_letter_code
;QFPRQCATVEALRSGMCCPDLSPVSGPGTDRCGSSSGRGRCEAVTADSRPHSPQYPHDGRDDREVWPLRFFNRTCHCNGN
FSGHNCGTCRPGWRGAACDQRVLIVRRNLLDLSKEEKNHFVRALDMAKRTTHPLFVIATRRSEEILGPDGNTPQFENISI
YNYFVWTHYYSVKKTFLGVGQESFGEVDFSHEGPAFLTWHRYHLLRLEKDMQEMLQEPSFSLPYWNFATGKNVCDICTDD
LMGSRSNFDSTLISPNSVFSQWRVVCDSLEDYDTLGTLCNSTEDGPIRRNPAGNVARPMVQRLPEPQDVAQCLEVGLFDT
PPFYSNSTNSFRNTVEGFSDPTGKYDPAVSSLHNLAHLFLNGTGGQVHLSPNDPIFVLLHTFTDAVFDEWLRRYNADIST
FPLENAPIGHNRQYNMVPFWPPVTNTEMFVTAPDNLGYTYEIQWPS
;
_entity_poly.pdbx_strand_id   A,B,C,D
#
# COMPACT_ATOMS: atom_id res chain seq x y z
N GLN A 1 -13.28 15.33 26.29
CA GLN A 1 -12.58 14.12 25.94
C GLN A 1 -11.10 14.34 26.25
N PHE A 2 -10.71 15.60 26.50
CA PHE A 2 -9.27 15.90 26.61
C PHE A 2 -8.91 16.33 28.03
N PRO A 3 -7.67 16.09 28.45
CA PRO A 3 -7.20 16.62 29.75
C PRO A 3 -7.42 18.13 29.81
N ARG A 4 -7.79 18.63 31.00
CA ARG A 4 -8.13 20.05 31.10
C ARG A 4 -6.93 20.94 30.80
N GLN A 5 -5.71 20.44 30.99
CA GLN A 5 -4.55 21.23 30.62
C GLN A 5 -4.29 21.25 29.12
N CYS A 6 -4.95 20.40 28.35
CA CYS A 6 -4.85 20.46 26.89
C CYS A 6 -6.02 21.20 26.24
N ALA A 7 -7.08 21.49 27.00
CA ALA A 7 -8.26 22.21 26.54
C ALA A 7 -8.07 23.71 26.65
N THR A 8 -6.94 24.18 26.17
CA THR A 8 -6.56 25.58 26.23
C THR A 8 -6.36 26.10 24.82
N VAL A 9 -6.25 27.42 24.69
CA VAL A 9 -5.96 28.01 23.38
C VAL A 9 -4.60 27.53 22.89
N GLU A 10 -3.59 27.57 23.77
CA GLU A 10 -2.24 27.24 23.36
C GLU A 10 -2.13 25.82 22.87
N ALA A 11 -2.71 24.87 23.62
CA ALA A 11 -2.52 23.46 23.30
C ALA A 11 -3.21 23.11 21.99
N LEU A 12 -4.41 23.64 21.78
CA LEU A 12 -5.12 23.33 20.53
C LEU A 12 -4.40 23.92 19.32
N ARG A 13 -3.82 25.13 19.46
CA ARG A 13 -3.10 25.71 18.31
C ARG A 13 -1.84 24.95 18.00
N SER A 14 -1.15 24.48 19.04
CA SER A 14 0.07 23.70 18.85
C SER A 14 -0.21 22.30 18.29
N GLY A 15 -1.44 21.79 18.40
CA GLY A 15 -1.70 20.40 18.07
C GLY A 15 -1.06 19.38 19.00
N MET A 16 -0.58 19.79 20.17
CA MET A 16 0.17 18.92 21.08
C MET A 16 -0.60 18.75 22.39
N CYS A 17 -0.88 17.51 22.76
CA CYS A 17 -1.43 17.23 24.08
C CYS A 17 -0.42 16.36 24.82
N CYS A 18 0.57 17.04 25.42
CA CYS A 18 1.67 16.39 26.14
C CYS A 18 1.91 17.14 27.43
N PRO A 19 1.00 17.02 28.39
CA PRO A 19 1.08 17.87 29.59
C PRO A 19 2.22 17.47 30.51
N ASP A 20 2.61 18.43 31.36
CA ASP A 20 3.67 18.20 32.34
C ASP A 20 3.20 17.23 33.42
N LEU A 21 4.17 16.54 34.01
CA LEU A 21 3.84 15.70 35.17
C LEU A 21 4.13 16.49 36.45
N SER A 22 5.41 16.64 36.82
CA SER A 22 5.84 17.54 37.89
C SER A 22 7.09 18.26 37.42
N PRO A 23 6.94 19.44 36.81
CA PRO A 23 8.11 20.19 36.26
C PRO A 23 8.83 20.95 37.37
N VAL A 24 10.17 20.86 37.34
CA VAL A 24 10.83 21.55 38.43
C VAL A 24 11.95 22.42 37.84
N SER A 25 11.83 22.74 36.55
CA SER A 25 12.55 23.86 35.93
C SER A 25 11.63 24.84 35.19
N GLY A 26 10.31 24.77 35.41
CA GLY A 26 9.36 25.60 34.69
C GLY A 26 8.42 24.79 33.81
N PRO A 27 7.44 25.47 33.18
CA PRO A 27 6.51 24.77 32.29
C PRO A 27 7.21 24.13 31.09
N GLY A 28 6.62 23.03 30.62
CA GLY A 28 7.15 22.29 29.48
C GLY A 28 8.42 21.54 29.74
N THR A 29 8.87 21.46 30.99
CA THR A 29 10.14 20.81 31.28
C THR A 29 9.97 19.34 31.66
N ASP A 30 8.75 18.92 31.98
CA ASP A 30 8.46 17.53 32.36
C ASP A 30 7.26 17.02 31.58
N ARG A 31 7.23 17.27 30.28
CA ARG A 31 6.16 16.77 29.42
C ARG A 31 6.17 15.25 29.39
N CYS A 32 5.04 14.65 29.72
CA CYS A 32 4.87 13.20 29.73
C CYS A 32 5.77 12.54 30.75
N GLY A 33 6.16 13.26 31.79
CA GLY A 33 7.06 12.73 32.80
C GLY A 33 8.42 12.35 32.26
N SER A 34 8.90 13.08 31.25
CA SER A 34 10.16 12.72 30.62
C SER A 34 11.37 12.95 31.52
N SER A 35 11.27 13.78 32.58
CA SER A 35 12.43 13.96 33.44
C SER A 35 12.66 12.74 34.34
N SER A 36 11.61 12.04 34.77
CA SER A 36 11.76 10.67 35.25
C SER A 36 11.74 9.76 34.03
N GLY A 37 11.69 8.47 34.21
CA GLY A 37 11.69 7.65 33.01
C GLY A 37 10.32 7.36 32.47
N ARG A 38 9.33 8.20 32.78
CA ARG A 38 7.96 7.74 32.69
C ARG A 38 7.38 7.82 31.28
N GLY A 39 7.82 8.76 30.45
CA GLY A 39 7.31 8.77 29.10
C GLY A 39 7.91 9.90 28.30
N ARG A 40 7.43 10.03 27.06
CA ARG A 40 7.86 11.08 26.16
C ARG A 40 6.71 11.52 25.26
N CYS A 41 6.78 12.75 24.79
CA CYS A 41 5.85 13.27 23.78
C CYS A 41 6.30 12.77 22.41
N GLU A 42 5.34 12.25 21.62
CA GLU A 42 5.67 11.76 20.29
C GLU A 42 4.49 11.89 19.35
N ALA A 43 4.73 11.57 18.09
CA ALA A 43 3.70 11.63 17.06
C ALA A 43 2.60 10.62 17.34
N VAL A 44 1.36 11.00 17.03
CA VAL A 44 0.19 10.11 17.18
C VAL A 44 0.22 9.03 16.12
N THR A 45 -0.04 7.79 16.52
CA THR A 45 -0.32 6.72 15.56
C THR A 45 -1.83 6.62 15.41
N ALA A 46 -2.32 6.85 14.19
CA ALA A 46 -3.74 6.75 13.90
C ALA A 46 -3.95 5.88 12.67
N ASP A 47 -5.12 5.25 12.58
CA ASP A 47 -5.42 4.34 11.48
C ASP A 47 -5.70 5.09 10.19
N SER A 48 -5.05 4.68 9.11
CA SER A 48 -5.30 5.28 7.81
C SER A 48 -5.90 4.29 6.79
N ARG A 49 -6.22 3.07 7.21
CA ARG A 49 -6.79 2.10 6.28
C ARG A 49 -8.21 2.52 5.88
N PRO A 50 -8.70 2.03 4.74
CA PRO A 50 -10.05 2.40 4.30
C PRO A 50 -11.14 1.73 5.12
N HIS A 51 -12.29 2.41 5.16
CA HIS A 51 -13.49 1.93 5.84
C HIS A 51 -14.54 1.56 4.79
N SER A 52 -15.66 1.04 5.27
CA SER A 52 -16.72 0.61 4.37
C SER A 52 -17.31 1.81 3.64
N PRO A 53 -17.90 1.59 2.46
CA PRO A 53 -18.50 2.71 1.73
C PRO A 53 -19.76 3.26 2.37
N GLN A 54 -20.22 2.71 3.48
CA GLN A 54 -21.46 3.22 4.09
C GLN A 54 -21.32 4.67 4.50
N TYR A 55 -20.12 5.10 4.89
CA TYR A 55 -19.89 6.49 5.26
C TYR A 55 -19.32 7.25 4.07
N PRO A 56 -20.09 8.14 3.43
CA PRO A 56 -19.58 8.89 2.27
C PRO A 56 -19.04 10.28 2.57
N HIS A 57 -18.84 10.66 3.84
CA HIS A 57 -18.56 12.04 4.20
C HIS A 57 -17.15 12.28 4.73
N ASP A 58 -16.16 11.58 4.20
CA ASP A 58 -14.78 11.82 4.61
C ASP A 58 -14.45 13.30 4.49
N GLY A 59 -13.83 13.83 5.54
CA GLY A 59 -13.46 15.22 5.62
C GLY A 59 -14.41 16.11 6.38
N ARG A 60 -15.57 15.57 6.82
CA ARG A 60 -16.61 16.40 7.43
C ARG A 60 -16.74 16.24 8.95
N ASP A 61 -16.20 15.18 9.54
CA ASP A 61 -16.49 14.81 10.93
C ASP A 61 -15.20 14.73 11.74
N ASP A 62 -15.20 15.38 12.91
CA ASP A 62 -14.03 15.38 13.78
C ASP A 62 -13.66 13.99 14.32
N ARG A 63 -14.53 12.99 14.22
CA ARG A 63 -14.20 11.68 14.74
C ARG A 63 -13.38 10.85 13.75
N GLU A 64 -13.33 11.26 12.49
CA GLU A 64 -12.51 10.56 11.51
C GLU A 64 -11.05 10.61 11.91
N VAL A 65 -10.33 9.51 11.65
CA VAL A 65 -8.90 9.38 11.93
C VAL A 65 -8.58 9.91 13.32
N TRP A 66 -9.39 9.53 14.31
CA TRP A 66 -9.24 9.97 15.71
C TRP A 66 -7.84 9.71 16.22
N PRO A 67 -7.20 10.70 16.87
CA PRO A 67 -7.63 12.05 17.24
C PRO A 67 -7.00 13.18 16.40
N LEU A 68 -6.65 12.90 15.15
CA LEU A 68 -5.80 13.82 14.40
C LEU A 68 -6.45 15.17 14.13
N ARG A 69 -7.77 15.30 14.26
CA ARG A 69 -8.37 16.61 14.00
C ARG A 69 -8.22 17.58 15.15
N PHE A 70 -7.71 17.11 16.28
CA PHE A 70 -7.44 17.94 17.45
C PHE A 70 -5.98 17.93 17.83
N PHE A 71 -5.32 16.77 17.83
CA PHE A 71 -3.92 16.70 18.24
C PHE A 71 -3.18 15.70 17.39
N ASN A 72 -1.94 16.02 17.05
CA ASN A 72 -1.07 15.08 16.35
C ASN A 72 0.13 14.68 17.20
N ARG A 73 0.14 15.04 18.48
CA ARG A 73 1.16 14.63 19.41
C ARG A 73 0.56 14.25 20.76
N THR A 74 1.02 13.12 21.29
CA THR A 74 0.50 12.53 22.53
C THR A 74 1.64 12.03 23.37
N CYS A 75 1.33 11.74 24.62
CA CYS A 75 2.28 11.08 25.49
C CYS A 75 2.29 9.59 25.18
N HIS A 76 3.48 9.03 25.09
CA HIS A 76 3.66 7.59 25.06
C HIS A 76 4.41 7.24 26.33
N CYS A 77 3.82 6.39 27.14
CA CYS A 77 4.39 6.12 28.45
C CYS A 77 5.31 4.92 28.38
N ASN A 78 6.40 4.97 29.14
CA ASN A 78 7.36 3.88 29.18
C ASN A 78 6.84 2.73 30.03
N GLY A 79 7.20 1.52 29.64
CA GLY A 79 6.92 0.34 30.45
C GLY A 79 5.47 0.19 30.85
N ASN A 80 5.23 0.15 32.15
CA ASN A 80 3.88 -0.03 32.68
C ASN A 80 3.36 1.26 33.30
N PHE A 81 3.97 2.38 32.97
CA PHE A 81 3.37 3.67 33.21
C PHE A 81 2.26 3.91 32.20
N SER A 82 1.35 4.81 32.54
CA SER A 82 0.20 5.06 31.70
C SER A 82 -0.38 6.41 32.08
N GLY A 83 -1.43 6.82 31.38
CA GLY A 83 -2.12 8.04 31.70
C GLY A 83 -1.74 9.18 30.77
N HIS A 84 -2.58 10.22 30.77
CA HIS A 84 -2.40 11.34 29.84
C HIS A 84 -1.01 11.97 29.95
N ASN A 85 -0.43 12.02 31.15
CA ASN A 85 0.91 12.56 31.35
C ASN A 85 1.86 11.55 31.96
N CYS A 86 1.53 10.26 31.82
CA CYS A 86 2.35 9.14 32.28
C CYS A 86 2.53 9.12 33.79
N GLY A 87 1.63 9.77 34.53
CA GLY A 87 1.70 9.83 35.97
C GLY A 87 0.96 8.73 36.70
N THR A 88 0.39 7.75 36.00
CA THR A 88 -0.28 6.64 36.66
C THR A 88 0.19 5.32 36.04
N CYS A 89 -0.50 4.21 36.28
CA CYS A 89 -0.04 2.89 35.81
C CYS A 89 -1.02 2.25 34.85
N ARG A 90 -0.49 1.35 34.03
CA ARG A 90 -1.33 0.50 33.19
C ARG A 90 -2.27 -0.34 34.05
N PRO A 91 -3.42 -0.76 33.48
CA PRO A 91 -4.37 -1.58 34.22
C PRO A 91 -3.71 -2.84 34.79
N GLY A 92 -3.95 -3.09 36.07
CA GLY A 92 -3.36 -4.24 36.71
C GLY A 92 -2.06 -3.96 37.44
N TRP A 93 -1.66 -2.70 37.56
CA TRP A 93 -0.39 -2.35 38.18
C TRP A 93 -0.57 -1.12 39.06
N ARG A 94 0.20 -1.07 40.13
CA ARG A 94 0.15 0.07 41.05
C ARG A 94 1.53 0.33 41.60
N GLY A 95 1.68 1.47 42.25
CA GLY A 95 2.92 1.87 42.89
C GLY A 95 3.59 2.99 42.11
N ALA A 96 4.43 3.73 42.84
CA ALA A 96 5.17 4.82 42.17
C ALA A 96 6.00 4.30 40.99
N ALA A 97 6.42 3.04 41.03
CA ALA A 97 7.13 2.43 39.92
C ALA A 97 6.26 1.50 39.10
N CYS A 98 4.95 1.45 39.39
CA CYS A 98 4.02 0.62 38.61
C CYS A 98 4.50 -0.82 38.54
N ASP A 99 4.97 -1.37 39.67
CA ASP A 99 5.52 -2.72 39.69
C ASP A 99 4.84 -3.61 40.72
N GLN A 100 3.74 -3.18 41.33
CA GLN A 100 2.96 -4.02 42.23
C GLN A 100 1.67 -4.44 41.54
N ARG A 101 1.54 -5.74 41.25
CA ARG A 101 0.36 -6.23 40.54
C ARG A 101 -0.89 -6.12 41.40
N VAL A 102 -2.02 -5.85 40.75
CA VAL A 102 -3.35 -5.89 41.36
C VAL A 102 -4.26 -6.74 40.48
N LEU A 103 -5.24 -7.37 41.11
CA LEU A 103 -6.27 -8.11 40.37
C LEU A 103 -7.60 -7.91 41.09
N ILE A 104 -8.51 -7.14 40.50
CA ILE A 104 -9.81 -6.96 41.13
C ILE A 104 -10.81 -7.94 40.52
N VAL A 105 -11.89 -8.18 41.26
CA VAL A 105 -12.88 -9.20 40.93
C VAL A 105 -14.23 -8.52 40.72
N ARG A 106 -14.80 -8.68 39.53
CA ARG A 106 -16.13 -8.18 39.24
C ARG A 106 -17.13 -9.29 39.52
N ARG A 107 -18.10 -9.00 40.38
CA ARG A 107 -19.00 -10.01 40.91
C ARG A 107 -20.44 -9.74 40.52
N ASN A 108 -21.26 -10.79 40.61
CA ASN A 108 -22.69 -10.64 40.42
C ASN A 108 -23.27 -9.69 41.46
N LEU A 109 -24.00 -8.67 41.00
CA LEU A 109 -24.49 -7.66 41.94
C LEU A 109 -25.37 -8.29 43.03
N LEU A 110 -26.11 -9.34 42.70
CA LEU A 110 -27.00 -9.96 43.65
C LEU A 110 -26.26 -10.76 44.72
N ASP A 111 -25.00 -11.15 44.48
CA ASP A 111 -24.19 -11.93 45.41
C ASP A 111 -23.43 -11.08 46.42
N LEU A 112 -23.50 -9.76 46.30
CA LEU A 112 -22.76 -8.89 47.20
C LEU A 112 -23.48 -8.79 48.54
N SER A 113 -22.74 -8.46 49.59
CA SER A 113 -23.35 -8.29 50.91
C SER A 113 -24.22 -7.06 50.92
N LYS A 114 -25.00 -6.92 51.99
CA LYS A 114 -25.86 -5.75 52.15
C LYS A 114 -25.04 -4.47 52.21
N GLU A 115 -23.88 -4.54 52.85
CA GLU A 115 -22.99 -3.38 52.93
C GLU A 115 -22.36 -3.08 51.56
N GLU A 116 -21.96 -4.13 50.83
CA GLU A 116 -21.33 -3.94 49.52
C GLU A 116 -22.30 -3.34 48.51
N LYS A 117 -23.58 -3.78 48.54
CA LYS A 117 -24.60 -3.20 47.69
C LYS A 117 -24.78 -1.72 47.99
N ASN A 118 -24.90 -1.37 49.26
CA ASN A 118 -25.08 0.03 49.63
C ASN A 118 -23.86 0.87 49.24
N HIS A 119 -22.67 0.30 49.40
CA HIS A 119 -21.45 1.03 49.02
C HIS A 119 -21.39 1.26 47.51
N PHE A 120 -21.84 0.29 46.71
CA PHE A 120 -21.82 0.48 45.27
C PHE A 120 -22.81 1.55 44.84
N VAL A 121 -24.02 1.54 45.42
CA VAL A 121 -25.06 2.51 45.03
C VAL A 121 -24.63 3.92 45.39
N ARG A 122 -24.00 4.11 46.53
CA ARG A 122 -23.57 5.46 46.87
C ARG A 122 -22.31 5.88 46.12
N ALA A 123 -21.47 4.91 45.71
CA ALA A 123 -20.33 5.28 44.87
C ALA A 123 -20.80 5.80 43.53
N LEU A 124 -21.78 5.13 42.93
CA LEU A 124 -22.37 5.60 41.68
C LEU A 124 -22.95 6.99 41.85
N ASP A 125 -23.75 7.16 42.91
CA ASP A 125 -24.36 8.45 43.15
C ASP A 125 -23.29 9.49 43.42
N MET A 126 -22.20 9.11 44.09
CA MET A 126 -21.11 10.06 44.25
C MET A 126 -20.47 10.45 42.91
N ALA A 127 -20.26 9.47 42.01
CA ALA A 127 -19.67 9.75 40.70
C ALA A 127 -20.57 10.62 39.84
N LYS A 128 -21.89 10.52 40.03
CA LYS A 128 -22.82 11.37 39.29
C LYS A 128 -22.66 12.84 39.67
N ARG A 129 -22.24 13.11 40.91
CA ARG A 129 -22.18 14.45 41.47
C ARG A 129 -20.79 15.07 41.44
N THR A 130 -19.73 14.25 41.35
CA THR A 130 -18.36 14.71 41.53
C THR A 130 -17.74 15.10 40.19
N THR A 131 -17.22 16.32 40.09
CA THR A 131 -16.54 16.78 38.88
C THR A 131 -15.37 15.87 38.51
N HIS A 132 -15.24 15.56 37.24
CA HIS A 132 -14.11 14.76 36.78
C HIS A 132 -12.84 15.57 36.96
N PRO A 133 -11.85 15.07 37.71
CA PRO A 133 -10.64 15.87 37.94
C PRO A 133 -9.80 16.07 36.70
N LEU A 134 -9.93 15.22 35.69
CA LEU A 134 -9.04 15.26 34.54
C LEU A 134 -9.72 15.76 33.27
N PHE A 135 -10.84 15.18 32.86
CA PHE A 135 -11.36 15.47 31.53
C PHE A 135 -12.37 16.60 31.54
N VAL A 136 -12.38 17.37 30.46
CA VAL A 136 -13.45 18.32 30.13
C VAL A 136 -14.01 17.95 28.77
N ILE A 137 -15.27 18.27 28.54
CA ILE A 137 -15.95 17.88 27.31
C ILE A 137 -16.18 19.11 26.44
N ALA A 138 -16.01 18.93 25.15
CA ALA A 138 -16.30 20.00 24.20
C ALA A 138 -17.81 20.15 24.04
N THR A 139 -18.26 21.39 23.91
CA THR A 139 -19.65 21.70 23.63
C THR A 139 -19.88 22.17 22.20
N ARG A 140 -18.80 22.35 21.44
CA ARG A 140 -18.86 22.74 20.04
C ARG A 140 -17.90 21.85 19.26
N ARG A 141 -18.18 21.71 17.96
CA ARG A 141 -17.29 21.00 17.05
C ARG A 141 -16.02 21.81 16.86
N SER A 142 -15.05 21.23 16.14
CA SER A 142 -13.72 21.82 16.15
C SER A 142 -13.70 23.23 15.57
N GLU A 143 -14.46 23.51 14.48
CA GLU A 143 -14.29 24.84 13.90
C GLU A 143 -14.74 25.93 14.88
N GLU A 144 -15.66 25.61 15.81
CA GLU A 144 -16.07 26.58 16.82
C GLU A 144 -15.50 26.28 18.20
N ILE A 145 -14.42 25.49 18.29
CA ILE A 145 -13.94 25.03 19.60
C ILE A 145 -13.35 26.19 20.41
N LEU A 146 -12.81 27.23 19.75
CA LEU A 146 -12.18 28.34 20.46
C LEU A 146 -13.13 29.47 20.76
N GLY A 147 -14.43 29.28 20.53
CA GLY A 147 -15.42 30.23 20.98
C GLY A 147 -15.63 31.40 20.03
N PRO A 148 -16.62 32.24 20.34
CA PRO A 148 -16.91 33.38 19.44
C PRO A 148 -15.72 34.32 19.21
N ASP A 149 -15.02 34.73 20.26
CA ASP A 149 -13.88 35.62 20.11
C ASP A 149 -12.59 34.88 19.74
N GLY A 150 -12.66 33.56 19.49
CA GLY A 150 -11.49 32.80 19.13
C GLY A 150 -10.50 32.62 20.26
N ASN A 151 -10.88 32.99 21.49
CA ASN A 151 -9.99 32.90 22.63
C ASN A 151 -10.70 32.32 23.86
N THR A 152 -11.84 31.65 23.67
CA THR A 152 -12.61 31.05 24.76
C THR A 152 -12.88 29.59 24.42
N PRO A 153 -12.04 28.66 24.88
CA PRO A 153 -12.25 27.25 24.53
C PRO A 153 -13.61 26.77 25.02
N GLN A 154 -14.32 26.04 24.15
CA GLN A 154 -15.71 25.68 24.43
C GLN A 154 -15.77 24.32 25.13
N PHE A 155 -15.16 24.27 26.31
CA PHE A 155 -15.14 23.06 27.10
C PHE A 155 -15.84 23.32 28.42
N GLU A 156 -16.46 22.30 28.96
CA GLU A 156 -17.13 22.43 30.24
C GLU A 156 -16.65 21.32 31.15
N ASN A 157 -16.65 21.59 32.44
CA ASN A 157 -16.50 20.51 33.38
C ASN A 157 -17.74 19.64 33.38
N ILE A 158 -17.54 18.41 33.87
CA ILE A 158 -18.57 17.40 33.82
C ILE A 158 -18.27 16.38 34.91
N SER A 159 -19.33 15.79 35.46
CA SER A 159 -19.07 14.85 36.55
C SER A 159 -18.49 13.55 35.98
N ILE A 160 -17.94 12.73 36.90
CA ILE A 160 -17.31 11.47 36.50
C ILE A 160 -18.31 10.58 35.76
N TYR A 161 -19.55 10.48 36.26
CA TYR A 161 -20.50 9.62 35.57
C TYR A 161 -21.07 10.26 34.30
N ASN A 162 -21.28 11.58 34.28
CA ASN A 162 -21.77 12.20 33.04
C ASN A 162 -20.73 12.15 31.93
N TYR A 163 -19.43 12.17 32.26
CA TYR A 163 -18.41 11.95 31.23
C TYR A 163 -18.55 10.55 30.60
N PHE A 164 -18.89 9.55 31.42
CA PHE A 164 -19.18 8.21 30.92
C PHE A 164 -20.37 8.23 29.94
N VAL A 165 -21.41 8.99 30.28
CA VAL A 165 -22.56 9.12 29.39
C VAL A 165 -22.17 9.83 28.11
N TRP A 166 -21.36 10.88 28.25
CA TRP A 166 -21.02 11.79 27.14
C TRP A 166 -20.15 11.12 26.09
N THR A 167 -19.13 10.34 26.49
CA THR A 167 -18.28 9.71 25.49
C THR A 167 -19.10 8.73 24.65
N HIS A 168 -20.05 8.02 25.26
CA HIS A 168 -20.91 7.10 24.52
C HIS A 168 -21.77 7.88 23.54
N TYR A 169 -22.36 8.99 24.01
CA TYR A 169 -23.18 9.82 23.12
C TYR A 169 -22.35 10.30 21.95
N TYR A 170 -21.14 10.78 22.22
CA TYR A 170 -20.28 11.31 21.16
C TYR A 170 -19.90 10.23 20.16
N SER A 171 -19.81 8.97 20.61
CA SER A 171 -19.44 7.94 19.67
C SER A 171 -20.61 7.56 18.76
N VAL A 172 -21.85 7.88 19.14
CA VAL A 172 -23.00 7.50 18.32
C VAL A 172 -23.67 8.65 17.62
N LYS A 173 -23.31 9.91 17.93
CA LYS A 173 -24.02 11.06 17.40
C LYS A 173 -23.94 11.09 15.88
N LYS A 174 -24.90 11.77 15.26
CA LYS A 174 -24.93 11.83 13.82
C LYS A 174 -23.91 12.83 13.26
N THR A 175 -23.44 12.57 12.05
CA THR A 175 -22.55 13.52 11.41
C THR A 175 -23.35 14.76 11.04
N PHE A 176 -23.00 15.91 11.61
CA PHE A 176 -23.64 17.18 11.28
C PHE A 176 -23.13 17.69 9.94
N LEU A 177 -24.03 17.96 9.00
CA LEU A 177 -23.65 18.40 7.64
C LEU A 177 -23.87 19.88 7.39
N GLY A 178 -24.60 20.57 8.24
CA GLY A 178 -24.80 22.01 8.13
C GLY A 178 -26.23 22.39 8.43
N VAL A 179 -26.42 23.62 8.93
CA VAL A 179 -27.76 24.12 9.20
C VAL A 179 -28.59 24.07 7.92
N GLY A 180 -29.82 23.58 8.04
CA GLY A 180 -30.67 23.36 6.90
C GLY A 180 -30.50 22.00 6.25
N GLN A 181 -29.39 21.32 6.49
CA GLN A 181 -29.16 19.99 5.97
C GLN A 181 -29.48 18.90 6.99
N GLU A 182 -29.75 17.72 6.46
CA GLU A 182 -30.09 16.58 7.28
C GLU A 182 -28.83 15.87 7.77
N SER A 183 -28.74 15.63 9.08
CA SER A 183 -27.56 14.97 9.62
C SER A 183 -27.52 13.52 9.14
N PHE A 184 -26.30 13.02 8.93
CA PHE A 184 -26.10 11.66 8.43
C PHE A 184 -26.02 10.70 9.60
N GLY A 185 -26.82 9.64 9.55
CA GLY A 185 -27.00 8.78 10.71
C GLY A 185 -26.54 7.34 10.57
N GLU A 186 -26.08 6.93 9.39
CA GLU A 186 -25.61 5.56 9.19
C GLU A 186 -24.12 5.45 9.52
N VAL A 187 -23.81 5.85 10.75
CA VAL A 187 -22.44 5.86 11.26
C VAL A 187 -22.52 5.61 12.76
N ASP A 188 -21.61 4.81 13.30
CA ASP A 188 -21.66 4.49 14.72
C ASP A 188 -20.29 3.98 15.13
N PHE A 189 -19.56 4.75 15.92
CA PHE A 189 -18.18 4.38 16.21
C PHE A 189 -18.04 3.30 17.29
N SER A 190 -19.14 2.86 17.93
CA SER A 190 -19.06 1.90 19.03
C SER A 190 -20.07 0.77 18.95
N HIS A 191 -20.92 0.73 17.92
CA HIS A 191 -21.91 -0.32 17.75
C HIS A 191 -21.96 -0.73 16.29
N GLU A 192 -22.62 -1.84 16.02
CA GLU A 192 -22.85 -2.33 14.67
C GLU A 192 -21.52 -2.47 13.93
N GLY A 193 -20.58 -3.16 14.57
CA GLY A 193 -19.27 -3.34 13.99
C GLY A 193 -18.32 -4.00 14.96
N PRO A 194 -17.17 -4.45 14.46
CA PRO A 194 -16.27 -5.25 15.30
C PRO A 194 -15.86 -4.58 16.58
N ALA A 195 -15.83 -3.25 16.64
CA ALA A 195 -15.34 -2.54 17.82
C ALA A 195 -16.34 -2.48 18.97
N PHE A 196 -17.54 -3.04 18.80
CA PHE A 196 -18.57 -2.96 19.85
C PHE A 196 -18.03 -3.47 21.19
N LEU A 197 -17.35 -4.63 21.17
CA LEU A 197 -16.95 -5.23 22.44
C LEU A 197 -15.74 -4.54 23.05
N THR A 198 -14.74 -4.22 22.23
CA THR A 198 -13.54 -3.56 22.74
C THR A 198 -13.85 -2.12 23.18
N TRP A 199 -14.72 -1.43 22.45
CA TRP A 199 -15.09 -0.06 22.85
C TRP A 199 -15.72 -0.05 24.25
N HIS A 200 -16.73 -0.90 24.46
CA HIS A 200 -17.43 -0.90 25.75
C HIS A 200 -16.54 -1.45 26.85
N ARG A 201 -15.57 -2.30 26.49
CA ARG A 201 -14.60 -2.76 27.47
C ARG A 201 -13.78 -1.58 28.00
N TYR A 202 -13.27 -0.73 27.10
CA TYR A 202 -12.50 0.40 27.61
C TYR A 202 -13.39 1.37 28.37
N HIS A 203 -14.61 1.61 27.86
CA HIS A 203 -15.62 2.43 28.52
C HIS A 203 -15.77 2.04 30.00
N LEU A 204 -15.95 0.75 30.28
CA LEU A 204 -16.06 0.31 31.68
C LEU A 204 -14.75 0.52 32.43
N LEU A 205 -13.62 0.22 31.79
CA LEU A 205 -12.32 0.35 32.45
C LEU A 205 -12.05 1.78 32.89
N ARG A 206 -12.42 2.75 32.06
CA ARG A 206 -12.23 4.16 32.40
C ARG A 206 -13.09 4.55 33.60
N LEU A 207 -14.37 4.14 33.62
CA LEU A 207 -15.26 4.45 34.73
C LEU A 207 -14.80 3.78 36.02
N GLU A 208 -14.42 2.50 35.95
CA GLU A 208 -13.92 1.81 37.15
C GLU A 208 -12.69 2.51 37.72
N LYS A 209 -11.78 2.92 36.85
CA LYS A 209 -10.58 3.61 37.30
C LYS A 209 -10.93 4.95 37.94
N ASP A 210 -11.80 5.72 37.30
CA ASP A 210 -12.22 7.01 37.84
C ASP A 210 -12.88 6.84 39.20
N MET A 211 -13.66 5.78 39.38
CA MET A 211 -14.32 5.60 40.66
C MET A 211 -13.36 5.10 41.72
N GLN A 212 -12.34 4.32 41.33
CA GLN A 212 -11.31 3.91 42.29
C GLN A 212 -10.61 5.11 42.93
N GLU A 213 -10.20 6.09 42.11
CA GLU A 213 -9.55 7.28 42.65
C GLU A 213 -10.53 8.22 43.35
N MET A 214 -11.75 8.33 42.83
CA MET A 214 -12.75 9.14 43.50
C MET A 214 -12.98 8.64 44.93
N LEU A 215 -13.04 7.31 45.09
CA LEU A 215 -13.21 6.69 46.38
C LEU A 215 -11.89 6.47 47.12
N GLN A 216 -10.76 6.66 46.43
CA GLN A 216 -9.45 6.25 46.94
C GLN A 216 -9.50 4.81 47.46
N GLU A 217 -10.13 3.95 46.67
CA GLU A 217 -10.26 2.52 46.95
C GLU A 217 -9.71 1.78 45.73
N PRO A 218 -8.44 1.39 45.74
CA PRO A 218 -7.85 0.75 44.56
C PRO A 218 -8.55 -0.54 44.15
N SER A 219 -9.18 -1.25 45.09
CA SER A 219 -9.79 -2.54 44.78
C SER A 219 -11.27 -2.41 44.38
N PHE A 220 -11.85 -1.21 44.41
CA PHE A 220 -13.24 -1.05 43.98
C PHE A 220 -13.40 -1.60 42.56
N SER A 221 -14.46 -2.37 42.36
CA SER A 221 -14.72 -3.00 41.07
C SER A 221 -16.20 -2.84 40.74
N LEU A 222 -16.52 -2.86 39.44
CA LEU A 222 -17.89 -2.74 38.98
C LEU A 222 -18.55 -4.12 38.98
N PRO A 223 -19.70 -4.30 39.63
CA PRO A 223 -20.40 -5.60 39.54
C PRO A 223 -21.08 -5.80 38.19
N TYR A 224 -21.73 -6.95 37.98
CA TYR A 224 -22.47 -7.20 36.75
C TYR A 224 -23.88 -7.66 37.07
N TRP A 225 -24.74 -7.54 36.07
CA TRP A 225 -26.13 -7.98 36.11
C TRP A 225 -26.28 -9.14 35.13
N ASN A 226 -26.56 -10.32 35.65
CA ASN A 226 -26.89 -11.43 34.76
C ASN A 226 -28.31 -11.23 34.23
N PHE A 227 -28.43 -10.65 33.04
CA PHE A 227 -29.74 -10.43 32.47
C PHE A 227 -30.27 -11.62 31.68
N ALA A 228 -29.51 -12.70 31.58
CA ALA A 228 -29.91 -13.87 30.79
C ALA A 228 -30.59 -14.92 31.67
N THR A 229 -31.68 -14.49 32.30
CA THR A 229 -32.46 -15.34 33.18
C THR A 229 -33.81 -15.74 32.60
N GLY A 230 -34.16 -15.23 31.44
CA GLY A 230 -35.48 -15.49 30.90
C GLY A 230 -36.62 -14.87 31.68
N LYS A 231 -36.34 -13.93 32.58
CA LYS A 231 -37.34 -13.39 33.48
C LYS A 231 -38.17 -12.32 32.77
N ASN A 232 -39.36 -12.11 33.35
CA ASN A 232 -40.40 -11.13 33.03
C ASN A 232 -40.17 -9.78 33.69
N VAL A 233 -39.27 -9.72 34.67
CA VAL A 233 -39.06 -8.56 35.51
C VAL A 233 -37.57 -8.33 35.63
N CYS A 234 -37.20 -7.11 36.02
CA CYS A 234 -35.81 -6.74 36.22
C CYS A 234 -35.46 -7.02 37.68
N ASP A 235 -34.73 -8.12 37.92
CA ASP A 235 -34.44 -8.52 39.30
C ASP A 235 -33.43 -7.65 40.00
N ILE A 236 -32.85 -6.64 39.35
CA ILE A 236 -32.03 -5.68 40.08
C ILE A 236 -32.75 -4.36 40.24
N CYS A 237 -34.01 -4.28 39.85
CA CYS A 237 -34.75 -3.05 40.03
C CYS A 237 -35.47 -3.09 41.39
N THR A 238 -34.66 -3.04 42.46
CA THR A 238 -35.13 -2.94 43.84
C THR A 238 -34.49 -1.72 44.49
N ASP A 239 -35.10 -1.24 45.58
CA ASP A 239 -34.66 0.04 46.16
C ASP A 239 -33.35 -0.06 46.92
N ASP A 240 -32.81 -1.25 47.16
CA ASP A 240 -31.43 -1.32 47.61
C ASP A 240 -30.44 -1.41 46.44
N LEU A 241 -30.92 -1.45 45.19
CA LEU A 241 -30.05 -1.55 44.01
C LEU A 241 -30.74 -0.98 42.77
N MET A 242 -30.34 0.17 42.27
CA MET A 242 -30.81 0.58 40.92
C MET A 242 -32.26 1.05 40.87
N GLY A 243 -33.06 0.76 41.91
CA GLY A 243 -34.36 1.40 42.09
C GLY A 243 -35.54 0.66 41.51
N SER A 244 -36.62 0.57 42.28
CA SER A 244 -37.79 -0.12 41.77
C SER A 244 -38.72 0.88 41.10
N ARG A 245 -39.83 0.36 40.61
CA ARG A 245 -40.81 1.18 39.89
C ARG A 245 -41.53 2.11 40.83
N SER A 246 -41.71 3.35 40.42
CA SER A 246 -42.43 4.32 41.23
C SER A 246 -43.92 3.96 41.27
N ASN A 247 -44.50 4.04 42.46
CA ASN A 247 -45.93 3.78 42.60
C ASN A 247 -46.80 4.92 42.13
N PHE A 248 -46.22 6.07 41.82
CA PHE A 248 -46.94 7.24 41.34
C PHE A 248 -46.81 7.47 39.83
N ASP A 249 -45.81 6.84 39.19
CA ASP A 249 -45.62 6.94 37.74
C ASP A 249 -44.87 5.68 37.33
N SER A 250 -45.56 4.76 36.65
CA SER A 250 -44.96 3.47 36.37
C SER A 250 -43.75 3.54 35.44
N THR A 251 -43.46 4.71 34.85
CA THR A 251 -42.29 4.90 34.00
C THR A 251 -41.15 5.62 34.71
N LEU A 252 -41.33 5.98 35.98
CA LEU A 252 -40.31 6.62 36.77
C LEU A 252 -39.75 5.64 37.79
N ILE A 253 -38.66 6.04 38.42
CA ILE A 253 -37.99 5.26 39.45
C ILE A 253 -38.54 5.64 40.82
N SER A 254 -38.63 4.64 41.69
CA SER A 254 -39.13 4.80 43.05
C SER A 254 -38.43 5.96 43.76
N PRO A 255 -39.17 6.87 44.40
CA PRO A 255 -38.55 7.93 45.20
C PRO A 255 -37.75 7.44 46.38
N ASN A 256 -37.84 6.16 46.74
CA ASN A 256 -37.01 5.63 47.82
C ASN A 256 -35.63 5.19 47.33
N SER A 257 -35.28 5.49 46.09
CA SER A 257 -33.95 5.25 45.51
C SER A 257 -33.32 6.56 45.08
N VAL A 258 -32.01 6.71 45.34
CA VAL A 258 -31.31 7.92 44.88
C VAL A 258 -31.35 8.08 43.37
N PHE A 259 -31.54 6.99 42.63
CA PHE A 259 -31.51 7.13 41.18
C PHE A 259 -32.74 7.87 40.64
N SER A 260 -33.81 7.99 41.46
CA SER A 260 -34.93 8.83 41.07
C SER A 260 -34.55 10.30 41.05
N GLN A 261 -33.46 10.66 41.73
CA GLN A 261 -32.98 12.04 41.77
C GLN A 261 -32.07 12.38 40.59
N TRP A 262 -31.57 11.38 39.86
CA TRP A 262 -30.68 11.66 38.74
C TRP A 262 -31.40 12.40 37.63
N ARG A 263 -30.67 13.31 36.96
CA ARG A 263 -31.14 14.02 35.79
C ARG A 263 -30.18 13.79 34.61
N VAL A 264 -30.73 13.54 33.43
CA VAL A 264 -29.96 12.96 32.32
C VAL A 264 -29.26 14.07 31.53
N VAL A 265 -28.19 13.68 30.82
CA VAL A 265 -27.51 14.57 29.88
C VAL A 265 -27.69 14.04 28.47
N CYS A 266 -27.52 14.94 27.49
CA CYS A 266 -27.48 14.63 26.06
C CYS A 266 -28.86 14.32 25.46
N ASP A 267 -29.95 14.82 26.05
CA ASP A 267 -31.29 14.57 25.58
C ASP A 267 -31.86 15.72 24.74
N SER A 268 -31.01 16.45 24.01
CA SER A 268 -31.51 17.52 23.16
C SER A 268 -31.09 17.32 21.71
N LEU A 269 -31.46 16.17 21.12
CA LEU A 269 -31.05 15.89 19.74
C LEU A 269 -31.59 16.94 18.79
N GLU A 270 -32.79 17.46 19.04
CA GLU A 270 -33.36 18.53 18.23
C GLU A 270 -32.38 19.68 18.08
N ASP A 271 -31.69 20.03 19.17
CA ASP A 271 -30.73 21.13 19.12
C ASP A 271 -29.41 20.74 18.47
N TYR A 272 -28.85 19.57 18.85
CA TYR A 272 -27.53 19.18 18.37
C TYR A 272 -27.53 18.96 16.86
N ASP A 273 -28.53 18.25 16.35
CA ASP A 273 -28.55 17.86 14.95
C ASP A 273 -29.13 18.95 14.04
N THR A 274 -29.55 20.11 14.56
CA THR A 274 -29.98 21.20 13.69
C THR A 274 -29.15 22.46 13.83
N LEU A 275 -28.53 22.72 14.98
CA LEU A 275 -27.66 23.88 15.13
C LEU A 275 -26.17 23.53 15.11
N GLY A 276 -25.82 22.24 15.13
CA GLY A 276 -24.43 21.85 15.07
C GLY A 276 -23.65 21.90 16.36
N THR A 277 -24.32 21.99 17.51
CA THR A 277 -23.67 21.97 18.81
C THR A 277 -23.52 20.53 19.31
N LEU A 278 -22.87 20.36 20.47
CA LEU A 278 -22.73 19.07 21.13
C LEU A 278 -23.40 19.07 22.50
N CYS A 279 -23.74 17.87 22.95
CA CYS A 279 -24.23 17.66 24.31
C CYS A 279 -23.30 18.35 25.29
N ASN A 280 -23.87 19.07 26.24
CA ASN A 280 -23.08 19.74 27.26
C ASN A 280 -23.42 19.14 28.63
N SER A 281 -22.86 19.75 29.68
CA SER A 281 -22.98 19.18 31.00
C SER A 281 -24.26 19.58 31.73
N THR A 282 -25.18 20.30 31.08
CA THR A 282 -26.43 20.69 31.74
C THR A 282 -27.40 19.53 31.69
N GLU A 283 -27.89 19.11 32.86
CA GLU A 283 -28.82 18.00 33.00
C GLU A 283 -30.26 18.45 32.78
N ASP A 284 -31.12 17.49 32.44
CA ASP A 284 -32.48 17.81 32.05
C ASP A 284 -33.51 16.99 32.82
N GLY A 285 -34.17 16.07 32.15
CA GLY A 285 -35.24 15.34 32.80
C GLY A 285 -34.73 14.16 33.59
N PRO A 286 -35.66 13.40 34.15
CA PRO A 286 -35.30 12.21 34.94
C PRO A 286 -35.10 10.98 34.07
N ILE A 287 -34.58 9.93 34.70
CA ILE A 287 -34.51 8.63 34.03
C ILE A 287 -35.91 8.06 33.86
N ARG A 288 -36.23 7.62 32.65
CA ARG A 288 -37.44 6.85 32.39
C ARG A 288 -37.08 5.38 32.28
N ARG A 289 -37.83 4.52 32.99
CA ARG A 289 -37.58 3.09 32.97
C ARG A 289 -38.90 2.36 33.19
N ASN A 290 -39.17 1.34 32.37
CA ASN A 290 -40.43 0.60 32.42
C ASN A 290 -40.20 -0.85 32.02
N PRO A 291 -39.52 -1.63 32.85
CA PRO A 291 -39.16 -3.00 32.47
C PRO A 291 -40.35 -3.83 32.02
N ALA A 292 -40.17 -4.56 30.92
CA ALA A 292 -41.17 -5.39 30.26
C ALA A 292 -42.37 -4.58 29.75
N GLY A 293 -42.27 -3.26 29.71
CA GLY A 293 -43.42 -2.44 29.42
C GLY A 293 -43.66 -2.07 27.97
N ASN A 294 -42.92 -2.63 27.02
CA ASN A 294 -43.10 -2.27 25.60
C ASN A 294 -44.19 -3.16 25.02
N VAL A 295 -45.44 -2.80 25.31
CA VAL A 295 -46.57 -3.66 24.93
C VAL A 295 -46.70 -3.75 23.42
N ALA A 296 -46.33 -2.69 22.71
CA ALA A 296 -46.38 -2.70 21.25
C ALA A 296 -45.41 -3.67 20.62
N ARG A 297 -44.54 -4.28 21.41
CA ARG A 297 -43.44 -5.07 20.87
C ARG A 297 -43.19 -6.26 21.79
N PRO A 298 -44.05 -7.28 21.71
CA PRO A 298 -43.98 -8.39 22.69
C PRO A 298 -42.65 -9.14 22.72
N MET A 299 -41.85 -9.11 21.64
CA MET A 299 -40.58 -9.83 21.67
C MET A 299 -39.55 -9.18 22.59
N VAL A 300 -39.70 -7.90 22.93
CA VAL A 300 -38.78 -7.26 23.83
C VAL A 300 -39.38 -7.14 25.24
N GLN A 301 -40.38 -7.95 25.57
CA GLN A 301 -40.98 -7.95 26.89
C GLN A 301 -40.45 -9.06 27.78
N ARG A 302 -39.41 -9.78 27.36
CA ARG A 302 -38.81 -10.80 28.20
C ARG A 302 -37.30 -10.86 27.94
N LEU A 303 -36.53 -11.10 28.99
CA LEU A 303 -35.08 -11.08 28.90
C LEU A 303 -34.56 -12.32 28.18
N PRO A 304 -33.30 -12.32 27.76
CA PRO A 304 -32.73 -13.52 27.12
C PRO A 304 -32.75 -14.72 28.05
N GLU A 305 -32.81 -15.91 27.46
CA GLU A 305 -32.78 -17.15 28.22
C GLU A 305 -31.34 -17.56 28.52
N PRO A 306 -31.12 -18.32 29.58
CA PRO A 306 -29.76 -18.80 29.87
C PRO A 306 -29.10 -19.50 28.71
N GLN A 307 -29.87 -20.27 27.94
CA GLN A 307 -29.26 -21.01 26.84
C GLN A 307 -28.84 -20.11 25.70
N ASP A 308 -29.38 -18.88 25.63
CA ASP A 308 -28.92 -17.91 24.63
C ASP A 308 -27.46 -17.56 24.84
N VAL A 309 -27.04 -17.43 26.09
CA VAL A 309 -25.66 -17.15 26.38
C VAL A 309 -24.79 -18.35 26.04
N ALA A 310 -25.25 -19.55 26.37
CA ALA A 310 -24.46 -20.74 26.06
C ALA A 310 -24.31 -20.93 24.56
N GLN A 311 -25.34 -20.57 23.78
CA GLN A 311 -25.24 -20.80 22.35
C GLN A 311 -24.32 -19.79 21.68
N CYS A 312 -24.37 -18.51 22.09
CA CYS A 312 -23.49 -17.53 21.46
C CYS A 312 -22.02 -17.81 21.77
N LEU A 313 -21.73 -18.42 22.91
CA LEU A 313 -20.34 -18.82 23.17
C LEU A 313 -19.88 -20.00 22.31
N GLU A 314 -20.74 -20.58 21.48
CA GLU A 314 -20.33 -21.61 20.55
C GLU A 314 -19.93 -21.02 19.21
N VAL A 315 -20.14 -19.73 19.01
CA VAL A 315 -19.74 -19.03 17.80
C VAL A 315 -18.24 -18.73 17.88
N GLY A 316 -17.46 -19.40 17.03
CA GLY A 316 -16.01 -19.39 17.12
C GLY A 316 -15.28 -18.28 16.41
N LEU A 317 -15.88 -17.66 15.39
CA LEU A 317 -15.27 -16.52 14.71
C LEU A 317 -15.76 -15.22 15.34
N PHE A 318 -14.82 -14.33 15.65
CA PHE A 318 -15.18 -13.10 16.35
C PHE A 318 -16.16 -12.26 15.54
N ASP A 319 -15.87 -12.07 14.25
CA ASP A 319 -16.73 -11.29 13.36
C ASP A 319 -16.58 -11.82 11.94
N THR A 320 -17.58 -11.49 11.11
CA THR A 320 -17.67 -11.96 9.74
C THR A 320 -18.07 -10.82 8.82
N PRO A 321 -17.65 -10.88 7.54
CA PRO A 321 -18.11 -9.88 6.56
C PRO A 321 -19.62 -9.87 6.49
N PRO A 322 -20.22 -8.69 6.30
CA PRO A 322 -19.54 -7.40 6.11
C PRO A 322 -19.23 -6.65 7.42
N PHE A 323 -19.05 -7.35 8.54
CA PHE A 323 -18.65 -6.70 9.79
C PHE A 323 -19.66 -5.63 10.21
N TYR A 324 -20.94 -6.00 10.17
CA TYR A 324 -22.00 -5.02 10.38
C TYR A 324 -23.13 -5.69 11.16
N SER A 325 -24.24 -4.98 11.33
CA SER A 325 -25.35 -5.54 12.07
C SER A 325 -26.06 -6.65 11.29
N ASN A 326 -25.66 -6.93 10.06
CA ASN A 326 -26.25 -8.01 9.27
C ASN A 326 -25.31 -9.21 9.08
N SER A 327 -24.16 -9.24 9.79
CA SER A 327 -23.27 -10.39 9.71
C SER A 327 -23.92 -11.66 10.26
N THR A 328 -23.57 -12.80 9.67
CA THR A 328 -24.03 -14.09 10.11
C THR A 328 -22.84 -14.84 10.74
N ASN A 329 -23.14 -15.68 11.74
CA ASN A 329 -22.14 -16.49 12.43
C ASN A 329 -21.00 -15.66 13.03
N SER A 330 -21.31 -14.43 13.42
CA SER A 330 -20.35 -13.54 14.05
C SER A 330 -20.62 -13.51 15.56
N PHE A 331 -19.62 -13.89 16.35
CA PHE A 331 -19.80 -13.84 17.81
C PHE A 331 -20.13 -12.42 18.25
N ARG A 332 -19.40 -11.44 17.72
CA ARG A 332 -19.66 -10.04 18.02
C ARG A 332 -21.10 -9.65 17.69
N ASN A 333 -21.58 -10.01 16.49
CA ASN A 333 -22.95 -9.65 16.12
C ASN A 333 -23.99 -10.43 16.90
N THR A 334 -23.63 -11.65 17.35
CA THR A 334 -24.56 -12.48 18.10
C THR A 334 -24.75 -11.95 19.51
N VAL A 335 -23.64 -11.68 20.21
CA VAL A 335 -23.75 -11.17 21.57
C VAL A 335 -24.26 -9.73 21.58
N GLU A 336 -23.94 -8.94 20.53
CA GLU A 336 -24.53 -7.60 20.45
C GLU A 336 -26.05 -7.68 20.33
N GLY A 337 -26.53 -8.67 19.56
CA GLY A 337 -27.94 -9.01 19.57
C GLY A 337 -28.68 -8.81 18.27
N PHE A 338 -27.96 -8.54 17.18
CA PHE A 338 -28.63 -8.40 15.89
C PHE A 338 -28.92 -9.74 15.22
N SER A 339 -28.17 -10.80 15.56
CA SER A 339 -28.48 -12.15 15.14
C SER A 339 -28.97 -12.94 16.35
N ASP A 340 -29.63 -14.08 16.07
CA ASP A 340 -30.10 -14.92 17.16
C ASP A 340 -28.91 -15.63 17.79
N PRO A 341 -29.08 -16.24 18.96
CA PRO A 341 -27.93 -16.81 19.68
C PRO A 341 -27.13 -17.87 18.92
N THR A 342 -27.65 -18.43 17.82
CA THR A 342 -26.89 -19.36 17.02
C THR A 342 -26.07 -18.67 15.92
N GLY A 343 -26.26 -17.36 15.73
CA GLY A 343 -25.57 -16.65 14.68
C GLY A 343 -26.41 -16.34 13.47
N LYS A 344 -27.66 -16.80 13.43
CA LYS A 344 -28.53 -16.60 12.28
C LYS A 344 -29.07 -15.18 12.29
N TYR A 345 -28.78 -14.43 11.22
CA TYR A 345 -29.29 -13.07 11.12
C TYR A 345 -30.76 -13.07 10.71
N ASP A 346 -31.51 -12.11 11.28
CA ASP A 346 -32.92 -11.90 10.98
C ASP A 346 -33.24 -10.47 11.36
N PRO A 347 -33.65 -9.62 10.40
CA PRO A 347 -33.84 -8.20 10.73
C PRO A 347 -34.87 -7.94 11.82
N ALA A 348 -35.70 -8.93 12.14
CA ALA A 348 -36.69 -8.82 13.21
C ALA A 348 -36.17 -9.32 14.55
N VAL A 349 -34.94 -9.78 14.63
CA VAL A 349 -34.40 -10.36 15.85
C VAL A 349 -33.88 -9.26 16.78
N SER A 350 -34.17 -9.40 18.06
CA SER A 350 -33.46 -8.68 19.14
C SER A 350 -33.12 -9.70 20.20
N SER A 351 -31.82 -9.93 20.40
CA SER A 351 -31.33 -10.90 21.36
C SER A 351 -30.30 -10.27 22.28
N LEU A 352 -29.95 -11.03 23.33
CA LEU A 352 -28.88 -10.72 24.27
C LEU A 352 -28.77 -9.23 24.57
N HIS A 353 -27.62 -8.61 24.28
CA HIS A 353 -27.36 -7.22 24.66
C HIS A 353 -28.43 -6.28 24.14
N ASN A 354 -28.77 -6.38 22.85
CA ASN A 354 -29.78 -5.48 22.31
C ASN A 354 -31.13 -5.70 23.01
N LEU A 355 -31.48 -6.96 23.29
CA LEU A 355 -32.74 -7.26 23.96
C LEU A 355 -32.76 -6.74 25.39
N ALA A 356 -31.66 -6.90 26.11
CA ALA A 356 -31.62 -6.39 27.48
C ALA A 356 -31.84 -4.88 27.49
N HIS A 357 -31.27 -4.17 26.52
CA HIS A 357 -31.50 -2.74 26.40
C HIS A 357 -32.98 -2.46 26.15
N LEU A 358 -33.59 -3.13 25.16
CA LEU A 358 -34.98 -2.85 24.81
C LEU A 358 -35.93 -3.28 25.92
N PHE A 359 -35.57 -4.29 26.71
CA PHE A 359 -36.41 -4.72 27.83
C PHE A 359 -36.69 -3.57 28.78
N LEU A 360 -35.75 -2.62 28.91
CA LEU A 360 -35.97 -1.54 29.86
C LEU A 360 -37.04 -0.54 29.38
N ASN A 361 -37.31 -0.49 28.08
CA ASN A 361 -38.38 0.35 27.53
C ASN A 361 -38.34 1.75 28.14
N GLY A 362 -37.22 2.42 27.90
CA GLY A 362 -37.01 3.73 28.48
C GLY A 362 -35.67 4.33 28.15
N THR A 363 -35.18 5.19 29.05
CA THR A 363 -33.90 5.86 28.83
C THR A 363 -32.78 4.87 28.54
N GLY A 364 -32.72 3.79 29.32
CA GLY A 364 -31.67 2.78 29.11
C GLY A 364 -31.80 2.00 27.82
N GLY A 365 -32.88 2.21 27.07
CA GLY A 365 -33.07 1.51 25.82
C GLY A 365 -33.16 2.45 24.64
N GLN A 366 -32.63 3.65 24.79
CA GLN A 366 -32.56 4.64 23.73
C GLN A 366 -31.10 4.91 23.38
N VAL A 367 -30.78 4.87 22.09
CA VAL A 367 -29.38 4.82 21.64
C VAL A 367 -28.61 6.08 22.05
N HIS A 368 -29.27 7.24 22.10
CA HIS A 368 -28.56 8.45 22.47
C HIS A 368 -28.53 8.70 23.98
N LEU A 369 -29.24 7.90 24.77
CA LEU A 369 -29.31 8.15 26.21
C LEU A 369 -28.91 6.99 27.11
N SER A 370 -28.73 5.76 26.57
CA SER A 370 -28.77 4.57 27.42
C SER A 370 -27.86 4.62 28.64
N PRO A 371 -26.62 5.15 28.60
CA PRO A 371 -25.80 5.16 29.83
C PRO A 371 -26.37 6.04 30.93
N ASN A 372 -27.32 6.92 30.64
CA ASN A 372 -27.91 7.70 31.70
C ASN A 372 -28.57 6.81 32.74
N ASP A 373 -29.08 5.65 32.33
CA ASP A 373 -29.61 4.70 33.30
C ASP A 373 -28.46 3.85 33.82
N PRO A 374 -28.14 3.90 35.11
CA PRO A 374 -26.93 3.20 35.60
C PRO A 374 -27.02 1.69 35.45
N ILE A 375 -28.19 1.12 35.15
CA ILE A 375 -28.25 -0.29 34.76
C ILE A 375 -27.32 -0.57 33.58
N PHE A 376 -27.11 0.42 32.70
CA PHE A 376 -26.16 0.30 31.59
C PHE A 376 -24.83 -0.28 32.08
N VAL A 377 -24.33 0.20 33.22
CA VAL A 377 -23.03 -0.25 33.73
C VAL A 377 -23.04 -1.75 33.91
N LEU A 378 -24.07 -2.27 34.58
CA LEU A 378 -24.16 -3.69 34.92
C LEU A 378 -24.50 -4.54 33.71
N LEU A 379 -25.30 -3.99 32.81
CA LEU A 379 -25.58 -4.66 31.55
C LEU A 379 -24.30 -4.89 30.76
N HIS A 380 -23.38 -3.93 30.79
CA HIS A 380 -22.19 -4.07 29.96
C HIS A 380 -21.02 -4.76 30.66
N THR A 381 -20.95 -4.77 32.00
CA THR A 381 -19.96 -5.67 32.60
C THR A 381 -20.31 -7.13 32.33
N PHE A 382 -21.60 -7.47 32.27
CA PHE A 382 -21.99 -8.83 31.93
C PHE A 382 -21.67 -9.15 30.47
N THR A 383 -22.02 -8.23 29.58
CA THR A 383 -21.65 -8.36 28.17
C THR A 383 -20.14 -8.53 28.04
N ASP A 384 -19.36 -7.78 28.86
CA ASP A 384 -17.91 -7.91 28.86
C ASP A 384 -17.46 -9.24 29.45
N ALA A 385 -18.22 -9.79 30.41
CA ALA A 385 -17.89 -11.11 30.95
C ALA A 385 -18.04 -12.17 29.87
N VAL A 386 -19.11 -12.10 29.08
CA VAL A 386 -19.26 -13.04 27.96
C VAL A 386 -18.11 -12.90 26.97
N PHE A 387 -17.70 -11.66 26.68
CA PHE A 387 -16.56 -11.42 25.80
C PHE A 387 -15.28 -12.02 26.38
N ASP A 388 -15.07 -11.85 27.68
CA ASP A 388 -13.85 -12.37 28.30
C ASP A 388 -13.82 -13.89 28.27
N GLU A 389 -14.99 -14.53 28.47
CA GLU A 389 -15.06 -15.99 28.35
C GLU A 389 -14.81 -16.45 26.93
N TRP A 390 -15.28 -15.69 25.95
CA TRP A 390 -14.96 -15.98 24.55
C TRP A 390 -13.46 -15.87 24.30
N LEU A 391 -12.81 -14.84 24.87
CA LEU A 391 -11.37 -14.67 24.68
C LEU A 391 -10.61 -15.85 25.28
N ARG A 392 -11.03 -16.33 26.45
CA ARG A 392 -10.38 -17.50 27.03
C ARG A 392 -10.61 -18.73 26.14
N ARG A 393 -11.84 -18.91 25.66
CA ARG A 393 -12.23 -20.15 24.99
C ARG A 393 -11.54 -20.31 23.64
N TYR A 394 -11.40 -19.21 22.88
CA TYR A 394 -10.87 -19.26 21.53
C TYR A 394 -9.49 -18.62 21.43
N ASN A 395 -8.79 -18.56 22.56
CA ASN A 395 -7.40 -18.12 22.61
C ASN A 395 -7.22 -16.73 21.99
N ALA A 396 -8.18 -15.83 22.32
CA ALA A 396 -8.10 -14.43 21.91
C ALA A 396 -7.71 -14.31 20.45
N ASP A 397 -8.41 -15.07 19.60
CA ASP A 397 -8.10 -15.07 18.17
C ASP A 397 -8.63 -13.80 17.53
N ILE A 398 -7.72 -12.86 17.24
CA ILE A 398 -8.10 -11.56 16.69
C ILE A 398 -8.10 -11.57 15.17
N SER A 399 -7.86 -12.73 14.53
CA SER A 399 -7.62 -12.78 13.09
C SER A 399 -8.83 -12.35 12.28
N THR A 400 -10.05 -12.56 12.76
CA THR A 400 -11.24 -12.15 12.01
C THR A 400 -11.65 -10.70 12.28
N PHE A 401 -10.99 -10.02 13.21
CA PHE A 401 -11.20 -8.58 13.44
C PHE A 401 -10.57 -7.81 12.30
N PRO A 402 -11.34 -7.20 11.41
CA PRO A 402 -10.75 -6.71 10.16
C PRO A 402 -9.82 -5.53 10.38
N LEU A 403 -8.74 -5.53 9.60
CA LEU A 403 -7.83 -4.40 9.55
C LEU A 403 -8.32 -3.28 8.67
N GLU A 404 -9.21 -3.59 7.72
CA GLU A 404 -9.72 -2.57 6.82
C GLU A 404 -11.10 -2.97 6.32
N ASN A 405 -11.81 -1.96 5.80
CA ASN A 405 -13.14 -2.06 5.21
C ASN A 405 -14.24 -2.34 6.24
N ALA A 406 -13.95 -2.22 7.54
CA ALA A 406 -15.02 -2.25 8.54
C ALA A 406 -15.82 -0.94 8.46
N PRO A 407 -16.99 -0.87 9.09
CA PRO A 407 -17.65 0.43 9.24
C PRO A 407 -16.69 1.42 9.89
N ILE A 408 -16.83 2.71 9.55
CA ILE A 408 -15.84 3.67 10.01
C ILE A 408 -15.83 3.68 11.54
N GLY A 409 -14.63 3.74 12.10
CA GLY A 409 -14.42 3.62 13.52
C GLY A 409 -14.12 2.20 14.00
N HIS A 410 -14.30 1.19 13.14
CA HIS A 410 -14.24 -0.20 13.57
C HIS A 410 -13.06 -0.99 13.01
N ASN A 411 -12.19 -0.40 12.20
CA ASN A 411 -10.97 -1.09 11.82
C ASN A 411 -10.16 -1.40 13.07
N ARG A 412 -9.41 -2.51 13.03
CA ARG A 412 -8.77 -2.99 14.24
C ARG A 412 -7.88 -1.94 14.88
N GLN A 413 -7.13 -1.17 14.08
CA GLN A 413 -6.20 -0.18 14.63
C GLN A 413 -6.82 1.22 14.76
N TYR A 414 -8.12 1.35 14.57
CA TYR A 414 -8.74 2.64 14.86
C TYR A 414 -8.60 2.95 16.35
N ASN A 415 -8.31 4.20 16.66
CA ASN A 415 -8.32 4.67 18.04
C ASN A 415 -9.77 4.85 18.46
N MET A 416 -10.17 4.13 19.50
CA MET A 416 -11.57 4.10 19.87
C MET A 416 -12.07 5.49 20.25
N VAL A 417 -13.14 5.93 19.61
CA VAL A 417 -13.55 7.34 19.70
C VAL A 417 -14.53 7.55 20.85
N PRO A 418 -14.31 8.58 21.70
CA PRO A 418 -13.26 9.60 21.77
C PRO A 418 -12.28 9.40 22.93
N PHE A 419 -11.76 8.21 23.12
CA PHE A 419 -11.01 7.94 24.35
C PHE A 419 -9.63 8.60 24.28
N TRP A 420 -9.17 9.08 25.43
CA TRP A 420 -7.87 9.71 25.53
C TRP A 420 -7.15 9.19 26.76
N PRO A 421 -5.83 8.90 26.64
CA PRO A 421 -5.01 8.96 25.42
C PRO A 421 -5.44 7.93 24.36
N PRO A 422 -4.98 8.10 23.12
CA PRO A 422 -5.41 7.18 22.05
C PRO A 422 -5.22 5.73 22.49
N VAL A 423 -6.25 4.90 22.27
CA VAL A 423 -6.22 3.48 22.61
C VAL A 423 -6.94 2.72 21.50
N THR A 424 -6.30 1.68 20.95
CA THR A 424 -6.84 0.92 19.82
C THR A 424 -7.68 -0.26 20.30
N ASN A 425 -8.49 -0.80 19.37
CA ASN A 425 -9.24 -2.03 19.68
C ASN A 425 -8.32 -3.15 20.09
N THR A 426 -7.14 -3.24 19.45
CA THR A 426 -6.19 -4.31 19.72
C THR A 426 -5.81 -4.35 21.20
N GLU A 427 -5.61 -3.18 21.82
CA GLU A 427 -5.14 -3.17 23.21
C GLU A 427 -6.15 -3.78 24.18
N MET A 428 -7.44 -3.81 23.81
CA MET A 428 -8.48 -4.40 24.64
C MET A 428 -8.78 -5.85 24.26
N PHE A 429 -8.28 -6.33 23.13
CA PHE A 429 -8.56 -7.68 22.68
C PHE A 429 -7.59 -8.66 23.35
N VAL A 430 -7.66 -8.70 24.69
CA VAL A 430 -6.77 -9.52 25.53
C VAL A 430 -7.61 -10.11 26.65
N THR A 431 -7.21 -11.30 27.14
CA THR A 431 -7.90 -11.86 28.30
C THR A 431 -7.66 -10.97 29.51
N ALA A 432 -8.73 -10.57 30.18
CA ALA A 432 -8.62 -9.57 31.24
C ALA A 432 -7.76 -9.97 32.44
N PRO A 433 -7.86 -11.20 33.00
CA PRO A 433 -7.13 -11.46 34.26
C PRO A 433 -5.62 -11.31 34.17
N ASP A 434 -5.00 -11.73 33.05
CA ASP A 434 -3.55 -11.58 32.89
C ASP A 434 -3.12 -10.25 32.28
N ASN A 435 -4.03 -9.50 31.64
CA ASN A 435 -3.61 -8.33 30.87
C ASN A 435 -4.23 -7.02 31.31
N LEU A 436 -5.40 -7.05 31.96
CA LEU A 436 -6.07 -5.82 32.34
C LEU A 436 -6.34 -5.71 33.83
N GLY A 437 -5.93 -6.69 34.62
CA GLY A 437 -6.03 -6.55 36.05
C GLY A 437 -7.40 -6.77 36.64
N TYR A 438 -8.28 -7.48 35.94
CA TYR A 438 -9.58 -7.81 36.52
C TYR A 438 -10.05 -9.15 35.96
N THR A 439 -10.99 -9.76 36.67
CA THR A 439 -11.55 -11.04 36.29
C THR A 439 -13.01 -11.06 36.74
N TYR A 440 -13.78 -12.00 36.22
CA TYR A 440 -15.19 -12.11 36.59
C TYR A 440 -15.41 -13.34 37.47
N GLU A 441 -16.05 -13.15 38.62
CA GLU A 441 -16.54 -14.27 39.43
C GLU A 441 -17.88 -14.69 38.83
N ILE A 442 -17.87 -15.76 38.02
CA ILE A 442 -19.04 -16.14 37.24
C ILE A 442 -18.90 -17.58 36.79
N GLN A 443 -20.03 -18.26 36.58
CA GLN A 443 -20.05 -19.56 35.93
C GLN A 443 -21.08 -19.63 34.81
N TRP A 444 -20.71 -20.41 33.79
CA TRP A 444 -21.40 -20.44 32.51
C TRP A 444 -22.26 -21.68 32.36
N PRO A 445 -23.46 -21.49 31.82
CA PRO A 445 -24.43 -22.61 31.71
C PRO A 445 -23.88 -23.70 30.81
N SER A 446 -24.00 -24.93 31.28
CA SER A 446 -23.72 -26.14 30.53
C SER A 446 -23.80 -27.42 31.40
N GLN B 1 21.36 3.75 7.52
CA GLN B 1 20.54 3.41 6.33
C GLN B 1 19.54 2.34 6.73
N PHE B 2 19.11 1.40 5.85
CA PHE B 2 17.96 0.65 6.36
C PHE B 2 18.30 -0.82 6.64
N PRO B 3 17.63 -1.43 7.60
CA PRO B 3 17.79 -2.87 7.81
C PRO B 3 17.46 -3.65 6.54
N ARG B 4 18.19 -4.74 6.34
CA ARG B 4 18.01 -5.52 5.12
C ARG B 4 16.60 -6.10 5.02
N GLN B 5 15.95 -6.37 6.15
CA GLN B 5 14.58 -6.85 6.10
C GLN B 5 13.53 -5.76 5.79
N CYS B 6 13.91 -4.48 5.81
CA CYS B 6 13.03 -3.40 5.38
C CYS B 6 13.32 -2.95 3.96
N ALA B 7 14.42 -3.41 3.36
CA ALA B 7 14.81 -3.05 2.01
C ALA B 7 14.10 -3.95 1.00
N THR B 8 12.80 -4.12 1.20
CA THR B 8 11.97 -5.00 0.38
C THR B 8 10.86 -4.18 -0.27
N VAL B 9 10.24 -4.78 -1.28
CA VAL B 9 9.09 -4.14 -1.90
C VAL B 9 7.95 -4.01 -0.91
N GLU B 10 7.73 -5.05 -0.09
CA GLU B 10 6.62 -5.04 0.86
C GLU B 10 6.79 -3.94 1.89
N ALA B 11 8.01 -3.75 2.40
CA ALA B 11 8.20 -2.76 3.44
C ALA B 11 8.16 -1.34 2.88
N LEU B 12 8.80 -1.12 1.73
CA LEU B 12 8.77 0.22 1.14
C LEU B 12 7.37 0.60 0.72
N ARG B 13 6.54 -0.39 0.38
CA ARG B 13 5.16 -0.12 0.00
C ARG B 13 4.29 0.15 1.22
N SER B 14 4.55 -0.52 2.34
CA SER B 14 3.74 -0.26 3.54
C SER B 14 4.16 0.99 4.29
N GLY B 15 5.37 1.50 4.04
CA GLY B 15 5.90 2.58 4.84
C GLY B 15 6.29 2.17 6.25
N MET B 16 6.40 0.87 6.48
CA MET B 16 6.64 0.31 7.80
C MET B 16 8.02 -0.31 7.81
N CYS B 17 8.89 0.14 8.71
CA CYS B 17 10.17 -0.57 8.95
C CYS B 17 10.16 -1.00 10.41
N CYS B 18 9.53 -2.14 10.67
CA CYS B 18 9.35 -2.65 12.03
C CYS B 18 9.64 -4.12 12.00
N PRO B 19 10.90 -4.51 11.90
CA PRO B 19 11.24 -5.91 11.66
C PRO B 19 11.00 -6.78 12.89
N ASP B 20 10.84 -8.07 12.62
CA ASP B 20 10.64 -9.01 13.69
C ASP B 20 11.93 -9.17 14.48
N LEU B 21 11.77 -9.56 15.74
CA LEU B 21 12.92 -9.92 16.56
C LEU B 21 13.09 -11.43 16.56
N SER B 22 12.22 -12.14 17.28
CA SER B 22 12.20 -13.59 17.30
C SER B 22 10.77 -14.10 17.12
N PRO B 23 10.33 -14.26 15.86
CA PRO B 23 8.94 -14.70 15.65
C PRO B 23 8.81 -16.20 15.39
N VAL B 24 7.86 -16.84 16.12
CA VAL B 24 7.44 -18.21 15.83
C VAL B 24 5.94 -18.45 15.86
N SER B 25 5.16 -17.42 15.49
CA SER B 25 3.84 -17.69 14.95
C SER B 25 3.88 -17.34 13.47
N GLY B 26 5.07 -17.11 12.93
CA GLY B 26 5.19 -16.62 11.57
C GLY B 26 5.68 -15.18 11.49
N PRO B 27 5.81 -14.68 10.25
CA PRO B 27 6.18 -13.27 10.04
C PRO B 27 5.19 -12.28 10.64
N GLY B 28 5.71 -11.10 10.99
CA GLY B 28 4.89 -10.00 11.50
C GLY B 28 4.36 -10.19 12.90
N THR B 29 4.83 -11.21 13.60
CA THR B 29 4.29 -11.55 14.90
C THR B 29 5.13 -11.06 16.08
N ASP B 30 6.38 -10.66 15.84
CA ASP B 30 7.22 -10.14 16.90
C ASP B 30 7.91 -8.86 16.42
N ARG B 31 7.13 -7.98 15.80
CA ARG B 31 7.68 -6.72 15.34
C ARG B 31 8.19 -5.93 16.55
N CYS B 32 9.44 -5.50 16.48
CA CYS B 32 10.07 -4.68 17.52
C CYS B 32 10.17 -5.41 18.84
N GLY B 33 10.19 -6.74 18.82
CA GLY B 33 10.21 -7.49 20.07
C GLY B 33 9.00 -7.23 20.94
N SER B 34 7.85 -6.93 20.33
CA SER B 34 6.64 -6.61 21.08
C SER B 34 6.09 -7.81 21.81
N SER B 35 6.47 -9.02 21.42
CA SER B 35 6.00 -10.21 22.12
C SER B 35 6.65 -10.32 23.50
N SER B 36 7.88 -9.85 23.64
CA SER B 36 8.43 -9.54 24.95
C SER B 36 8.05 -8.11 25.29
N GLY B 37 8.56 -7.57 26.39
CA GLY B 37 8.18 -6.20 26.68
C GLY B 37 9.08 -5.18 26.03
N ARG B 38 9.74 -5.55 24.94
CA ARG B 38 10.92 -4.82 24.49
C ARG B 38 10.62 -3.59 23.65
N GLY B 39 9.54 -3.58 22.87
CA GLY B 39 9.25 -2.38 22.10
C GLY B 39 7.97 -2.54 21.31
N ARG B 40 7.67 -1.51 20.51
CA ARG B 40 6.47 -1.50 19.70
C ARG B 40 6.73 -0.74 18.40
N CYS B 41 5.95 -1.09 17.38
CA CYS B 41 5.92 -0.34 16.14
C CYS B 41 4.98 0.85 16.32
N GLU B 42 5.44 2.05 15.92
CA GLU B 42 4.67 3.27 16.08
C GLU B 42 5.00 4.26 14.97
N ALA B 43 4.26 5.38 14.97
CA ALA B 43 4.48 6.46 14.01
C ALA B 43 5.84 7.10 14.22
N VAL B 44 6.47 7.47 13.12
CA VAL B 44 7.74 8.17 13.18
C VAL B 44 7.47 9.61 13.63
N THR B 45 8.27 10.09 14.58
CA THR B 45 8.30 11.51 14.94
C THR B 45 9.42 12.19 14.16
N ALA B 46 9.08 13.16 13.34
CA ALA B 46 10.05 13.88 12.55
C ALA B 46 9.87 15.39 12.74
N ASP B 47 10.95 16.12 12.53
CA ASP B 47 10.92 17.58 12.69
C ASP B 47 10.16 18.23 11.54
N SER B 48 9.20 19.09 11.87
CA SER B 48 8.49 19.84 10.85
C SER B 48 8.75 21.34 10.95
N ARG B 49 9.66 21.76 11.83
CA ARG B 49 9.95 23.18 11.99
C ARG B 49 10.67 23.71 10.75
N PRO B 50 10.58 25.01 10.50
CA PRO B 50 11.24 25.58 9.31
C PRO B 50 12.75 25.64 9.43
N HIS B 51 13.41 25.54 8.28
CA HIS B 51 14.87 25.65 8.18
C HIS B 51 15.23 26.98 7.52
N SER B 52 16.53 27.25 7.43
CA SER B 52 17.00 28.51 6.87
C SER B 52 16.63 28.60 5.39
N PRO B 53 16.55 29.83 4.85
CA PRO B 53 16.24 29.98 3.42
C PRO B 53 17.38 29.56 2.50
N GLN B 54 18.52 29.10 3.04
CA GLN B 54 19.62 28.68 2.17
C GLN B 54 19.22 27.50 1.27
N TYR B 55 18.35 26.61 1.74
CA TYR B 55 17.92 25.48 0.93
C TYR B 55 16.58 25.81 0.31
N PRO B 56 16.51 26.08 -1.00
CA PRO B 56 15.23 26.46 -1.63
C PRO B 56 14.50 25.33 -2.33
N HIS B 57 14.91 24.07 -2.14
CA HIS B 57 14.38 23.00 -2.98
C HIS B 57 13.50 22.01 -2.21
N ASP B 58 12.68 22.49 -1.27
CA ASP B 58 11.75 21.61 -0.57
C ASP B 58 10.91 20.82 -1.57
N GLY B 59 10.82 19.53 -1.34
CA GLY B 59 10.11 18.62 -2.21
C GLY B 59 10.99 17.83 -3.14
N ARG B 60 12.29 18.13 -3.22
CA ARG B 60 13.15 17.52 -4.22
C ARG B 60 14.09 16.44 -3.69
N ASP B 61 14.32 16.36 -2.37
CA ASP B 61 15.40 15.54 -1.82
C ASP B 61 14.87 14.55 -0.77
N ASP B 62 15.27 13.28 -0.87
CA ASP B 62 14.82 12.25 0.06
C ASP B 62 15.27 12.50 1.50
N ARG B 63 16.21 13.41 1.74
CA ARG B 63 16.70 13.68 3.08
C ARG B 63 15.83 14.65 3.87
N GLU B 64 14.93 15.39 3.20
CA GLU B 64 14.03 16.29 3.92
C GLU B 64 13.13 15.51 4.85
N VAL B 65 12.82 16.11 6.00
CA VAL B 65 11.96 15.54 7.04
C VAL B 65 12.31 14.08 7.24
N TRP B 66 13.61 13.79 7.34
CA TRP B 66 14.10 12.43 7.52
C TRP B 66 13.40 11.75 8.69
N PRO B 67 12.96 10.48 8.51
CA PRO B 67 13.02 9.62 7.34
C PRO B 67 11.68 9.42 6.59
N LEU B 68 10.80 10.41 6.66
CA LEU B 68 9.42 10.23 6.22
C LEU B 68 9.26 9.96 4.72
N ARG B 69 10.32 10.17 3.89
CA ARG B 69 10.16 9.84 2.49
C ARG B 69 10.36 8.37 2.21
N PHE B 70 10.78 7.58 3.21
CA PHE B 70 10.93 6.14 3.08
C PHE B 70 10.03 5.38 4.04
N PHE B 71 9.96 5.78 5.29
CA PHE B 71 9.13 5.07 6.24
C PHE B 71 8.48 6.06 7.19
N ASN B 72 7.22 5.80 7.53
CA ASN B 72 6.56 6.60 8.54
C ASN B 72 6.26 5.78 9.79
N ARG B 73 6.81 4.56 9.86
CA ARG B 73 6.64 3.74 11.04
C ARG B 73 7.95 3.07 11.42
N THR B 74 8.29 3.09 12.72
CA THR B 74 9.58 2.61 13.21
C THR B 74 9.39 1.85 14.52
N CYS B 75 10.43 1.14 14.92
CA CYS B 75 10.45 0.54 16.24
C CYS B 75 10.85 1.58 17.26
N HIS B 76 10.12 1.64 18.37
CA HIS B 76 10.49 2.43 19.53
C HIS B 76 10.69 1.45 20.67
N CYS B 77 11.87 1.42 21.25
CA CYS B 77 12.20 0.36 22.20
C CYS B 77 11.84 0.76 23.61
N ASN B 78 11.42 -0.23 24.37
CA ASN B 78 11.02 -0.01 25.75
C ASN B 78 12.25 0.15 26.64
N GLY B 79 12.11 0.95 27.69
CA GLY B 79 13.14 1.05 28.71
C GLY B 79 14.53 1.37 28.21
N ASN B 80 15.45 0.44 28.45
CA ASN B 80 16.83 0.58 28.03
C ASN B 80 17.18 -0.44 26.96
N PHE B 81 16.18 -0.98 26.28
CA PHE B 81 16.37 -1.69 25.02
C PHE B 81 16.64 -0.71 23.88
N SER B 82 17.23 -1.23 22.81
CA SER B 82 17.61 -0.41 21.68
C SER B 82 17.76 -1.31 20.47
N GLY B 83 18.06 -0.71 19.33
CA GLY B 83 18.26 -1.42 18.08
C GLY B 83 17.06 -1.33 17.16
N HIS B 84 17.30 -1.62 15.88
CA HIS B 84 16.23 -1.50 14.89
C HIS B 84 15.03 -2.38 15.24
N ASN B 85 15.26 -3.54 15.84
CA ASN B 85 14.15 -4.40 16.24
C ASN B 85 14.11 -4.60 17.75
N CYS B 86 14.75 -3.69 18.48
CA CYS B 86 14.75 -3.69 19.94
C CYS B 86 15.46 -4.93 20.52
N GLY B 87 16.35 -5.53 19.74
CA GLY B 87 17.12 -6.71 20.08
C GLY B 87 18.46 -6.48 20.75
N THR B 88 18.81 -5.24 21.10
CA THR B 88 20.05 -4.97 21.82
C THR B 88 19.75 -3.97 22.93
N CYS B 89 20.79 -3.34 23.48
CA CYS B 89 20.63 -2.40 24.58
C CYS B 89 21.06 -0.99 24.16
N ARG B 90 20.54 0.01 24.86
CA ARG B 90 21.01 1.37 24.67
C ARG B 90 22.49 1.46 25.03
N PRO B 91 23.20 2.49 24.54
CA PRO B 91 24.62 2.62 24.89
C PRO B 91 24.79 2.69 26.39
N GLY B 92 25.71 1.88 26.91
CA GLY B 92 25.93 1.85 28.34
C GLY B 92 25.20 0.79 29.14
N TRP B 93 24.56 -0.17 28.48
CA TRP B 93 23.76 -1.17 29.18
C TRP B 93 23.96 -2.57 28.59
N ARG B 94 23.80 -3.52 29.49
CA ARG B 94 23.90 -4.93 29.18
C ARG B 94 22.98 -5.67 30.16
N GLY B 95 23.07 -7.02 30.10
CA GLY B 95 22.15 -8.03 30.63
C GLY B 95 21.00 -8.26 29.66
N ALA B 96 20.50 -9.49 29.61
CA ALA B 96 19.44 -9.76 28.64
C ALA B 96 18.28 -8.83 28.90
N ALA B 97 18.23 -8.28 30.11
CA ALA B 97 17.28 -7.27 30.54
C ALA B 97 17.87 -5.88 30.42
N CYS B 98 19.08 -5.74 29.87
CA CYS B 98 19.70 -4.42 29.68
C CYS B 98 19.77 -3.65 31.00
N ASP B 99 20.23 -4.34 32.04
CA ASP B 99 20.30 -3.79 33.40
C ASP B 99 21.69 -3.78 34.02
N GLN B 100 22.73 -4.11 33.25
CA GLN B 100 24.13 -3.99 33.66
C GLN B 100 24.78 -2.77 33.03
N ARG B 101 25.87 -2.33 33.65
CA ARG B 101 26.60 -1.16 33.19
C ARG B 101 28.09 -1.42 33.24
N VAL B 102 28.80 -1.11 32.14
CA VAL B 102 30.16 -0.63 32.27
C VAL B 102 30.26 0.70 31.55
N LEU B 103 31.42 1.30 31.67
CA LEU B 103 31.77 2.55 31.06
C LEU B 103 33.04 2.22 30.29
N ILE B 104 32.96 2.24 28.95
CA ILE B 104 34.16 1.96 28.18
C ILE B 104 34.91 3.27 28.05
N VAL B 105 36.22 3.18 27.86
CA VAL B 105 37.09 4.36 27.91
C VAL B 105 37.79 4.47 26.58
N ARG B 106 37.66 5.64 25.95
CA ARG B 106 38.36 5.93 24.71
C ARG B 106 39.69 6.59 25.08
N ARG B 107 40.79 6.01 24.60
CA ARG B 107 42.13 6.44 25.00
C ARG B 107 42.92 6.97 23.82
N ASN B 108 43.97 7.74 24.15
CA ASN B 108 44.92 8.22 23.16
C ASN B 108 45.59 7.02 22.49
N LEU B 109 45.53 6.96 21.16
CA LEU B 109 46.06 5.80 20.46
C LEU B 109 47.55 5.60 20.75
N LEU B 110 48.29 6.68 20.98
CA LEU B 110 49.72 6.53 21.23
C LEU B 110 50.00 5.92 22.59
N ASP B 111 49.03 5.97 23.52
CA ASP B 111 49.16 5.38 24.85
C ASP B 111 48.78 3.91 24.91
N LEU B 112 48.32 3.32 23.81
CA LEU B 112 47.94 1.92 23.89
C LEU B 112 49.18 1.03 23.91
N SER B 113 49.01 -0.17 24.43
CA SER B 113 50.12 -1.13 24.50
C SER B 113 50.46 -1.59 23.07
N LYS B 114 51.59 -2.28 22.89
CA LYS B 114 51.84 -2.75 21.50
C LYS B 114 50.80 -3.75 21.05
N GLU B 115 50.25 -4.56 21.95
CA GLU B 115 49.24 -5.51 21.50
C GLU B 115 47.88 -4.85 21.27
N GLU B 116 47.58 -3.78 22.02
CA GLU B 116 46.35 -3.03 21.82
C GLU B 116 46.37 -2.26 20.49
N LYS B 117 47.52 -1.68 20.11
CA LYS B 117 47.64 -1.00 18.82
C LYS B 117 47.38 -1.97 17.68
N ASN B 118 48.01 -3.14 17.72
CA ASN B 118 47.82 -4.13 16.68
C ASN B 118 46.38 -4.61 16.64
N HIS B 119 45.75 -4.74 17.80
CA HIS B 119 44.36 -5.18 17.83
C HIS B 119 43.45 -4.14 17.17
N PHE B 120 43.67 -2.86 17.44
CA PHE B 120 42.83 -1.83 16.83
C PHE B 120 42.99 -1.83 15.31
N VAL B 121 44.23 -1.94 14.82
CA VAL B 121 44.46 -1.87 13.37
C VAL B 121 43.81 -3.04 12.66
N ARG B 122 43.94 -4.25 13.22
CA ARG B 122 43.37 -5.41 12.54
C ARG B 122 41.83 -5.41 12.70
N ALA B 123 41.31 -4.83 13.79
CA ALA B 123 39.85 -4.70 13.89
C ALA B 123 39.31 -3.73 12.82
N LEU B 124 39.98 -2.59 12.62
CA LEU B 124 39.58 -1.68 11.54
C LEU B 124 39.63 -2.36 10.19
N ASP B 125 40.72 -3.08 9.94
CA ASP B 125 40.85 -3.76 8.66
C ASP B 125 39.78 -4.84 8.52
N MET B 126 39.48 -5.55 9.60
CA MET B 126 38.40 -6.53 9.55
C MET B 126 37.07 -5.85 9.24
N ALA B 127 36.81 -4.70 9.88
CA ALA B 127 35.57 -3.96 9.62
C ALA B 127 35.50 -3.52 8.17
N LYS B 128 36.66 -3.28 7.56
CA LYS B 128 36.68 -2.94 6.15
C LYS B 128 36.27 -4.12 5.27
N ARG B 129 36.58 -5.39 5.66
CA ARG B 129 36.13 -6.39 4.67
C ARG B 129 34.84 -7.10 5.08
N THR B 130 34.36 -6.94 6.30
CA THR B 130 33.24 -7.77 6.74
C THR B 130 31.94 -7.08 6.35
N THR B 131 31.09 -7.80 5.63
CA THR B 131 29.77 -7.29 5.25
C THR B 131 28.97 -6.91 6.49
N HIS B 132 28.32 -5.74 6.45
CA HIS B 132 27.49 -5.31 7.58
C HIS B 132 26.33 -6.27 7.73
N PRO B 133 26.13 -6.88 8.91
CA PRO B 133 25.04 -7.86 9.04
C PRO B 133 23.67 -7.23 9.00
N LEU B 134 23.55 -5.93 9.28
CA LEU B 134 22.26 -5.30 9.48
C LEU B 134 21.81 -4.44 8.31
N PHE B 135 22.62 -3.45 7.93
CA PHE B 135 22.19 -2.42 6.99
C PHE B 135 22.63 -2.76 5.58
N VAL B 136 21.80 -2.35 4.62
CA VAL B 136 22.14 -2.30 3.21
C VAL B 136 21.94 -0.86 2.76
N ILE B 137 22.60 -0.47 1.67
CA ILE B 137 22.62 0.92 1.19
C ILE B 137 21.89 1.04 -0.16
N ALA B 138 21.15 2.12 -0.32
CA ALA B 138 20.49 2.40 -1.59
C ALA B 138 21.50 2.92 -2.62
N THR B 139 21.33 2.47 -3.87
CA THR B 139 22.12 3.00 -4.98
C THR B 139 21.31 3.96 -5.85
N ARG B 140 20.01 4.13 -5.57
CA ARG B 140 19.15 5.03 -6.31
C ARG B 140 18.33 5.87 -5.34
N ARG B 141 17.88 7.03 -5.82
CA ARG B 141 16.97 7.86 -5.04
C ARG B 141 15.58 7.21 -5.03
N SER B 142 14.67 7.78 -4.23
CA SER B 142 13.41 7.08 -3.95
C SER B 142 12.62 6.79 -5.22
N GLU B 143 12.68 7.69 -6.20
CA GLU B 143 11.93 7.54 -7.45
C GLU B 143 12.28 6.23 -8.15
N GLU B 144 13.53 5.80 -8.07
CA GLU B 144 13.96 4.57 -8.74
C GLU B 144 14.31 3.45 -7.76
N ILE B 145 13.82 3.52 -6.52
CA ILE B 145 14.32 2.59 -5.51
C ILE B 145 13.93 1.16 -5.82
N LEU B 146 12.80 0.95 -6.52
CA LEU B 146 12.29 -0.38 -6.81
C LEU B 146 12.72 -0.91 -8.16
N GLY B 147 13.67 -0.25 -8.82
CA GLY B 147 14.30 -0.81 -10.00
C GLY B 147 13.56 -0.57 -11.31
N PRO B 148 14.19 -1.00 -12.40
CA PRO B 148 13.59 -0.78 -13.73
C PRO B 148 12.20 -1.41 -13.84
N ASP B 149 12.05 -2.66 -13.38
CA ASP B 149 10.78 -3.38 -13.45
C ASP B 149 9.84 -3.05 -12.29
N GLY B 150 10.23 -2.17 -11.39
CA GLY B 150 9.39 -1.87 -10.25
C GLY B 150 9.31 -2.95 -9.19
N ASN B 151 10.14 -4.01 -9.28
CA ASN B 151 10.08 -5.07 -8.28
C ASN B 151 11.47 -5.51 -7.81
N THR B 152 12.50 -4.70 -8.05
CA THR B 152 13.87 -5.04 -7.67
C THR B 152 14.43 -3.90 -6.84
N PRO B 153 14.40 -4.02 -5.50
CA PRO B 153 14.92 -2.93 -4.68
C PRO B 153 16.38 -2.64 -5.02
N GLN B 154 16.71 -1.36 -5.11
CA GLN B 154 18.04 -0.95 -5.55
C GLN B 154 18.93 -0.71 -4.33
N PHE B 155 19.18 -1.81 -3.62
CA PHE B 155 20.03 -1.83 -2.43
C PHE B 155 21.17 -2.81 -2.61
N GLU B 156 22.30 -2.54 -1.96
CA GLU B 156 23.46 -3.40 -1.97
C GLU B 156 23.99 -3.60 -0.56
N ASN B 157 24.64 -4.73 -0.36
CA ASN B 157 25.46 -4.93 0.82
C ASN B 157 26.70 -4.06 0.77
N ILE B 158 27.29 -3.88 1.95
CA ILE B 158 28.43 -3.01 2.11
C ILE B 158 29.10 -3.42 3.41
N SER B 159 30.40 -3.18 3.50
CA SER B 159 31.12 -3.60 4.68
C SER B 159 30.78 -2.69 5.85
N ILE B 160 31.17 -3.14 7.04
CA ILE B 160 30.92 -2.35 8.24
C ILE B 160 31.56 -0.98 8.12
N TYR B 161 32.81 -0.94 7.63
CA TYR B 161 33.49 0.36 7.53
C TYR B 161 33.01 1.16 6.33
N ASN B 162 32.71 0.52 5.20
CA ASN B 162 32.24 1.32 4.07
C ASN B 162 30.85 1.89 4.34
N TYR B 163 30.04 1.24 5.18
CA TYR B 163 28.78 1.85 5.61
C TYR B 163 29.03 3.12 6.41
N PHE B 164 30.06 3.12 7.26
CA PHE B 164 30.48 4.34 7.96
C PHE B 164 30.86 5.45 6.98
N VAL B 165 31.53 5.09 5.88
CA VAL B 165 31.87 6.07 4.85
C VAL B 165 30.62 6.56 4.14
N TRP B 166 29.68 5.64 3.86
CA TRP B 166 28.52 5.93 3.02
C TRP B 166 27.55 6.89 3.67
N THR B 167 27.28 6.71 4.97
CA THR B 167 26.35 7.61 5.67
C THR B 167 26.89 9.03 5.70
N HIS B 168 28.21 9.19 5.87
CA HIS B 168 28.81 10.52 5.85
C HIS B 168 28.66 11.15 4.46
N TYR B 169 28.96 10.38 3.40
CA TYR B 169 28.76 10.84 2.04
C TYR B 169 27.30 11.22 1.80
N TYR B 170 26.38 10.34 2.21
CA TYR B 170 24.96 10.61 1.97
C TYR B 170 24.51 11.87 2.69
N SER B 171 25.12 12.19 3.83
CA SER B 171 24.71 13.38 4.55
C SER B 171 25.22 14.67 3.91
N VAL B 172 26.27 14.59 3.08
CA VAL B 172 26.87 15.76 2.45
C VAL B 172 26.62 15.86 0.95
N LYS B 173 26.04 14.84 0.31
CA LYS B 173 25.90 14.85 -1.14
C LYS B 173 25.01 16.01 -1.61
N LYS B 174 25.17 16.37 -2.88
CA LYS B 174 24.36 17.44 -3.47
C LYS B 174 22.95 16.95 -3.76
N THR B 175 22.01 17.88 -3.70
CA THR B 175 20.63 17.60 -4.09
C THR B 175 20.55 17.47 -5.61
N PHE B 176 20.14 16.31 -6.10
CA PHE B 176 19.98 16.09 -7.53
C PHE B 176 18.66 16.73 -7.99
N LEU B 177 18.75 17.62 -8.97
CA LEU B 177 17.61 18.39 -9.47
C LEU B 177 17.09 17.88 -10.81
N GLY B 178 17.79 16.97 -11.46
CA GLY B 178 17.30 16.33 -12.67
C GLY B 178 18.41 16.27 -13.71
N VAL B 179 18.29 15.31 -14.62
CA VAL B 179 19.21 15.25 -15.75
C VAL B 179 19.12 16.57 -16.48
N GLY B 180 20.28 17.10 -16.86
CA GLY B 180 20.34 18.40 -17.50
C GLY B 180 20.40 19.58 -16.55
N GLN B 181 20.07 19.39 -15.28
CA GLN B 181 20.14 20.46 -14.30
C GLN B 181 21.42 20.35 -13.48
N GLU B 182 21.86 21.48 -12.94
CA GLU B 182 23.04 21.51 -12.11
C GLU B 182 22.67 21.19 -10.67
N SER B 183 23.38 20.24 -10.05
CA SER B 183 23.03 19.82 -8.70
C SER B 183 23.29 20.94 -7.69
N PHE B 184 22.46 20.97 -6.66
CA PHE B 184 22.53 22.01 -5.66
C PHE B 184 23.46 21.58 -4.52
N GLY B 185 24.41 22.44 -4.16
CA GLY B 185 25.49 22.11 -3.25
C GLY B 185 25.48 22.90 -1.95
N GLU B 186 24.56 23.86 -1.79
CA GLU B 186 24.47 24.64 -0.56
C GLU B 186 23.59 23.95 0.49
N VAL B 187 23.93 22.69 0.77
CA VAL B 187 23.20 21.90 1.74
C VAL B 187 24.19 20.88 2.34
N ASP B 188 24.11 20.67 3.65
CA ASP B 188 25.03 19.74 4.29
C ASP B 188 24.39 19.31 5.60
N PHE B 189 23.95 18.06 5.68
CA PHE B 189 23.17 17.61 6.82
C PHE B 189 24.03 17.27 8.04
N SER B 190 25.35 17.33 7.92
CA SER B 190 26.23 16.95 9.03
C SER B 190 27.33 17.94 9.30
N HIS B 191 27.39 19.07 8.58
CA HIS B 191 28.44 20.07 8.78
C HIS B 191 27.90 21.48 8.64
N GLU B 192 28.72 22.45 9.05
CA GLU B 192 28.42 23.87 8.90
C GLU B 192 27.07 24.21 9.52
N GLY B 193 26.89 23.79 10.76
CA GLY B 193 25.68 24.02 11.48
C GLY B 193 25.70 23.31 12.82
N PRO B 194 24.70 23.60 13.66
CA PRO B 194 24.73 23.09 15.04
C PRO B 194 24.82 21.58 15.16
N ALA B 195 24.33 20.81 14.18
CA ALA B 195 24.34 19.35 14.26
C ALA B 195 25.70 18.73 13.97
N PHE B 196 26.73 19.54 13.66
CA PHE B 196 28.04 18.98 13.32
C PHE B 196 28.54 18.04 14.42
N LEU B 197 28.43 18.46 15.68
CA LEU B 197 29.02 17.69 16.77
C LEU B 197 28.17 16.48 17.16
N THR B 198 26.84 16.65 17.22
CA THR B 198 25.96 15.54 17.59
C THR B 198 25.88 14.50 16.48
N TRP B 199 25.89 14.94 15.22
CA TRP B 199 25.87 14.00 14.10
C TRP B 199 27.10 13.11 14.14
N HIS B 200 28.26 13.72 14.27
CA HIS B 200 29.49 12.95 14.26
C HIS B 200 29.63 12.09 15.51
N ARG B 201 29.01 12.50 16.63
CA ARG B 201 29.01 11.66 17.83
C ARG B 201 28.24 10.37 17.59
N TYR B 202 27.05 10.46 17.00
CA TYR B 202 26.32 9.23 16.72
C TYR B 202 27.03 8.38 15.67
N HIS B 203 27.59 9.04 14.65
CA HIS B 203 28.40 8.35 13.65
C HIS B 203 29.42 7.42 14.32
N LEU B 204 30.16 7.94 15.30
CA LEU B 204 31.18 7.13 15.97
C LEU B 204 30.55 6.03 16.80
N LEU B 205 29.47 6.35 17.51
CA LEU B 205 28.80 5.38 18.35
C LEU B 205 28.32 4.20 17.53
N ARG B 206 27.78 4.48 16.34
CA ARG B 206 27.33 3.42 15.44
C ARG B 206 28.50 2.53 15.00
N LEU B 207 29.62 3.13 14.61
CA LEU B 207 30.77 2.34 14.17
C LEU B 207 31.31 1.50 15.33
N GLU B 208 31.48 2.14 16.49
CA GLU B 208 31.97 1.48 17.69
C GLU B 208 31.08 0.31 18.08
N LYS B 209 29.77 0.52 18.04
CA LYS B 209 28.84 -0.56 18.33
C LYS B 209 28.97 -1.68 17.30
N ASP B 210 29.07 -1.33 16.03
CA ASP B 210 29.25 -2.37 15.00
C ASP B 210 30.54 -3.16 15.20
N MET B 211 31.61 -2.51 15.67
CA MET B 211 32.87 -3.23 15.85
C MET B 211 32.86 -4.07 17.11
N GLN B 212 32.23 -3.59 18.16
CA GLN B 212 32.05 -4.43 19.34
C GLN B 212 31.35 -5.72 18.97
N GLU B 213 30.32 -5.65 18.14
CA GLU B 213 29.59 -6.85 17.75
C GLU B 213 30.38 -7.72 16.78
N MET B 214 31.11 -7.07 15.88
CA MET B 214 31.93 -7.83 14.92
C MET B 214 32.97 -8.66 15.63
N LEU B 215 33.65 -8.08 16.62
CA LEU B 215 34.71 -8.73 17.37
C LEU B 215 34.17 -9.60 18.50
N GLN B 216 32.86 -9.55 18.78
CA GLN B 216 32.29 -10.14 19.98
C GLN B 216 33.03 -9.64 21.22
N GLU B 217 33.30 -8.34 21.26
CA GLU B 217 34.00 -7.70 22.38
C GLU B 217 33.18 -6.52 22.90
N PRO B 218 32.37 -6.73 23.92
CA PRO B 218 31.56 -5.62 24.44
C PRO B 218 32.42 -4.46 24.89
N SER B 219 33.69 -4.72 25.22
CA SER B 219 34.53 -3.71 25.84
C SER B 219 35.29 -2.85 24.82
N PHE B 220 35.30 -3.22 23.54
CA PHE B 220 36.07 -2.52 22.54
C PHE B 220 35.65 -1.05 22.41
N SER B 221 36.64 -0.16 22.35
CA SER B 221 36.40 1.27 22.29
C SER B 221 37.26 1.89 21.20
N LEU B 222 36.79 3.01 20.66
CA LEU B 222 37.54 3.73 19.65
C LEU B 222 38.58 4.63 20.32
N PRO B 223 39.84 4.54 19.94
CA PRO B 223 40.86 5.47 20.47
C PRO B 223 40.75 6.84 19.80
N TYR B 224 41.54 7.78 20.28
CA TYR B 224 41.56 9.10 19.66
C TYR B 224 42.98 9.51 19.26
N TRP B 225 43.03 10.48 18.36
CA TRP B 225 44.27 11.12 17.92
C TRP B 225 44.29 12.53 18.47
N ASN B 226 45.21 12.81 19.38
CA ASN B 226 45.42 14.19 19.80
C ASN B 226 46.15 14.93 18.68
N PHE B 227 45.39 15.61 17.79
CA PHE B 227 45.98 16.36 16.69
C PHE B 227 46.37 17.76 17.10
N ALA B 228 46.11 18.16 18.35
CA ALA B 228 46.40 19.52 18.80
C ALA B 228 47.76 19.58 19.49
N THR B 229 48.80 19.20 18.75
CA THR B 229 50.17 19.22 19.23
C THR B 229 51.01 20.33 18.62
N GLY B 230 50.48 21.05 17.63
CA GLY B 230 51.28 22.03 16.93
C GLY B 230 52.37 21.46 16.05
N LYS B 231 52.31 20.17 15.74
CA LYS B 231 53.38 19.49 15.04
C LYS B 231 53.30 19.69 13.53
N ASN B 232 54.45 19.47 12.88
CA ASN B 232 54.75 19.50 11.46
C ASN B 232 54.42 18.20 10.75
N VAL B 233 54.20 17.12 11.50
CA VAL B 233 54.10 15.77 10.95
C VAL B 233 52.93 15.08 11.61
N CYS B 234 52.49 13.98 11.00
CA CYS B 234 51.40 13.17 11.53
C CYS B 234 51.99 12.08 12.44
N ASP B 235 51.94 12.30 13.76
CA ASP B 235 52.61 11.38 14.69
C ASP B 235 51.90 10.06 14.84
N ILE B 236 50.76 9.83 14.16
CA ILE B 236 50.18 8.50 14.11
C ILE B 236 50.37 7.87 12.74
N CYS B 237 51.13 8.50 11.86
CA CYS B 237 51.39 7.90 10.57
C CYS B 237 52.68 7.07 10.63
N THR B 238 52.58 5.96 11.36
CA THR B 238 53.63 4.96 11.45
C THR B 238 53.04 3.60 11.08
N ASP B 239 53.89 2.66 10.68
CA ASP B 239 53.37 1.43 10.08
C ASP B 239 52.75 0.48 11.09
N ASP B 240 52.91 0.74 12.38
CA ASP B 240 52.12 0.03 13.38
C ASP B 240 50.81 0.78 13.69
N LEU B 241 50.55 1.92 13.02
CA LEU B 241 49.32 2.68 13.29
C LEU B 241 48.96 3.51 12.06
N MET B 242 47.94 3.14 11.32
CA MET B 242 47.42 4.06 10.28
C MET B 242 48.37 4.24 9.10
N GLY B 243 49.64 3.81 9.22
CA GLY B 243 50.52 3.76 8.07
C GLY B 243 51.37 4.99 7.83
N SER B 244 52.64 4.78 7.51
CA SER B 244 53.52 5.90 7.19
C SER B 244 53.54 6.11 5.69
N ARG B 245 54.31 7.11 5.26
CA ARG B 245 54.37 7.50 3.86
C ARG B 245 55.09 6.45 3.01
N SER B 246 54.53 6.16 1.84
CA SER B 246 55.15 5.22 0.92
C SER B 246 56.44 5.79 0.36
N ASN B 247 57.48 4.94 0.33
CA ASN B 247 58.77 5.30 -0.24
C ASN B 247 58.77 5.27 -1.77
N PHE B 248 57.71 4.75 -2.38
CA PHE B 248 57.61 4.70 -3.83
C PHE B 248 56.67 5.75 -4.43
N ASP B 249 55.79 6.35 -3.62
CA ASP B 249 54.88 7.41 -4.07
C ASP B 249 54.53 8.22 -2.83
N SER B 250 55.02 9.45 -2.73
CA SER B 250 54.87 10.20 -1.48
C SER B 250 53.41 10.56 -1.16
N THR B 251 52.46 10.29 -2.06
CA THR B 251 51.06 10.50 -1.72
C THR B 251 50.31 9.21 -1.37
N LEU B 252 50.98 8.07 -1.33
CA LEU B 252 50.36 6.80 -0.95
C LEU B 252 50.84 6.36 0.43
N ILE B 253 50.20 5.34 0.94
CA ILE B 253 50.53 4.78 2.25
C ILE B 253 51.51 3.63 2.05
N SER B 254 52.41 3.46 3.03
CA SER B 254 53.43 2.42 2.97
C SER B 254 52.83 1.06 2.63
N PRO B 255 53.39 0.33 1.66
CA PRO B 255 52.91 -1.04 1.40
C PRO B 255 53.05 -1.98 2.59
N ASN B 256 53.75 -1.58 3.65
CA ASN B 256 53.85 -2.39 4.85
C ASN B 256 52.74 -2.11 5.85
N SER B 257 51.75 -1.30 5.47
CA SER B 257 50.58 -1.05 6.29
C SER B 257 49.37 -1.60 5.56
N VAL B 258 48.46 -2.24 6.31
CA VAL B 258 47.27 -2.81 5.69
C VAL B 258 46.41 -1.73 5.03
N PHE B 259 46.52 -0.48 5.48
CA PHE B 259 45.70 0.59 4.92
C PHE B 259 46.13 0.98 3.52
N SER B 260 47.34 0.58 3.10
CA SER B 260 47.73 0.73 1.71
C SER B 260 46.91 -0.19 0.81
N GLN B 261 46.28 -1.22 1.36
CA GLN B 261 45.45 -2.13 0.57
C GLN B 261 44.00 -1.65 0.40
N TRP B 262 43.55 -0.69 1.20
CA TRP B 262 42.15 -0.23 1.15
C TRP B 262 41.85 0.45 -0.18
N ARG B 263 40.63 0.25 -0.67
CA ARG B 263 40.14 0.96 -1.85
C ARG B 263 38.85 1.71 -1.51
N VAL B 264 38.73 2.94 -2.00
CA VAL B 264 37.75 3.88 -1.48
C VAL B 264 36.40 3.72 -2.17
N VAL B 265 35.34 4.16 -1.47
CA VAL B 265 33.99 4.22 -2.03
C VAL B 265 33.57 5.67 -2.17
N CYS B 266 32.59 5.91 -3.05
CA CYS B 266 31.92 7.20 -3.21
C CYS B 266 32.79 8.25 -3.91
N ASP B 267 33.74 7.82 -4.74
CA ASP B 267 34.62 8.77 -5.44
C ASP B 267 34.20 8.98 -6.89
N SER B 268 32.91 8.89 -7.19
CA SER B 268 32.46 9.17 -8.56
C SER B 268 31.41 10.28 -8.57
N LEU B 269 31.75 11.46 -8.04
CA LEU B 269 30.79 12.55 -7.99
C LEU B 269 30.28 12.93 -9.37
N GLU B 270 31.07 12.71 -10.42
CA GLU B 270 30.59 13.09 -11.74
C GLU B 270 29.43 12.20 -12.17
N ASP B 271 29.41 10.94 -11.73
CA ASP B 271 28.29 10.08 -12.06
C ASP B 271 27.06 10.39 -11.20
N TYR B 272 27.24 10.54 -9.88
CA TYR B 272 26.11 10.75 -9.00
C TYR B 272 25.40 12.06 -9.33
N ASP B 273 26.18 13.12 -9.49
CA ASP B 273 25.61 14.46 -9.64
C ASP B 273 25.13 14.78 -11.04
N THR B 274 25.26 13.87 -11.99
CA THR B 274 24.69 14.08 -13.32
C THR B 274 23.68 13.03 -13.72
N LEU B 275 23.83 11.80 -13.24
CA LEU B 275 22.85 10.75 -13.52
C LEU B 275 21.86 10.54 -12.40
N GLY B 276 22.06 11.16 -11.24
CA GLY B 276 21.10 11.00 -10.17
C GLY B 276 21.21 9.71 -9.41
N THR B 277 22.31 8.97 -9.59
CA THR B 277 22.55 7.75 -8.84
C THR B 277 23.22 8.08 -7.51
N LEU B 278 23.38 7.06 -6.68
CA LEU B 278 24.01 7.21 -5.39
C LEU B 278 25.28 6.36 -5.31
N CYS B 279 26.21 6.77 -4.44
CA CYS B 279 27.38 5.94 -4.18
C CYS B 279 26.95 4.52 -3.89
N ASN B 280 27.63 3.56 -4.50
CA ASN B 280 27.37 2.14 -4.27
C ASN B 280 28.60 1.48 -3.65
N SER B 281 28.55 0.16 -3.48
CA SER B 281 29.57 -0.55 -2.72
C SER B 281 30.82 -0.93 -3.53
N THR B 282 30.93 -0.51 -4.77
CA THR B 282 32.10 -0.84 -5.57
C THR B 282 33.26 0.08 -5.21
N GLU B 283 34.38 -0.49 -4.79
CA GLU B 283 35.55 0.30 -4.43
C GLU B 283 36.36 0.65 -5.68
N ASP B 284 37.14 1.72 -5.57
CA ASP B 284 37.90 2.25 -6.72
C ASP B 284 39.38 2.38 -6.41
N GLY B 285 39.84 3.62 -6.28
CA GLY B 285 41.25 3.89 -6.12
C GLY B 285 41.72 3.79 -4.68
N PRO B 286 42.99 4.09 -4.45
CA PRO B 286 43.56 3.97 -3.11
C PRO B 286 43.35 5.25 -2.29
N ILE B 287 43.71 5.15 -1.00
CA ILE B 287 43.76 6.32 -0.14
C ILE B 287 44.94 7.20 -0.54
N ARG B 288 44.70 8.50 -0.74
CA ARG B 288 45.77 9.47 -0.91
C ARG B 288 46.00 10.21 0.40
N ARG B 289 47.27 10.33 0.81
CA ARG B 289 47.58 11.00 2.06
C ARG B 289 48.97 11.60 1.96
N ASN B 290 49.11 12.87 2.35
CA ASN B 290 50.37 13.60 2.21
C ASN B 290 50.46 14.62 3.34
N PRO B 291 50.66 14.16 4.58
CA PRO B 291 50.59 15.09 5.70
C PRO B 291 51.57 16.24 5.52
N ALA B 292 51.09 17.45 5.81
CA ALA B 292 51.83 18.70 5.65
C ALA B 292 52.20 19.01 4.20
N GLY B 293 51.62 18.32 3.23
CA GLY B 293 52.03 18.44 1.86
C GLY B 293 51.33 19.49 1.03
N ASN B 294 50.49 20.34 1.62
CA ASN B 294 49.77 21.34 0.83
C ASN B 294 50.65 22.58 0.71
N VAL B 295 51.60 22.52 -0.23
CA VAL B 295 52.59 23.60 -0.36
C VAL B 295 51.92 24.90 -0.79
N ALA B 296 50.87 24.83 -1.61
CA ALA B 296 50.16 26.02 -2.07
C ALA B 296 49.43 26.75 -0.97
N ARG B 297 49.38 26.17 0.24
CA ARG B 297 48.52 26.68 1.30
C ARG B 297 49.24 26.49 2.63
N PRO B 298 50.19 27.37 2.95
CA PRO B 298 51.05 27.16 4.13
C PRO B 298 50.30 27.09 5.45
N MET B 299 49.12 27.69 5.56
CA MET B 299 48.46 27.67 6.86
C MET B 299 47.92 26.30 7.21
N VAL B 300 47.77 25.40 6.24
CA VAL B 300 47.31 24.06 6.54
C VAL B 300 48.49 23.08 6.59
N GLN B 301 49.72 23.57 6.77
CA GLN B 301 50.88 22.70 6.83
C GLN B 301 51.35 22.42 8.26
N ARG B 302 50.60 22.86 9.27
CA ARG B 302 50.93 22.54 10.65
C ARG B 302 49.62 22.40 11.42
N LEU B 303 49.59 21.45 12.35
CA LEU B 303 48.39 21.07 13.07
C LEU B 303 48.03 22.14 14.11
N PRO B 304 46.83 22.07 14.68
CA PRO B 304 46.47 23.05 15.72
C PRO B 304 47.44 22.97 16.89
N GLU B 305 47.57 24.03 17.55
CA GLU B 305 48.39 24.19 18.73
C GLU B 305 47.59 23.82 19.98
N PRO B 306 48.26 23.33 21.04
CA PRO B 306 47.53 22.96 22.27
C PRO B 306 46.70 24.08 22.85
N GLN B 307 47.22 25.31 22.83
CA GLN B 307 46.46 26.46 23.30
C GLN B 307 45.21 26.70 22.49
N ASP B 308 45.13 26.21 21.24
CA ASP B 308 43.91 26.36 20.47
C ASP B 308 42.75 25.62 21.13
N VAL B 309 43.00 24.42 21.66
CA VAL B 309 41.94 23.67 22.34
C VAL B 309 41.55 24.38 23.63
N ALA B 310 42.53 24.92 24.36
CA ALA B 310 42.21 25.60 25.61
C ALA B 310 41.34 26.82 25.36
N GLN B 311 41.56 27.52 24.24
CA GLN B 311 40.83 28.75 23.97
C GLN B 311 39.40 28.49 23.50
N CYS B 312 39.18 27.46 22.67
CA CYS B 312 37.82 27.20 22.21
C CYS B 312 36.93 26.73 23.35
N LEU B 313 37.50 26.05 24.35
CA LEU B 313 36.74 25.65 25.52
C LEU B 313 36.35 26.84 26.40
N GLU B 314 36.76 28.05 26.04
CA GLU B 314 36.32 29.27 26.70
C GLU B 314 35.16 29.95 25.99
N VAL B 315 34.72 29.41 24.85
CA VAL B 315 33.54 29.91 24.17
C VAL B 315 32.32 29.32 24.88
N GLY B 316 31.52 30.18 25.53
CA GLY B 316 30.48 29.71 26.42
C GLY B 316 29.16 29.38 25.75
N LEU B 317 28.90 29.97 24.58
CA LEU B 317 27.69 29.72 23.82
C LEU B 317 27.92 28.57 22.84
N PHE B 318 27.01 27.59 22.84
CA PHE B 318 27.19 26.43 21.97
C PHE B 318 27.20 26.84 20.51
N ASP B 319 26.21 27.65 20.10
CA ASP B 319 26.14 28.12 18.72
C ASP B 319 25.45 29.49 18.72
N THR B 320 25.63 30.22 17.63
CA THR B 320 25.09 31.58 17.50
C THR B 320 24.47 31.77 16.13
N PRO B 321 23.46 32.66 16.02
CA PRO B 321 22.91 32.98 14.70
C PRO B 321 23.99 33.50 13.76
N PRO B 322 23.93 33.13 12.48
CA PRO B 322 22.90 32.34 11.80
C PRO B 322 23.11 30.81 11.81
N PHE B 323 23.82 30.29 12.82
CA PHE B 323 24.02 28.83 12.96
C PHE B 323 24.65 28.24 11.70
N TYR B 324 25.75 28.82 11.25
CA TYR B 324 26.32 28.44 9.96
C TYR B 324 27.84 28.51 10.07
N SER B 325 28.53 28.25 8.95
CA SER B 325 29.98 28.26 9.01
C SER B 325 30.55 29.67 9.20
N ASN B 326 29.72 30.72 9.22
CA ASN B 326 30.23 32.06 9.49
C ASN B 326 29.74 32.60 10.83
N SER B 327 29.16 31.74 11.68
CA SER B 327 28.77 32.22 13.00
C SER B 327 30.02 32.66 13.75
N THR B 328 29.88 33.71 14.54
CA THR B 328 30.96 34.20 15.38
C THR B 328 30.61 33.96 16.85
N ASN B 329 31.65 33.76 17.67
CA ASN B 329 31.51 33.43 19.10
C ASN B 329 30.69 32.18 19.33
N SER B 330 30.73 31.26 18.37
CA SER B 330 30.03 29.98 18.45
C SER B 330 31.04 28.90 18.80
N PHE B 331 30.80 28.18 19.89
CA PHE B 331 31.69 27.07 20.22
C PHE B 331 31.70 26.05 19.10
N ARG B 332 30.52 25.68 18.61
CA ARG B 332 30.40 24.70 17.53
C ARG B 332 31.21 25.15 16.31
N ASN B 333 31.07 26.42 15.92
CA ASN B 333 31.81 26.86 14.74
C ASN B 333 33.31 26.93 15.02
N THR B 334 33.68 27.10 16.29
CA THR B 334 35.10 27.20 16.63
C THR B 334 35.78 25.84 16.59
N VAL B 335 35.18 24.83 17.24
CA VAL B 335 35.79 23.52 17.18
C VAL B 335 35.66 22.95 15.78
N GLU B 336 34.59 23.27 15.05
CA GLU B 336 34.49 22.79 13.67
C GLU B 336 35.66 23.33 12.85
N GLY B 337 36.04 24.58 13.11
CA GLY B 337 37.27 25.11 12.57
C GLY B 337 37.14 26.28 11.61
N PHE B 338 35.94 26.85 11.47
CA PHE B 338 35.76 28.03 10.60
C PHE B 338 36.10 29.34 11.30
N SER B 339 36.09 29.37 12.63
CA SER B 339 36.54 30.52 13.41
C SER B 339 37.90 30.23 14.02
N ASP B 340 38.60 31.30 14.42
CA ASP B 340 39.87 31.10 15.09
C ASP B 340 39.59 30.56 16.50
N PRO B 341 40.61 30.03 17.19
CA PRO B 341 40.33 29.34 18.46
C PRO B 341 39.69 30.22 19.52
N THR B 342 39.71 31.55 19.38
CA THR B 342 39.02 32.41 20.33
C THR B 342 37.55 32.59 20.00
N GLY B 343 37.12 32.15 18.81
CA GLY B 343 35.75 32.29 18.41
C GLY B 343 35.44 33.38 17.41
N LYS B 344 36.39 34.20 17.00
CA LYS B 344 35.95 35.23 16.07
C LYS B 344 36.15 34.68 14.65
N TYR B 345 35.08 34.78 13.87
CA TYR B 345 35.08 34.26 12.51
C TYR B 345 35.97 35.09 11.59
N ASP B 346 36.58 34.40 10.64
CA ASP B 346 37.45 34.96 9.61
C ASP B 346 37.45 34.01 8.42
N PRO B 347 37.01 34.47 7.25
CA PRO B 347 36.89 33.57 6.10
C PRO B 347 38.20 32.95 5.65
N ALA B 348 39.35 33.51 6.03
CA ALA B 348 40.59 32.90 5.60
C ALA B 348 41.13 31.88 6.59
N VAL B 349 40.50 31.75 7.74
CA VAL B 349 40.97 30.88 8.80
C VAL B 349 40.42 29.47 8.61
N SER B 350 41.26 28.48 8.88
CA SER B 350 40.82 27.11 9.12
C SER B 350 41.61 26.61 10.31
N SER B 351 40.90 26.27 11.39
CA SER B 351 41.53 25.84 12.64
C SER B 351 40.92 24.52 13.07
N LEU B 352 41.45 24.00 14.19
CA LEU B 352 40.98 22.80 14.89
C LEU B 352 40.54 21.68 13.95
N HIS B 353 39.27 21.27 14.02
CA HIS B 353 38.80 20.12 13.26
C HIS B 353 39.09 20.28 11.76
N ASN B 354 38.73 21.44 11.19
CA ASN B 354 38.94 21.64 9.75
C ASN B 354 40.42 21.57 9.38
N LEU B 355 41.29 22.13 10.23
CA LEU B 355 42.72 22.14 9.97
C LEU B 355 43.31 20.73 10.01
N ALA B 356 42.89 19.90 10.97
CA ALA B 356 43.37 18.52 11.02
C ALA B 356 43.02 17.76 9.75
N HIS B 357 41.84 18.02 9.19
CA HIS B 357 41.46 17.43 7.90
C HIS B 357 42.39 17.92 6.79
N LEU B 358 42.52 19.23 6.65
CA LEU B 358 43.28 19.80 5.53
C LEU B 358 44.77 19.50 5.67
N PHE B 359 45.25 19.32 6.91
CA PHE B 359 46.64 18.94 7.11
C PHE B 359 46.96 17.67 6.36
N LEU B 360 46.00 16.74 6.23
CA LEU B 360 46.27 15.47 5.60
C LEU B 360 46.48 15.56 4.08
N ASN B 361 45.98 16.61 3.43
CA ASN B 361 46.21 16.90 2.00
C ASN B 361 45.99 15.67 1.12
N GLY B 362 44.77 15.15 1.14
CA GLY B 362 44.44 13.95 0.40
C GLY B 362 43.01 13.51 0.64
N THR B 363 42.78 12.20 0.55
CA THR B 363 41.43 11.65 0.72
C THR B 363 40.78 12.12 2.03
N GLY B 364 41.53 12.06 3.13
CA GLY B 364 41.01 12.45 4.43
C GLY B 364 40.69 13.92 4.57
N GLY B 365 41.06 14.73 3.59
CA GLY B 365 40.77 16.15 3.66
C GLY B 365 39.92 16.63 2.51
N GLN B 366 39.19 15.72 1.87
CA GLN B 366 38.25 16.03 0.80
C GLN B 366 36.84 15.77 1.32
N VAL B 367 35.96 16.76 1.15
CA VAL B 367 34.69 16.71 1.88
C VAL B 367 33.85 15.50 1.47
N HIS B 368 33.95 15.03 0.23
CA HIS B 368 33.10 13.91 -0.16
C HIS B 368 33.73 12.55 0.10
N LEU B 369 34.98 12.48 0.59
CA LEU B 369 35.67 11.21 0.77
C LEU B 369 36.21 10.97 2.17
N SER B 370 36.23 11.98 3.05
CA SER B 370 37.14 11.97 4.19
C SER B 370 37.12 10.72 5.05
N PRO B 371 35.98 10.06 5.35
CA PRO B 371 36.05 8.85 6.19
C PRO B 371 36.78 7.68 5.55
N ASN B 372 37.06 7.72 4.24
CA ASN B 372 37.81 6.63 3.62
C ASN B 372 39.19 6.47 4.22
N ASP B 373 39.78 7.56 4.70
CA ASP B 373 41.04 7.49 5.44
C ASP B 373 40.70 7.21 6.91
N PRO B 374 41.12 6.08 7.48
CA PRO B 374 40.69 5.73 8.84
C PRO B 374 41.15 6.69 9.91
N ILE B 375 42.08 7.60 9.61
CA ILE B 375 42.41 8.70 10.52
C ILE B 375 41.15 9.50 10.87
N PHE B 376 40.16 9.53 9.96
CA PHE B 376 38.89 10.18 10.24
C PHE B 376 38.35 9.75 11.61
N VAL B 377 38.38 8.44 11.88
CA VAL B 377 37.83 7.93 13.14
C VAL B 377 38.47 8.63 14.33
N LEU B 378 39.80 8.65 14.34
CA LEU B 378 40.56 9.16 15.47
C LEU B 378 40.50 10.66 15.55
N LEU B 379 40.42 11.31 14.37
CA LEU B 379 40.22 12.76 14.33
C LEU B 379 38.90 13.13 14.97
N HIS B 380 37.88 12.30 14.80
CA HIS B 380 36.57 12.67 15.30
C HIS B 380 36.30 12.21 16.73
N THR B 381 36.97 11.14 17.21
CA THR B 381 36.86 10.84 18.64
C THR B 381 37.51 11.95 19.46
N PHE B 382 38.63 12.48 18.98
CA PHE B 382 39.22 13.61 19.67
C PHE B 382 38.34 14.85 19.60
N THR B 383 37.77 15.16 18.41
CA THR B 383 36.77 16.22 18.31
C THR B 383 35.60 15.96 19.25
N ASP B 384 35.18 14.70 19.36
CA ASP B 384 34.10 14.38 20.28
C ASP B 384 34.51 14.52 21.76
N ALA B 385 35.80 14.31 22.07
CA ALA B 385 36.27 14.56 23.45
C ALA B 385 36.18 16.03 23.80
N VAL B 386 36.58 16.92 22.87
CA VAL B 386 36.45 18.36 23.13
C VAL B 386 34.98 18.72 23.32
N PHE B 387 34.10 18.12 22.52
CA PHE B 387 32.67 18.32 22.68
C PHE B 387 32.19 17.83 24.04
N ASP B 388 32.66 16.65 24.47
CA ASP B 388 32.21 16.15 25.77
C ASP B 388 32.71 17.03 26.91
N GLU B 389 33.95 17.51 26.82
CA GLU B 389 34.45 18.40 27.85
C GLU B 389 33.64 19.70 27.89
N TRP B 390 33.21 20.19 26.72
CA TRP B 390 32.34 21.37 26.71
C TRP B 390 31.02 21.10 27.43
N LEU B 391 30.42 19.93 27.19
CA LEU B 391 29.15 19.58 27.83
C LEU B 391 29.28 19.53 29.34
N ARG B 392 30.39 18.98 29.84
CA ARG B 392 30.62 18.94 31.29
C ARG B 392 30.77 20.36 31.84
N ARG B 393 31.56 21.18 31.16
CA ARG B 393 31.97 22.47 31.69
C ARG B 393 30.86 23.52 31.65
N TYR B 394 29.91 23.42 30.71
CA TYR B 394 28.79 24.33 30.64
C TYR B 394 27.46 23.64 30.95
N ASN B 395 27.51 22.53 31.68
CA ASN B 395 26.31 21.85 32.17
C ASN B 395 25.35 21.54 31.03
N ALA B 396 25.90 21.11 29.90
CA ALA B 396 25.11 20.65 28.76
C ALA B 396 23.98 21.62 28.43
N ASP B 397 24.33 22.91 28.39
CA ASP B 397 23.37 23.99 28.13
C ASP B 397 22.99 23.98 26.66
N ILE B 398 21.80 23.43 26.36
CA ILE B 398 21.37 23.26 24.97
C ILE B 398 20.58 24.47 24.47
N SER B 399 20.45 25.52 25.28
CA SER B 399 19.49 26.59 24.99
C SER B 399 19.81 27.32 23.69
N THR B 400 21.09 27.36 23.28
CA THR B 400 21.44 28.01 22.02
C THR B 400 21.35 27.08 20.82
N PHE B 401 21.07 25.80 21.02
CA PHE B 401 20.85 24.87 19.91
C PHE B 401 19.49 25.17 19.31
N PRO B 402 19.39 25.75 18.12
CA PRO B 402 18.11 26.29 17.67
C PRO B 402 17.12 25.18 17.39
N LEU B 403 15.86 25.46 17.75
CA LEU B 403 14.75 24.57 17.38
C LEU B 403 14.29 24.80 15.95
N GLU B 404 14.56 25.97 15.38
CA GLU B 404 14.15 26.26 14.03
C GLU B 404 15.08 27.29 13.40
N ASN B 405 14.99 27.40 12.08
CA ASN B 405 15.69 28.37 11.23
C ASN B 405 17.17 28.05 11.08
N ALA B 406 17.62 26.89 11.56
CA ALA B 406 18.97 26.41 11.25
C ALA B 406 19.03 25.88 9.83
N PRO B 407 20.24 25.70 9.27
CA PRO B 407 20.34 25.03 7.97
C PRO B 407 19.63 23.68 8.02
N ILE B 408 19.08 23.27 6.88
CA ILE B 408 18.23 22.08 6.87
C ILE B 408 19.06 20.89 7.36
N GLY B 409 18.45 20.07 8.22
CA GLY B 409 19.11 18.98 8.91
C GLY B 409 19.64 19.31 10.27
N HIS B 410 19.69 20.59 10.64
CA HIS B 410 20.38 21.03 11.84
C HIS B 410 19.45 21.55 12.93
N ASN B 411 18.14 21.58 12.70
CA ASN B 411 17.25 21.91 13.80
C ASN B 411 17.42 20.88 14.92
N ARG B 412 17.23 21.32 16.17
CA ARG B 412 17.54 20.47 17.30
C ARG B 412 16.81 19.14 17.22
N GLN B 413 15.54 19.14 16.79
CA GLN B 413 14.76 17.92 16.75
C GLN B 413 14.81 17.21 15.39
N TYR B 414 15.66 17.65 14.47
CA TYR B 414 15.82 16.92 13.23
C TYR B 414 16.36 15.52 13.50
N ASN B 415 15.84 14.53 12.79
CA ASN B 415 16.41 13.20 12.84
C ASN B 415 17.70 13.20 12.01
N MET B 416 18.83 12.94 12.66
CA MET B 416 20.13 13.06 12.01
C MET B 416 20.25 12.10 10.83
N VAL B 417 20.60 12.65 9.67
CA VAL B 417 20.52 11.95 8.38
C VAL B 417 21.81 11.20 8.01
N PRO B 418 21.69 9.92 7.58
CA PRO B 418 20.53 9.06 7.38
C PRO B 418 20.40 7.96 8.44
N PHE B 419 20.53 8.28 9.70
CA PHE B 419 20.65 7.23 10.70
C PHE B 419 19.30 6.57 10.98
N TRP B 420 19.34 5.25 11.17
CA TRP B 420 18.17 4.44 11.47
C TRP B 420 18.49 3.52 12.63
N PRO B 421 17.57 3.38 13.60
CA PRO B 421 16.28 4.09 13.72
C PRO B 421 16.40 5.60 13.99
N PRO B 422 15.33 6.37 13.74
CA PRO B 422 15.43 7.83 13.86
C PRO B 422 16.02 8.26 15.19
N VAL B 423 16.98 9.18 15.13
CA VAL B 423 17.67 9.69 16.32
C VAL B 423 17.91 11.19 16.13
N THR B 424 17.50 12.00 17.12
CA THR B 424 17.56 13.45 17.06
C THR B 424 18.88 13.99 17.62
N ASN B 425 19.19 15.23 17.25
CA ASN B 425 20.38 15.88 17.80
C ASN B 425 20.33 15.96 19.31
N THR B 426 19.12 16.19 19.87
CA THR B 426 18.97 16.27 21.33
C THR B 426 19.47 15.03 22.03
N GLU B 427 19.24 13.85 21.45
CA GLU B 427 19.62 12.61 22.14
C GLU B 427 21.11 12.50 22.35
N MET B 428 21.92 13.16 21.51
CA MET B 428 23.38 13.12 21.63
C MET B 428 23.93 14.30 22.43
N PHE B 429 23.09 15.30 22.73
CA PHE B 429 23.54 16.49 23.46
C PHE B 429 23.51 16.23 24.98
N VAL B 430 24.28 15.23 25.40
CA VAL B 430 24.39 14.78 26.78
C VAL B 430 25.84 14.41 27.09
N THR B 431 26.22 14.56 28.35
CA THR B 431 27.55 14.09 28.77
C THR B 431 27.62 12.58 28.62
N ALA B 432 28.62 12.10 27.89
CA ALA B 432 28.69 10.69 27.53
C ALA B 432 28.86 9.72 28.72
N PRO B 433 29.65 10.01 29.77
CA PRO B 433 29.89 8.96 30.77
C PRO B 433 28.62 8.51 31.48
N ASP B 434 27.74 9.44 31.83
CA ASP B 434 26.51 9.07 32.51
C ASP B 434 25.38 8.71 31.56
N ASN B 435 25.49 9.07 30.29
CA ASN B 435 24.35 8.90 29.41
C ASN B 435 24.59 8.00 28.21
N LEU B 436 25.83 7.89 27.71
CA LEU B 436 26.09 7.11 26.50
C LEU B 436 27.07 5.98 26.76
N GLY B 437 27.53 5.82 27.98
CA GLY B 437 28.32 4.65 28.35
C GLY B 437 29.77 4.68 27.96
N TYR B 438 30.35 5.86 27.72
CA TYR B 438 31.76 5.95 27.39
C TYR B 438 32.34 7.25 27.92
N THR B 439 33.66 7.25 28.09
CA THR B 439 34.37 8.41 28.57
C THR B 439 35.74 8.45 27.91
N TYR B 440 36.43 9.57 28.09
CA TYR B 440 37.75 9.80 27.53
C TYR B 440 38.81 9.82 28.62
N GLU B 441 39.88 9.05 28.44
CA GLU B 441 41.08 9.21 29.25
C GLU B 441 41.89 10.37 28.66
N ILE B 442 41.80 11.54 29.29
CA ILE B 442 42.38 12.74 28.70
C ILE B 442 42.53 13.79 29.79
N GLN B 443 43.52 14.67 29.61
CA GLN B 443 43.75 15.84 30.46
C GLN B 443 43.83 17.07 29.56
N TRP B 444 43.28 18.20 30.04
CA TRP B 444 43.13 19.36 29.15
C TRP B 444 44.13 20.46 29.48
N PRO B 445 44.68 21.12 28.45
CA PRO B 445 45.71 22.16 28.69
C PRO B 445 45.16 23.37 29.43
N SER B 446 45.88 23.79 30.48
CA SER B 446 45.85 25.16 31.03
C SER B 446 46.64 25.20 32.34
N GLN C 1 -15.22 -34.80 -2.63
CA GLN C 1 -16.47 -35.58 -2.46
C GLN C 1 -16.79 -35.73 -0.99
N PHE C 2 -17.49 -36.81 -0.51
CA PHE C 2 -17.97 -36.68 0.88
C PHE C 2 -17.30 -37.67 1.83
N PRO C 3 -17.16 -37.31 3.11
CA PRO C 3 -16.68 -38.28 4.11
C PRO C 3 -17.56 -39.52 4.15
N ARG C 4 -16.93 -40.66 4.42
CA ARG C 4 -17.65 -41.92 4.43
C ARG C 4 -18.71 -41.94 5.53
N GLN C 5 -18.54 -41.15 6.60
CA GLN C 5 -19.56 -41.07 7.64
C GLN C 5 -20.77 -40.25 7.23
N CYS C 6 -20.64 -39.47 6.16
CA CYS C 6 -21.75 -38.70 5.61
C CYS C 6 -22.38 -39.38 4.40
N ALA C 7 -21.77 -40.46 3.90
CA ALA C 7 -22.33 -41.21 2.78
C ALA C 7 -23.32 -42.27 3.26
N THR C 8 -24.23 -41.89 4.17
CA THR C 8 -25.20 -42.79 4.75
C THR C 8 -26.60 -42.28 4.45
N VAL C 9 -27.60 -43.15 4.70
CA VAL C 9 -28.99 -42.75 4.50
C VAL C 9 -29.33 -41.59 5.42
N GLU C 10 -29.13 -41.80 6.73
CA GLU C 10 -29.44 -40.79 7.74
C GLU C 10 -28.81 -39.44 7.42
N ALA C 11 -27.55 -39.42 6.95
CA ALA C 11 -26.86 -38.16 6.70
C ALA C 11 -27.45 -37.43 5.51
N LEU C 12 -27.70 -38.15 4.42
CA LEU C 12 -28.29 -37.52 3.24
C LEU C 12 -29.73 -37.07 3.50
N ARG C 13 -30.47 -37.80 4.33
CA ARG C 13 -31.81 -37.35 4.68
C ARG C 13 -31.76 -36.06 5.48
N SER C 14 -30.87 -36.00 6.47
CA SER C 14 -30.80 -34.81 7.31
C SER C 14 -30.24 -33.60 6.56
N GLY C 15 -29.56 -33.81 5.44
CA GLY C 15 -28.89 -32.71 4.78
C GLY C 15 -27.71 -32.15 5.53
N MET C 16 -27.24 -32.84 6.56
CA MET C 16 -26.17 -32.40 7.42
C MET C 16 -24.97 -33.33 7.28
N CYS C 17 -23.81 -32.77 6.97
CA CYS C 17 -22.53 -33.50 6.99
C CYS C 17 -21.63 -32.87 8.05
N CYS C 18 -21.77 -33.34 9.29
CA CYS C 18 -21.03 -32.80 10.42
C CYS C 18 -20.56 -33.94 11.30
N PRO C 19 -19.57 -34.71 10.83
CA PRO C 19 -19.19 -35.90 11.59
C PRO C 19 -18.46 -35.52 12.87
N ASP C 20 -18.50 -36.45 13.82
CA ASP C 20 -17.86 -36.29 15.11
C ASP C 20 -16.34 -36.33 14.99
N LEU C 21 -15.67 -35.71 15.97
CA LEU C 21 -14.22 -35.83 16.14
C LEU C 21 -13.86 -36.85 17.22
N SER C 22 -14.09 -36.50 18.49
CA SER C 22 -13.81 -37.40 19.62
C SER C 22 -15.05 -37.57 20.50
N PRO C 23 -15.93 -38.50 20.16
CA PRO C 23 -17.13 -38.73 20.98
C PRO C 23 -16.96 -39.79 22.08
N VAL C 24 -17.33 -39.42 23.32
CA VAL C 24 -17.58 -40.25 24.51
C VAL C 24 -18.84 -39.86 25.29
N SER C 25 -19.84 -39.29 24.61
CA SER C 25 -21.21 -39.41 25.12
C SER C 25 -22.11 -40.08 24.07
N GLY C 26 -21.53 -40.64 23.00
CA GLY C 26 -22.30 -41.22 21.94
C GLY C 26 -22.09 -40.41 20.68
N PRO C 27 -22.70 -40.84 19.59
CA PRO C 27 -22.64 -40.05 18.35
C PRO C 27 -23.29 -38.68 18.54
N GLY C 28 -22.85 -37.73 17.71
CA GLY C 28 -23.39 -36.38 17.85
C GLY C 28 -22.88 -35.63 19.05
N THR C 29 -21.84 -36.14 19.72
CA THR C 29 -21.30 -35.58 20.96
C THR C 29 -20.15 -34.61 20.75
N ASP C 30 -19.41 -34.75 19.65
CA ASP C 30 -18.27 -33.89 19.36
C ASP C 30 -18.28 -33.55 17.88
N ARG C 31 -19.47 -33.18 17.38
CA ARG C 31 -19.58 -32.82 15.97
C ARG C 31 -18.64 -31.66 15.71
N CYS C 32 -17.79 -31.83 14.71
CA CYS C 32 -16.85 -30.80 14.28
C CYS C 32 -15.88 -30.40 15.38
N GLY C 33 -15.63 -31.29 16.33
CA GLY C 33 -14.76 -30.96 17.45
C GLY C 33 -15.25 -29.83 18.33
N SER C 34 -16.57 -29.68 18.47
CA SER C 34 -17.10 -28.56 19.23
C SER C 34 -16.83 -28.66 20.73
N SER C 35 -16.59 -29.85 21.28
CA SER C 35 -16.28 -29.86 22.71
C SER C 35 -14.85 -29.39 22.97
N SER C 36 -13.91 -29.63 22.06
CA SER C 36 -12.74 -28.78 22.12
C SER C 36 -13.10 -27.47 21.44
N GLY C 37 -12.15 -26.58 21.29
CA GLY C 37 -12.56 -25.35 20.66
C GLY C 37 -12.46 -25.36 19.15
N ARG C 38 -12.54 -26.54 18.52
CA ARG C 38 -12.00 -26.68 17.16
C ARG C 38 -12.97 -26.23 16.07
N GLY C 39 -14.28 -26.42 16.26
CA GLY C 39 -15.22 -25.97 15.24
C GLY C 39 -16.65 -26.27 15.65
N ARG C 40 -17.57 -25.99 14.74
CA ARG C 40 -18.97 -26.27 14.97
C ARG C 40 -19.67 -26.58 13.66
N CYS C 41 -20.79 -27.29 13.76
CA CYS C 41 -21.68 -27.50 12.64
C CYS C 41 -22.49 -26.23 12.41
N GLU C 42 -22.51 -25.73 11.17
CA GLU C 42 -23.31 -24.54 10.86
C GLU C 42 -23.75 -24.61 9.41
N ALA C 43 -24.61 -23.66 9.04
CA ALA C 43 -25.17 -23.63 7.69
C ALA C 43 -24.08 -23.42 6.65
N VAL C 44 -24.27 -24.06 5.50
CA VAL C 44 -23.38 -23.88 4.36
C VAL C 44 -23.62 -22.52 3.76
N THR C 45 -22.54 -21.80 3.45
CA THR C 45 -22.59 -20.59 2.65
C THR C 45 -22.28 -20.96 1.21
N ALA C 46 -23.22 -20.69 0.30
CA ALA C 46 -23.04 -21.01 -1.11
C ALA C 46 -23.28 -19.79 -1.97
N ASP C 47 -22.64 -19.75 -3.14
CA ASP C 47 -22.78 -18.61 -4.02
C ASP C 47 -24.15 -18.65 -4.67
N SER C 48 -24.88 -17.55 -4.60
CA SER C 48 -26.17 -17.48 -5.26
C SER C 48 -26.17 -16.46 -6.39
N ARG C 49 -25.03 -15.84 -6.69
CA ARG C 49 -24.98 -14.84 -7.73
C ARG C 49 -25.19 -15.49 -9.09
N PRO C 50 -25.64 -14.73 -10.08
CA PRO C 50 -25.88 -15.32 -11.39
C PRO C 50 -24.59 -15.63 -12.12
N HIS C 51 -24.67 -16.64 -12.96
CA HIS C 51 -23.58 -17.07 -13.81
C HIS C 51 -23.93 -16.65 -15.23
N SER C 52 -23.00 -16.88 -16.15
CA SER C 52 -23.20 -16.51 -17.54
C SER C 52 -24.36 -17.29 -18.13
N PRO C 53 -24.99 -16.77 -19.19
CA PRO C 53 -26.10 -17.50 -19.83
C PRO C 53 -25.65 -18.74 -20.59
N GLN C 54 -24.36 -19.04 -20.63
CA GLN C 54 -23.90 -20.22 -21.37
C GLN C 54 -24.48 -21.51 -20.80
N TYR C 55 -24.68 -21.57 -19.50
CA TYR C 55 -25.27 -22.76 -18.91
C TYR C 55 -26.76 -22.50 -18.72
N PRO C 56 -27.63 -23.12 -19.52
CA PRO C 56 -29.07 -22.85 -19.42
C PRO C 56 -29.87 -23.87 -18.62
N HIS C 57 -29.23 -24.80 -17.92
CA HIS C 57 -29.93 -25.93 -17.34
C HIS C 57 -30.01 -25.87 -15.82
N ASP C 58 -30.18 -24.67 -15.28
CA ASP C 58 -30.37 -24.50 -13.84
C ASP C 58 -31.52 -25.37 -13.35
N GLY C 59 -31.27 -26.09 -12.27
CA GLY C 59 -32.20 -27.04 -11.69
C GLY C 59 -31.96 -28.47 -12.10
N ARG C 60 -31.04 -28.73 -13.04
CA ARG C 60 -30.86 -30.07 -13.57
C ARG C 60 -29.59 -30.80 -13.12
N ASP C 61 -28.58 -30.10 -12.59
CA ASP C 61 -27.26 -30.68 -12.35
C ASP C 61 -26.92 -30.55 -10.87
N ASP C 62 -26.49 -31.65 -10.24
CA ASP C 62 -26.16 -31.66 -8.82
C ASP C 62 -25.00 -30.73 -8.48
N ARG C 63 -24.24 -30.26 -9.47
CA ARG C 63 -23.08 -29.43 -9.20
C ARG C 63 -23.43 -27.97 -9.01
N GLU C 64 -24.64 -27.57 -9.38
CA GLU C 64 -25.07 -26.19 -9.20
C GLU C 64 -25.13 -25.85 -7.72
N VAL C 65 -24.79 -24.61 -7.39
CA VAL C 65 -24.79 -24.05 -6.03
C VAL C 65 -24.18 -25.07 -5.05
N TRP C 66 -23.03 -25.63 -5.44
CA TRP C 66 -22.32 -26.63 -4.64
C TRP C 66 -22.08 -26.15 -3.23
N PRO C 67 -22.37 -27.00 -2.24
CA PRO C 67 -22.86 -28.38 -2.34
C PRO C 67 -24.34 -28.59 -1.94
N LEU C 68 -25.17 -27.57 -2.13
CA LEU C 68 -26.49 -27.57 -1.50
C LEU C 68 -27.40 -28.69 -1.99
N ARG C 69 -27.09 -29.34 -3.12
CA ARG C 69 -27.96 -30.42 -3.55
C ARG C 69 -27.77 -31.67 -2.72
N PHE C 70 -26.75 -31.70 -1.85
CA PHE C 70 -26.48 -32.82 -0.97
C PHE C 70 -26.50 -32.42 0.49
N PHE C 71 -25.88 -31.31 0.86
CA PHE C 71 -25.83 -30.91 2.26
C PHE C 71 -25.92 -29.40 2.37
N ASN C 72 -26.65 -28.91 3.38
CA ASN C 72 -26.69 -27.49 3.67
C ASN C 72 -26.13 -27.18 5.05
N ARG C 73 -25.52 -28.16 5.70
CA ARG C 73 -24.85 -27.96 6.98
C ARG C 73 -23.53 -28.72 6.95
N THR C 74 -22.48 -28.04 7.39
CA THR C 74 -21.11 -28.54 7.29
C THR C 74 -20.36 -28.18 8.55
N CYS C 75 -19.20 -28.78 8.72
CA CYS C 75 -18.30 -28.36 9.78
C CYS C 75 -17.63 -27.09 9.31
N HIS C 76 -17.61 -26.07 10.18
CA HIS C 76 -16.81 -24.86 9.99
C HIS C 76 -15.84 -24.73 11.14
N CYS C 77 -14.56 -24.65 10.82
CA CYS C 77 -13.50 -24.78 11.81
C CYS C 77 -12.98 -23.43 12.30
N ASN C 78 -12.64 -23.38 13.58
CA ASN C 78 -12.08 -22.18 14.21
C ASN C 78 -10.58 -22.05 13.95
N GLY C 79 -10.11 -20.80 13.91
CA GLY C 79 -8.70 -20.50 13.86
C GLY C 79 -7.92 -21.16 12.74
N ASN C 80 -6.92 -21.96 13.11
CA ASN C 80 -6.12 -22.67 12.11
C ASN C 80 -6.36 -24.17 12.17
N PHE C 81 -7.48 -24.58 12.76
CA PHE C 81 -8.02 -25.93 12.60
C PHE C 81 -8.67 -26.07 11.22
N SER C 82 -8.76 -27.31 10.77
CA SER C 82 -9.26 -27.57 9.43
C SER C 82 -9.73 -29.01 9.37
N GLY C 83 -10.30 -29.39 8.23
CA GLY C 83 -10.70 -30.77 7.97
C GLY C 83 -12.20 -30.98 8.12
N HIS C 84 -12.65 -32.12 7.56
CA HIS C 84 -14.08 -32.44 7.52
C HIS C 84 -14.72 -32.43 8.90
N ASN C 85 -13.98 -32.80 9.94
CA ASN C 85 -14.51 -32.73 11.31
C ASN C 85 -13.64 -31.84 12.18
N CYS C 86 -12.89 -30.92 11.56
CA CYS C 86 -12.04 -29.95 12.24
C CYS C 86 -10.92 -30.60 13.03
N GLY C 87 -10.58 -31.85 12.68
CA GLY C 87 -9.58 -32.58 13.42
C GLY C 87 -8.15 -32.42 12.94
N THR C 88 -7.89 -31.58 11.96
CA THR C 88 -6.51 -31.37 11.51
C THR C 88 -6.28 -29.85 11.51
N CYS C 89 -5.24 -29.41 10.84
CA CYS C 89 -4.81 -28.02 10.81
C CYS C 89 -4.88 -27.49 9.39
N ARG C 90 -4.94 -26.16 9.26
CA ARG C 90 -4.85 -25.54 7.96
C ARG C 90 -3.44 -25.71 7.36
N PRO C 91 -3.32 -25.64 6.03
CA PRO C 91 -2.00 -25.76 5.40
C PRO C 91 -0.97 -24.84 6.05
N GLY C 92 0.18 -25.40 6.36
CA GLY C 92 1.22 -24.62 7.00
C GLY C 92 1.23 -24.68 8.52
N TRP C 93 0.39 -25.49 9.14
CA TRP C 93 0.32 -25.58 10.60
C TRP C 93 0.23 -27.03 11.01
N ARG C 94 0.86 -27.36 12.13
CA ARG C 94 0.83 -28.70 12.70
C ARG C 94 0.71 -28.60 14.21
N GLY C 95 0.47 -29.74 14.84
CA GLY C 95 0.32 -29.78 16.28
C GLY C 95 -1.13 -29.91 16.70
N ALA C 96 -1.32 -30.44 17.92
CA ALA C 96 -2.66 -30.60 18.45
C ALA C 96 -3.41 -29.27 18.51
N ALA C 97 -2.70 -28.17 18.71
CA ALA C 97 -3.27 -26.83 18.76
C ALA C 97 -3.07 -26.05 17.46
N CYS C 98 -2.50 -26.67 16.44
CA CYS C 98 -2.27 -26.08 15.12
C CYS C 98 -1.51 -24.77 15.22
N ASP C 99 -0.49 -24.75 16.08
CA ASP C 99 0.29 -23.55 16.33
C ASP C 99 1.77 -23.76 16.04
N GLN C 100 2.12 -24.90 15.43
CA GLN C 100 3.49 -25.20 15.04
C GLN C 100 3.57 -24.97 13.53
N ARG C 101 4.27 -23.92 13.12
CA ARG C 101 4.32 -23.55 11.71
C ARG C 101 5.26 -24.48 10.96
N VAL C 102 4.86 -24.89 9.76
CA VAL C 102 5.75 -25.63 8.87
C VAL C 102 5.67 -24.97 7.50
N LEU C 103 6.73 -25.11 6.72
CA LEU C 103 6.80 -24.54 5.38
C LEU C 103 7.49 -25.54 4.47
N ILE C 104 6.75 -26.13 3.55
CA ILE C 104 7.34 -27.09 2.65
C ILE C 104 7.75 -26.39 1.34
N VAL C 105 8.66 -27.03 0.62
CA VAL C 105 9.28 -26.45 -0.57
C VAL C 105 8.98 -27.38 -1.74
N ARG C 106 8.36 -26.83 -2.78
CA ARG C 106 8.16 -27.57 -4.02
C ARG C 106 9.32 -27.25 -4.96
N ARG C 107 10.03 -28.29 -5.38
CA ARG C 107 11.28 -28.16 -6.11
C ARG C 107 11.13 -28.78 -7.48
N ASN C 108 12.04 -28.39 -8.38
CA ASN C 108 12.11 -29.02 -9.69
C ASN C 108 12.43 -30.49 -9.53
N LEU C 109 11.62 -31.35 -10.15
CA LEU C 109 11.79 -32.79 -9.99
C LEU C 109 13.18 -33.22 -10.45
N LEU C 110 13.74 -32.55 -11.47
CA LEU C 110 15.06 -32.92 -11.98
C LEU C 110 16.18 -32.57 -11.01
N ASP C 111 15.93 -31.66 -10.07
CA ASP C 111 16.92 -31.29 -9.06
C ASP C 111 16.90 -32.20 -7.84
N LEU C 112 16.01 -33.19 -7.79
CA LEU C 112 15.96 -34.03 -6.60
C LEU C 112 17.08 -35.07 -6.66
N SER C 113 17.45 -35.57 -5.48
CA SER C 113 18.46 -36.61 -5.42
C SER C 113 17.92 -37.91 -5.99
N LYS C 114 18.82 -38.86 -6.19
CA LYS C 114 18.44 -40.16 -6.70
C LYS C 114 17.49 -40.85 -5.74
N GLU C 115 17.72 -40.69 -4.44
CA GLU C 115 16.82 -41.28 -3.46
C GLU C 115 15.52 -40.47 -3.34
N GLU C 116 15.56 -39.14 -3.49
CA GLU C 116 14.31 -38.38 -3.47
C GLU C 116 13.43 -38.69 -4.68
N LYS C 117 14.04 -38.84 -5.85
CA LYS C 117 13.29 -39.23 -7.06
C LYS C 117 12.60 -40.57 -6.87
N ASN C 118 13.33 -41.57 -6.37
CA ASN C 118 12.74 -42.88 -6.17
C ASN C 118 11.61 -42.83 -5.14
N HIS C 119 11.78 -42.02 -4.10
CA HIS C 119 10.77 -41.91 -3.06
C HIS C 119 9.49 -41.25 -3.60
N PHE C 120 9.64 -40.25 -4.47
CA PHE C 120 8.47 -39.63 -5.07
C PHE C 120 7.71 -40.61 -5.96
N VAL C 121 8.43 -41.37 -6.80
CA VAL C 121 7.78 -42.30 -7.74
C VAL C 121 7.02 -43.35 -6.97
N ARG C 122 7.63 -43.86 -5.90
CA ARG C 122 6.97 -44.88 -5.09
C ARG C 122 5.85 -44.35 -4.20
N ALA C 123 5.93 -43.08 -3.79
CA ALA C 123 4.81 -42.50 -3.06
C ALA C 123 3.58 -42.38 -3.96
N LEU C 124 3.79 -41.93 -5.19
CA LEU C 124 2.69 -41.87 -6.15
C LEU C 124 2.07 -43.24 -6.36
N ASP C 125 2.92 -44.26 -6.57
CA ASP C 125 2.39 -45.60 -6.82
C ASP C 125 1.61 -46.10 -5.60
N MET C 126 2.11 -45.79 -4.41
CA MET C 126 1.40 -46.17 -3.20
C MET C 126 0.05 -45.45 -3.11
N ALA C 127 0.00 -44.16 -3.48
CA ALA C 127 -1.28 -43.43 -3.48
C ALA C 127 -2.26 -44.01 -4.49
N LYS C 128 -1.72 -44.57 -5.58
CA LYS C 128 -2.57 -45.19 -6.60
C LYS C 128 -3.24 -46.45 -6.08
N ARG C 129 -2.60 -47.14 -5.15
CA ARG C 129 -3.09 -48.43 -4.68
C ARG C 129 -3.82 -48.33 -3.37
N THR C 130 -3.59 -47.28 -2.60
CA THR C 130 -4.05 -47.20 -1.22
C THR C 130 -5.41 -46.51 -1.14
N THR C 131 -6.37 -47.19 -0.52
CA THR C 131 -7.72 -46.63 -0.35
C THR C 131 -7.70 -45.30 0.40
N HIS C 132 -8.44 -44.34 -0.11
CA HIS C 132 -8.56 -43.08 0.60
C HIS C 132 -9.26 -43.31 1.92
N PRO C 133 -8.67 -42.93 3.05
CA PRO C 133 -9.31 -43.22 4.34
C PRO C 133 -10.57 -42.43 4.59
N LEU C 134 -10.75 -41.27 3.94
CA LEU C 134 -11.83 -40.37 4.29
C LEU C 134 -12.93 -40.34 3.24
N PHE C 135 -12.58 -40.10 1.98
CA PHE C 135 -13.57 -39.81 0.97
C PHE C 135 -14.03 -41.07 0.24
N VAL C 136 -15.33 -41.13 -0.06
CA VAL C 136 -15.89 -42.12 -0.99
C VAL C 136 -16.56 -41.35 -2.12
N ILE C 137 -16.68 -41.98 -3.28
CA ILE C 137 -17.22 -41.29 -4.45
C ILE C 137 -18.58 -41.85 -4.85
N ALA C 138 -19.47 -40.97 -5.29
CA ALA C 138 -20.78 -41.38 -5.76
C ALA C 138 -20.68 -41.98 -7.16
N THR C 139 -21.45 -43.04 -7.39
CA THR C 139 -21.58 -43.67 -8.69
C THR C 139 -22.89 -43.34 -9.38
N ARG C 140 -23.78 -42.61 -8.69
CA ARG C 140 -25.07 -42.19 -9.23
C ARG C 140 -25.31 -40.73 -8.92
N ARG C 141 -26.16 -40.11 -9.74
CA ARG C 141 -26.62 -38.76 -9.47
C ARG C 141 -27.57 -38.77 -8.27
N SER C 142 -27.95 -37.57 -7.84
CA SER C 142 -28.63 -37.43 -6.55
C SER C 142 -29.98 -38.16 -6.48
N GLU C 143 -30.73 -38.21 -7.58
CA GLU C 143 -32.03 -38.90 -7.56
C GLU C 143 -31.90 -40.38 -7.26
N GLU C 144 -30.85 -41.02 -7.76
CA GLU C 144 -30.65 -42.45 -7.54
C GLU C 144 -29.58 -42.72 -6.49
N ILE C 145 -29.23 -41.72 -5.69
CA ILE C 145 -28.06 -41.84 -4.82
C ILE C 145 -28.31 -42.87 -3.72
N LEU C 146 -29.57 -43.09 -3.34
CA LEU C 146 -29.88 -44.06 -2.30
C LEU C 146 -30.25 -45.43 -2.88
N GLY C 147 -30.05 -45.63 -4.17
CA GLY C 147 -30.12 -46.95 -4.75
C GLY C 147 -31.51 -47.38 -5.15
N PRO C 148 -31.62 -48.56 -5.78
CA PRO C 148 -32.96 -49.06 -6.18
C PRO C 148 -33.91 -49.23 -5.01
N ASP C 149 -33.48 -49.83 -3.91
CA ASP C 149 -34.37 -50.03 -2.78
C ASP C 149 -34.48 -48.79 -1.90
N GLY C 150 -33.83 -47.68 -2.25
CA GLY C 150 -33.91 -46.49 -1.44
C GLY C 150 -33.21 -46.55 -0.10
N ASN C 151 -32.42 -47.59 0.15
CA ASN C 151 -31.72 -47.75 1.43
C ASN C 151 -30.26 -48.16 1.23
N THR C 152 -29.73 -48.00 0.03
CA THR C 152 -28.36 -48.41 -0.27
C THR C 152 -27.60 -47.28 -0.94
N PRO C 153 -26.82 -46.50 -0.19
CA PRO C 153 -26.09 -45.39 -0.79
C PRO C 153 -25.15 -45.85 -1.91
N GLN C 154 -25.15 -45.11 -3.00
CA GLN C 154 -24.42 -45.47 -4.21
C GLN C 154 -23.02 -44.83 -4.22
N PHE C 155 -22.24 -45.18 -3.20
CA PHE C 155 -20.87 -44.68 -3.02
C PHE C 155 -19.89 -45.84 -2.99
N GLU C 156 -18.68 -45.58 -3.44
CA GLU C 156 -17.63 -46.59 -3.44
C GLU C 156 -16.36 -46.07 -2.80
N ASN C 157 -15.60 -46.98 -2.22
CA ASN C 157 -14.25 -46.62 -1.85
C ASN C 157 -13.42 -46.36 -3.10
N ILE C 158 -12.31 -45.65 -2.91
CA ILE C 158 -11.48 -45.24 -4.03
C ILE C 158 -10.09 -44.93 -3.50
N SER C 159 -9.08 -45.11 -4.34
CA SER C 159 -7.72 -44.86 -3.87
C SER C 159 -7.43 -43.36 -3.78
N ILE C 160 -6.36 -43.03 -3.05
CA ILE C 160 -5.96 -41.64 -2.86
C ILE C 160 -5.72 -40.97 -4.19
N TYR C 161 -5.04 -41.66 -5.11
CA TYR C 161 -4.79 -41.04 -6.40
C TYR C 161 -6.02 -41.09 -7.31
N ASN C 162 -6.84 -42.13 -7.24
CA ASN C 162 -8.03 -42.17 -8.08
C ASN C 162 -9.06 -41.13 -7.63
N TYR C 163 -9.11 -40.79 -6.33
CA TYR C 163 -9.96 -39.70 -5.85
C TYR C 163 -9.54 -38.38 -6.47
N PHE C 164 -8.23 -38.15 -6.57
CA PHE C 164 -7.66 -37.02 -7.28
C PHE C 164 -8.11 -36.99 -8.74
N VAL C 165 -8.15 -38.16 -9.40
CA VAL C 165 -8.61 -38.21 -10.79
C VAL C 165 -10.11 -37.94 -10.87
N TRP C 166 -10.88 -38.51 -9.94
CA TRP C 166 -12.33 -38.48 -9.99
C TRP C 166 -12.87 -37.06 -9.77
N THR C 167 -12.30 -36.32 -8.80
CA THR C 167 -12.79 -34.97 -8.56
C THR C 167 -12.59 -34.11 -9.81
N HIS C 168 -11.48 -34.29 -10.51
CA HIS C 168 -11.25 -33.54 -11.74
C HIS C 168 -12.27 -33.92 -12.80
N TYR C 169 -12.49 -35.21 -12.97
CA TYR C 169 -13.49 -35.69 -13.91
C TYR C 169 -14.89 -35.14 -13.56
N TYR C 170 -15.26 -35.19 -12.28
CA TYR C 170 -16.58 -34.75 -11.86
C TYR C 170 -16.78 -33.27 -12.16
N SER C 171 -15.70 -32.49 -12.14
CA SER C 171 -15.81 -31.06 -12.41
C SER C 171 -15.94 -30.74 -13.89
N VAL C 172 -15.59 -31.66 -14.79
CA VAL C 172 -15.69 -31.39 -16.23
C VAL C 172 -16.75 -32.23 -16.92
N LYS C 173 -17.37 -33.18 -16.25
CA LYS C 173 -18.33 -34.07 -16.90
C LYS C 173 -19.54 -33.30 -17.42
N LYS C 174 -20.20 -33.89 -18.41
CA LYS C 174 -21.35 -33.27 -19.07
C LYS C 174 -22.60 -33.34 -18.22
N THR C 175 -23.48 -32.35 -18.37
CA THR C 175 -24.76 -32.39 -17.67
C THR C 175 -25.68 -33.41 -18.34
N PHE C 176 -26.13 -34.41 -17.58
CA PHE C 176 -27.05 -35.42 -18.08
C PHE C 176 -28.47 -34.85 -18.11
N LEU C 177 -29.11 -34.89 -19.28
CA LEU C 177 -30.43 -34.30 -19.45
C LEU C 177 -31.56 -35.32 -19.45
N GLY C 178 -31.26 -36.59 -19.62
CA GLY C 178 -32.24 -37.66 -19.60
C GLY C 178 -31.88 -38.72 -20.64
N VAL C 179 -32.31 -39.95 -20.38
CA VAL C 179 -32.05 -41.03 -21.33
C VAL C 179 -32.69 -40.67 -22.67
N GLY C 180 -31.94 -40.88 -23.75
CA GLY C 180 -32.38 -40.49 -25.06
C GLY C 180 -32.04 -39.08 -25.47
N GLN C 181 -31.75 -38.21 -24.51
CA GLN C 181 -31.29 -36.86 -24.82
C GLN C 181 -29.77 -36.81 -24.80
N GLU C 182 -29.22 -35.86 -25.55
CA GLU C 182 -27.78 -35.71 -25.62
C GLU C 182 -27.31 -34.81 -24.48
N SER C 183 -26.27 -35.24 -23.78
CA SER C 183 -25.79 -34.52 -22.62
C SER C 183 -25.18 -33.18 -22.99
N PHE C 184 -25.32 -32.21 -22.09
CA PHE C 184 -24.87 -30.85 -22.33
C PHE C 184 -23.40 -30.71 -21.93
N GLY C 185 -22.60 -30.18 -22.85
CA GLY C 185 -21.17 -30.19 -22.71
C GLY C 185 -20.49 -28.84 -22.64
N GLU C 186 -21.23 -27.75 -22.76
CA GLU C 186 -20.61 -26.42 -22.69
C GLU C 186 -20.58 -25.91 -21.25
N VAL C 187 -20.03 -26.73 -20.37
CA VAL C 187 -19.97 -26.42 -18.95
C VAL C 187 -18.69 -27.04 -18.39
N ASP C 188 -18.02 -26.31 -17.51
CA ASP C 188 -16.73 -26.77 -16.97
C ASP C 188 -16.49 -26.03 -15.67
N PHE C 189 -16.60 -26.72 -14.56
CA PHE C 189 -16.49 -26.09 -13.27
C PHE C 189 -15.05 -25.81 -12.86
N SER C 190 -14.07 -26.22 -13.68
CA SER C 190 -12.67 -26.06 -13.30
C SER C 190 -11.77 -25.54 -14.41
N HIS C 191 -12.30 -25.25 -15.60
CA HIS C 191 -11.49 -24.75 -16.72
C HIS C 191 -12.25 -23.69 -17.50
N GLU C 192 -11.53 -22.96 -18.34
CA GLU C 192 -12.14 -21.97 -19.23
C GLU C 192 -12.96 -20.96 -18.43
N GLY C 193 -12.31 -20.38 -17.44
CA GLY C 193 -12.90 -19.40 -16.56
C GLY C 193 -11.95 -19.07 -15.44
N PRO C 194 -12.26 -18.01 -14.67
CA PRO C 194 -11.32 -17.50 -13.67
C PRO C 194 -10.92 -18.52 -12.63
N ALA C 195 -11.75 -19.53 -12.36
CA ALA C 195 -11.50 -20.52 -11.32
C ALA C 195 -10.46 -21.57 -11.74
N PHE C 196 -9.89 -21.48 -12.94
CA PHE C 196 -8.94 -22.48 -13.40
C PHE C 196 -7.75 -22.61 -12.45
N LEU C 197 -7.18 -21.47 -12.04
CA LEU C 197 -5.96 -21.50 -11.23
C LEU C 197 -6.24 -21.84 -9.76
N THR C 198 -7.32 -21.30 -9.19
CA THR C 198 -7.63 -21.60 -7.80
C THR C 198 -8.13 -23.03 -7.64
N TRP C 199 -8.91 -23.53 -8.60
CA TRP C 199 -9.37 -24.91 -8.52
C TRP C 199 -8.19 -25.87 -8.52
N HIS C 200 -7.27 -25.71 -9.49
CA HIS C 200 -6.17 -26.65 -9.58
C HIS C 200 -5.19 -26.48 -8.42
N ARG C 201 -5.14 -25.29 -7.82
CA ARG C 201 -4.30 -25.11 -6.64
C ARG C 201 -4.81 -25.96 -5.48
N TYR C 202 -6.13 -25.94 -5.24
CA TYR C 202 -6.70 -26.72 -4.15
C TYR C 202 -6.59 -28.21 -4.44
N HIS C 203 -6.83 -28.62 -5.69
CA HIS C 203 -6.65 -30.00 -6.13
C HIS C 203 -5.29 -30.56 -5.68
N LEU C 204 -4.21 -29.81 -5.98
CA LEU C 204 -2.87 -30.24 -5.58
C LEU C 204 -2.70 -30.25 -4.07
N LEU C 205 -3.22 -29.24 -3.39
CA LEU C 205 -3.11 -29.16 -1.93
C LEU C 205 -3.79 -30.37 -1.27
N ARG C 206 -4.93 -30.78 -1.82
CA ARG C 206 -5.62 -31.95 -1.31
C ARG C 206 -4.78 -33.22 -1.51
N LEU C 207 -4.20 -33.38 -2.70
CA LEU C 207 -3.35 -34.54 -2.94
C LEU C 207 -2.12 -34.52 -2.04
N GLU C 208 -1.45 -33.36 -1.94
CA GLU C 208 -0.25 -33.28 -1.12
C GLU C 208 -0.53 -33.65 0.33
N LYS C 209 -1.63 -33.13 0.88
CA LYS C 209 -1.98 -33.45 2.27
C LYS C 209 -2.29 -34.94 2.41
N ASP C 210 -3.04 -35.52 1.47
CA ASP C 210 -3.35 -36.94 1.55
C ASP C 210 -2.07 -37.78 1.54
N MET C 211 -1.07 -37.39 0.76
CA MET C 211 0.18 -38.15 0.65
C MET C 211 1.08 -37.92 1.86
N GLN C 212 1.09 -36.71 2.43
CA GLN C 212 1.74 -36.52 3.71
C GLN C 212 1.16 -37.44 4.77
N GLU C 213 -0.17 -37.58 4.78
CA GLU C 213 -0.80 -38.45 5.78
C GLU C 213 -0.55 -39.91 5.46
N MET C 214 -0.62 -40.27 4.19
CA MET C 214 -0.36 -41.65 3.79
C MET C 214 1.06 -42.07 4.15
N LEU C 215 2.03 -41.21 3.88
CA LEU C 215 3.41 -41.55 4.16
C LEU C 215 3.82 -41.28 5.60
N GLN C 216 2.96 -40.63 6.38
CA GLN C 216 3.34 -40.13 7.69
C GLN C 216 4.60 -39.28 7.59
N GLU C 217 4.65 -38.41 6.57
CA GLU C 217 5.75 -37.48 6.34
C GLU C 217 5.19 -36.08 6.17
N PRO C 218 5.11 -35.30 7.24
CA PRO C 218 4.48 -33.97 7.15
C PRO C 218 5.17 -33.05 6.15
N SER C 219 6.46 -33.25 5.92
CA SER C 219 7.24 -32.37 5.05
C SER C 219 7.20 -32.81 3.59
N PHE C 220 6.54 -33.93 3.29
CA PHE C 220 6.45 -34.35 1.90
C PHE C 220 5.82 -33.25 1.06
N SER C 221 6.41 -32.99 -0.12
CA SER C 221 5.93 -31.96 -1.01
C SER C 221 5.91 -32.51 -2.43
N LEU C 222 5.04 -31.92 -3.27
CA LEU C 222 4.92 -32.25 -4.69
C LEU C 222 5.93 -31.47 -5.49
N PRO C 223 6.79 -32.13 -6.28
CA PRO C 223 7.71 -31.41 -7.15
C PRO C 223 7.02 -30.88 -8.39
N TYR C 224 7.76 -30.13 -9.21
CA TYR C 224 7.19 -29.63 -10.44
C TYR C 224 8.05 -30.03 -11.64
N TRP C 225 7.42 -29.94 -12.82
CA TRP C 225 8.06 -30.18 -14.11
C TRP C 225 8.11 -28.86 -14.86
N ASN C 226 9.31 -28.34 -15.08
CA ASN C 226 9.45 -27.14 -15.91
C ASN C 226 9.27 -27.57 -17.36
N PHE C 227 8.04 -27.45 -17.87
CA PHE C 227 7.77 -27.81 -19.26
C PHE C 227 8.04 -26.67 -20.22
N ALA C 228 8.51 -25.51 -19.73
CA ALA C 228 8.75 -24.36 -20.59
C ALA C 228 10.20 -24.31 -21.07
N THR C 229 10.61 -25.39 -21.74
CA THR C 229 11.96 -25.51 -22.29
C THR C 229 11.99 -25.45 -23.82
N GLY C 230 10.85 -25.42 -24.47
CA GLY C 230 10.82 -25.51 -25.92
C GLY C 230 11.31 -26.84 -26.47
N LYS C 231 11.37 -27.87 -25.64
CA LYS C 231 11.99 -29.11 -26.06
C LYS C 231 11.04 -29.94 -26.90
N ASN C 232 11.65 -30.82 -27.71
CA ASN C 232 11.00 -31.78 -28.60
C ASN C 232 10.56 -33.02 -27.87
N VAL C 233 11.09 -33.25 -26.67
CA VAL C 233 10.92 -34.48 -25.92
C VAL C 233 10.54 -34.12 -24.49
N CYS C 234 9.98 -35.09 -23.79
CA CYS C 234 9.57 -34.96 -22.39
C CYS C 234 10.78 -35.37 -21.55
N ASP C 235 11.49 -34.38 -20.99
CA ASP C 235 12.73 -34.67 -20.24
C ASP C 235 12.47 -35.30 -18.88
N ILE C 236 11.23 -35.54 -18.48
CA ILE C 236 10.94 -36.32 -17.28
C ILE C 236 10.37 -37.67 -17.64
N CYS C 237 10.36 -38.05 -18.91
CA CYS C 237 9.85 -39.36 -19.29
C CYS C 237 11.02 -40.37 -19.35
N THR C 238 11.55 -40.67 -18.17
CA THR C 238 12.59 -41.69 -18.00
C THR C 238 12.15 -42.68 -16.94
N ASP C 239 12.76 -43.87 -16.96
CA ASP C 239 12.27 -44.96 -16.13
C ASP C 239 12.60 -44.78 -14.66
N ASP C 240 13.45 -43.82 -14.31
CA ASP C 240 13.56 -43.45 -12.91
C ASP C 240 12.56 -42.35 -12.50
N LEU C 241 11.78 -41.81 -13.45
CA LEU C 241 10.81 -40.74 -13.19
C LEU C 241 9.70 -40.78 -14.23
N MET C 242 8.52 -41.23 -13.89
CA MET C 242 7.36 -41.05 -14.80
C MET C 242 7.36 -41.95 -16.03
N GLY C 243 8.49 -42.60 -16.34
CA GLY C 243 8.50 -43.67 -17.32
C GLY C 243 8.82 -43.22 -18.73
N SER C 244 9.66 -43.99 -19.43
CA SER C 244 10.00 -43.70 -20.80
C SER C 244 9.03 -44.44 -21.73
N ARG C 245 9.21 -44.23 -23.04
CA ARG C 245 8.33 -44.85 -24.01
C ARG C 245 8.61 -46.35 -24.10
N SER C 246 7.54 -47.13 -24.20
CA SER C 246 7.71 -48.57 -24.33
C SER C 246 8.29 -48.90 -25.70
N ASN C 247 9.27 -49.82 -25.71
CA ASN C 247 9.87 -50.31 -26.95
C ASN C 247 9.00 -51.32 -27.67
N PHE C 248 7.89 -51.76 -27.08
CA PHE C 248 6.97 -52.70 -27.73
C PHE C 248 5.72 -52.03 -28.27
N ASP C 249 5.39 -50.83 -27.79
CA ASP C 249 4.22 -50.08 -28.23
C ASP C 249 4.56 -48.60 -27.98
N SER C 250 4.76 -47.83 -29.04
CA SER C 250 5.29 -46.49 -28.82
C SER C 250 4.30 -45.55 -28.14
N THR C 251 3.04 -45.98 -27.92
CA THR C 251 2.06 -45.19 -27.19
C THR C 251 1.86 -45.67 -25.75
N LEU C 252 2.62 -46.66 -25.30
CA LEU C 252 2.55 -47.15 -23.92
C LEU C 252 3.79 -46.70 -23.15
N ILE C 253 3.76 -46.91 -21.81
CA ILE C 253 4.88 -46.53 -20.96
C ILE C 253 5.81 -47.73 -20.82
N SER C 254 7.11 -47.48 -20.71
CA SER C 254 8.09 -48.55 -20.54
C SER C 254 7.67 -49.51 -19.43
N PRO C 255 7.63 -50.82 -19.69
CA PRO C 255 7.35 -51.80 -18.62
C PRO C 255 8.38 -51.83 -17.50
N ASN C 256 9.49 -51.11 -17.62
CA ASN C 256 10.43 -50.98 -16.51
C ASN C 256 10.07 -49.84 -15.57
N SER C 257 8.90 -49.21 -15.76
CA SER C 257 8.35 -48.17 -14.90
C SER C 257 7.03 -48.63 -14.29
N VAL C 258 6.81 -48.35 -13.00
CA VAL C 258 5.58 -48.76 -12.33
C VAL C 258 4.34 -48.16 -12.96
N PHE C 259 4.48 -47.03 -13.66
CA PHE C 259 3.30 -46.39 -14.24
C PHE C 259 2.75 -47.15 -15.45
N SER C 260 3.52 -48.10 -16.01
CA SER C 260 2.96 -49.02 -17.00
C SER C 260 1.97 -49.98 -16.37
N GLN C 261 2.03 -50.15 -15.06
CA GLN C 261 1.07 -51.01 -14.38
C GLN C 261 -0.23 -50.29 -14.04
N TRP C 262 -0.23 -48.96 -14.09
CA TRP C 262 -1.44 -48.20 -13.75
C TRP C 262 -2.55 -48.49 -14.76
N ARG C 263 -3.77 -48.58 -14.26
CA ARG C 263 -4.97 -48.70 -15.07
C ARG C 263 -5.94 -47.56 -14.71
N VAL C 264 -6.55 -46.95 -15.72
CA VAL C 264 -7.20 -45.65 -15.57
C VAL C 264 -8.64 -45.78 -15.06
N VAL C 265 -9.15 -44.69 -14.51
CA VAL C 265 -10.56 -44.57 -14.15
C VAL C 265 -11.23 -43.54 -15.05
N CYS C 266 -12.57 -43.65 -15.15
CA CYS C 266 -13.45 -42.66 -15.77
C CYS C 266 -13.37 -42.63 -17.28
N ASP C 267 -12.98 -43.74 -17.93
CA ASP C 267 -12.87 -43.78 -19.38
C ASP C 267 -14.10 -44.40 -20.04
N SER C 268 -15.27 -44.26 -19.43
CA SER C 268 -16.49 -44.81 -20.04
C SER C 268 -17.55 -43.74 -20.27
N LEU C 269 -17.19 -42.71 -21.04
CA LEU C 269 -18.14 -41.65 -21.37
C LEU C 269 -19.37 -42.21 -22.08
N GLU C 270 -19.15 -43.23 -22.93
CA GLU C 270 -20.22 -44.09 -23.44
C GLU C 270 -21.32 -44.34 -22.43
N ASP C 271 -20.94 -44.82 -21.23
CA ASP C 271 -21.94 -45.22 -20.24
C ASP C 271 -22.49 -44.03 -19.46
N TYR C 272 -21.61 -43.13 -19.02
CA TYR C 272 -22.02 -42.03 -18.15
C TYR C 272 -22.99 -41.10 -18.86
N ASP C 273 -22.64 -40.69 -20.09
CA ASP C 273 -23.40 -39.68 -20.84
C ASP C 273 -24.62 -40.25 -21.56
N THR C 274 -24.91 -41.55 -21.43
CA THR C 274 -26.13 -42.11 -21.99
C THR C 274 -27.02 -42.79 -20.97
N LEU C 275 -26.47 -43.32 -19.89
CA LEU C 275 -27.30 -43.90 -18.84
C LEU C 275 -27.45 -43.01 -17.62
N GLY C 276 -26.70 -41.90 -17.54
CA GLY C 276 -26.83 -41.00 -16.40
C GLY C 276 -26.08 -41.42 -15.15
N THR C 277 -25.15 -42.37 -15.27
CA THR C 277 -24.31 -42.86 -14.18
C THR C 277 -23.06 -41.99 -14.03
N LEU C 278 -22.28 -42.29 -13.00
CA LEU C 278 -21.04 -41.56 -12.78
C LEU C 278 -19.85 -42.50 -12.87
N CYS C 279 -18.67 -41.93 -13.17
CA CYS C 279 -17.44 -42.71 -13.09
C CYS C 279 -17.34 -43.39 -11.73
N ASN C 280 -16.98 -44.67 -11.73
CA ASN C 280 -16.79 -45.38 -10.46
C ASN C 280 -15.33 -45.81 -10.35
N SER C 281 -15.03 -46.58 -9.31
CA SER C 281 -13.66 -46.91 -8.95
C SER C 281 -13.09 -48.10 -9.71
N THR C 282 -13.82 -48.66 -10.69
CA THR C 282 -13.31 -49.79 -11.45
C THR C 282 -12.36 -49.30 -12.53
N GLU C 283 -11.13 -49.78 -12.50
CA GLU C 283 -10.13 -49.36 -13.46
C GLU C 283 -10.25 -50.15 -14.76
N ASP C 284 -9.72 -49.58 -15.82
CA ASP C 284 -9.92 -50.20 -17.13
C ASP C 284 -8.58 -50.40 -17.82
N GLY C 285 -8.32 -49.63 -18.88
CA GLY C 285 -7.11 -49.80 -19.65
C GLY C 285 -5.92 -49.03 -19.13
N PRO C 286 -4.80 -49.11 -19.83
CA PRO C 286 -3.56 -48.47 -19.37
C PRO C 286 -3.48 -47.01 -19.77
N ILE C 287 -2.46 -46.34 -19.24
CA ILE C 287 -2.11 -45.00 -19.67
C ILE C 287 -1.58 -45.05 -21.09
N ARG C 288 -2.12 -44.20 -21.95
CA ARG C 288 -1.55 -43.95 -23.27
C ARG C 288 -0.73 -42.67 -23.20
N ARG C 289 0.49 -42.70 -23.71
CA ARG C 289 1.34 -41.51 -23.71
C ARG C 289 2.25 -41.59 -24.91
N ASN C 290 2.35 -40.49 -25.65
CA ASN C 290 3.13 -40.43 -26.88
C ASN C 290 3.67 -39.03 -27.07
N PRO C 291 4.67 -38.64 -26.27
CA PRO C 291 5.14 -37.25 -26.31
C PRO C 291 5.57 -36.84 -27.70
N ALA C 292 5.14 -35.65 -28.12
CA ALA C 292 5.42 -35.06 -29.43
C ALA C 292 4.84 -35.88 -30.58
N GLY C 293 3.91 -36.77 -30.29
CA GLY C 293 3.42 -37.72 -31.27
C GLY C 293 2.21 -37.29 -32.09
N ASN C 294 1.78 -36.04 -31.98
CA ASN C 294 0.62 -35.57 -32.73
C ASN C 294 1.08 -35.05 -34.08
N VAL C 295 1.31 -35.98 -35.02
CA VAL C 295 1.80 -35.60 -36.33
C VAL C 295 0.74 -34.78 -37.08
N ALA C 296 -0.54 -35.06 -36.82
CA ALA C 296 -1.64 -34.34 -37.44
C ALA C 296 -1.73 -32.88 -36.99
N ARG C 297 -0.99 -32.47 -35.98
CA ARG C 297 -1.07 -31.13 -35.39
C ARG C 297 0.32 -30.70 -34.97
N PRO C 298 1.15 -30.25 -35.93
CA PRO C 298 2.54 -29.94 -35.58
C PRO C 298 2.69 -28.88 -34.49
N MET C 299 1.66 -28.06 -34.26
CA MET C 299 1.78 -27.03 -33.24
C MET C 299 1.81 -27.60 -31.83
N VAL C 300 1.28 -28.80 -31.63
CA VAL C 300 1.33 -29.43 -30.32
C VAL C 300 2.43 -30.48 -30.25
N GLN C 301 3.41 -30.44 -31.16
CA GLN C 301 4.54 -31.36 -31.15
C GLN C 301 5.79 -30.75 -30.55
N ARG C 302 5.67 -29.56 -29.93
CA ARG C 302 6.78 -28.92 -29.24
C ARG C 302 6.24 -28.16 -28.03
N LEU C 303 7.02 -28.19 -26.93
CA LEU C 303 6.64 -27.60 -25.65
C LEU C 303 6.82 -26.09 -25.68
N PRO C 304 6.21 -25.38 -24.72
CA PRO C 304 6.36 -23.92 -24.66
C PRO C 304 7.80 -23.48 -24.49
N GLU C 305 8.10 -22.27 -24.96
CA GLU C 305 9.43 -21.71 -24.82
C GLU C 305 9.61 -21.01 -23.48
N PRO C 306 10.86 -20.92 -22.99
CA PRO C 306 11.09 -20.24 -21.71
C PRO C 306 10.55 -18.82 -21.67
N GLN C 307 10.66 -18.10 -22.79
CA GLN C 307 10.17 -16.72 -22.82
C GLN C 307 8.65 -16.65 -22.88
N ASP C 308 7.95 -17.75 -23.18
CA ASP C 308 6.49 -17.73 -23.08
C ASP C 308 6.05 -17.47 -21.65
N VAL C 309 6.76 -18.05 -20.68
CA VAL C 309 6.44 -17.81 -19.28
C VAL C 309 6.74 -16.36 -18.89
N ALA C 310 7.86 -15.83 -19.40
CA ALA C 310 8.20 -14.46 -19.06
C ALA C 310 7.16 -13.48 -19.59
N GLN C 311 6.55 -13.80 -20.73
CA GLN C 311 5.59 -12.90 -21.35
C GLN C 311 4.23 -12.95 -20.65
N CYS C 312 3.75 -14.14 -20.27
CA CYS C 312 2.45 -14.17 -19.63
C CYS C 312 2.48 -13.50 -18.26
N LEU C 313 3.62 -13.55 -17.58
CA LEU C 313 3.76 -12.86 -16.29
C LEU C 313 3.75 -11.33 -16.43
N GLU C 314 3.65 -10.79 -17.64
CA GLU C 314 3.47 -9.36 -17.82
C GLU C 314 2.02 -8.97 -18.12
N VAL C 315 1.13 -9.95 -18.26
CA VAL C 315 -0.29 -9.68 -18.40
C VAL C 315 -0.82 -9.31 -17.01
N GLY C 316 -1.19 -8.04 -16.82
CA GLY C 316 -1.45 -7.48 -15.50
C GLY C 316 -2.85 -7.66 -14.94
N LEU C 317 -3.82 -7.92 -15.81
CA LEU C 317 -5.19 -8.16 -15.38
C LEU C 317 -5.35 -9.66 -15.17
N PHE C 318 -5.85 -10.05 -14.00
CA PHE C 318 -5.95 -11.49 -13.75
C PHE C 318 -6.88 -12.15 -14.75
N ASP C 319 -8.03 -11.54 -15.00
CA ASP C 319 -8.96 -12.04 -15.98
C ASP C 319 -9.77 -10.86 -16.55
N THR C 320 -10.41 -11.09 -17.68
CA THR C 320 -11.19 -10.07 -18.37
C THR C 320 -12.50 -10.66 -18.86
N PRO C 321 -13.55 -9.83 -18.99
CA PRO C 321 -14.80 -10.30 -19.62
C PRO C 321 -14.52 -10.82 -21.04
N PRO C 322 -15.23 -11.85 -21.47
CA PRO C 322 -16.33 -12.53 -20.78
C PRO C 322 -15.91 -13.70 -19.83
N PHE C 323 -14.68 -13.66 -19.29
CA PHE C 323 -14.23 -14.62 -18.27
C PHE C 323 -14.35 -16.07 -18.76
N TYR C 324 -13.82 -16.32 -19.97
CA TYR C 324 -14.03 -17.57 -20.67
C TYR C 324 -12.78 -17.88 -21.49
N SER C 325 -12.85 -18.96 -22.26
CA SER C 325 -11.68 -19.36 -23.02
C SER C 325 -11.37 -18.41 -24.19
N ASN C 326 -12.20 -17.40 -24.46
CA ASN C 326 -11.92 -16.43 -25.51
C ASN C 326 -11.61 -15.05 -24.93
N SER C 327 -11.36 -14.94 -23.63
CA SER C 327 -10.93 -13.67 -23.05
C SER C 327 -9.60 -13.26 -23.65
N THR C 328 -9.42 -11.95 -23.87
CA THR C 328 -8.15 -11.39 -24.31
C THR C 328 -7.54 -10.51 -23.21
N ASN C 329 -6.20 -10.43 -23.20
CA ASN C 329 -5.44 -9.68 -22.20
C ASN C 329 -5.73 -10.16 -20.77
N SER C 330 -6.10 -11.43 -20.66
CA SER C 330 -6.39 -12.08 -19.38
C SER C 330 -5.20 -12.96 -19.00
N PHE C 331 -4.63 -12.73 -17.81
CA PHE C 331 -3.54 -13.59 -17.36
C PHE C 331 -4.01 -15.03 -17.23
N ARG C 332 -5.17 -15.23 -16.61
CA ARG C 332 -5.70 -16.58 -16.45
C ARG C 332 -5.84 -17.29 -17.78
N ASN C 333 -6.42 -16.62 -18.79
CA ASN C 333 -6.59 -17.30 -20.06
C ASN C 333 -5.25 -17.54 -20.75
N THR C 334 -4.23 -16.72 -20.44
CA THR C 334 -2.94 -16.86 -21.10
C THR C 334 -2.18 -18.07 -20.56
N VAL C 335 -2.09 -18.17 -19.22
CA VAL C 335 -1.38 -19.31 -18.65
C VAL C 335 -2.18 -20.59 -18.87
N GLU C 336 -3.53 -20.52 -18.87
CA GLU C 336 -4.27 -21.72 -19.23
C GLU C 336 -3.93 -22.17 -20.65
N GLY C 337 -3.74 -21.23 -21.57
CA GLY C 337 -3.20 -21.57 -22.88
C GLY C 337 -4.11 -21.35 -24.07
N PHE C 338 -5.25 -20.70 -23.87
CA PHE C 338 -6.12 -20.39 -24.99
C PHE C 338 -5.66 -19.12 -25.72
N SER C 339 -4.88 -18.27 -25.06
CA SER C 339 -4.28 -17.10 -25.68
C SER C 339 -2.79 -17.32 -25.85
N ASP C 340 -2.19 -16.52 -26.73
CA ASP C 340 -0.76 -16.59 -26.90
C ASP C 340 -0.08 -15.92 -25.70
N PRO C 341 1.23 -16.11 -25.52
CA PRO C 341 1.91 -15.59 -24.32
C PRO C 341 1.83 -14.09 -24.13
N THR C 342 1.37 -13.33 -25.13
CA THR C 342 1.17 -11.90 -24.99
C THR C 342 -0.19 -11.56 -24.39
N GLY C 343 -1.12 -12.52 -24.37
CA GLY C 343 -2.47 -12.26 -23.93
C GLY C 343 -3.50 -12.12 -25.04
N LYS C 344 -3.07 -12.17 -26.30
CA LYS C 344 -4.01 -12.03 -27.42
C LYS C 344 -4.69 -13.37 -27.68
N TYR C 345 -6.02 -13.39 -27.60
CA TYR C 345 -6.76 -14.60 -27.91
C TYR C 345 -6.72 -14.87 -29.41
N ASP C 346 -6.69 -16.16 -29.76
CA ASP C 346 -6.69 -16.67 -31.13
C ASP C 346 -7.22 -18.09 -31.09
N PRO C 347 -8.36 -18.37 -31.73
CA PRO C 347 -8.97 -19.70 -31.59
C PRO C 347 -8.09 -20.84 -32.08
N ALA C 348 -7.03 -20.55 -32.84
CA ALA C 348 -6.12 -21.59 -33.29
C ALA C 348 -4.91 -21.77 -32.37
N VAL C 349 -4.76 -20.96 -31.34
CA VAL C 349 -3.56 -21.00 -30.51
C VAL C 349 -3.69 -22.06 -29.41
N SER C 350 -2.58 -22.76 -29.15
CA SER C 350 -2.44 -23.58 -27.94
C SER C 350 -1.07 -23.29 -27.34
N SER C 351 -1.06 -22.69 -26.15
CA SER C 351 0.19 -22.33 -25.50
C SER C 351 0.18 -22.83 -24.07
N LEU C 352 1.35 -22.69 -23.43
CA LEU C 352 1.59 -22.98 -22.02
C LEU C 352 0.81 -24.20 -21.54
N HIS C 353 -0.08 -24.02 -20.55
CA HIS C 353 -0.69 -25.17 -19.87
C HIS C 353 -1.40 -26.11 -20.85
N ASN C 354 -2.25 -25.57 -21.72
CA ASN C 354 -2.97 -26.40 -22.67
C ASN C 354 -2.00 -27.11 -23.63
N LEU C 355 -0.93 -26.42 -24.03
CA LEU C 355 0.04 -27.02 -24.94
C LEU C 355 0.79 -28.17 -24.28
N ALA C 356 1.20 -28.01 -23.01
CA ALA C 356 1.86 -29.11 -22.31
C ALA C 356 0.96 -30.34 -22.25
N HIS C 357 -0.34 -30.13 -22.01
CA HIS C 357 -1.28 -31.24 -22.05
C HIS C 357 -1.32 -31.89 -23.43
N LEU C 358 -1.48 -31.07 -24.48
CA LEU C 358 -1.65 -31.63 -25.81
C LEU C 358 -0.36 -32.26 -26.32
N PHE C 359 0.79 -31.74 -25.86
CA PHE C 359 2.09 -32.31 -26.24
C PHE C 359 2.19 -33.80 -25.94
N LEU C 360 1.53 -34.26 -24.87
CA LEU C 360 1.61 -35.65 -24.47
C LEU C 360 0.86 -36.58 -25.41
N ASN C 361 -0.14 -36.09 -26.15
CA ASN C 361 -0.85 -36.86 -27.18
C ASN C 361 -1.24 -38.25 -26.68
N GLY C 362 -2.07 -38.23 -25.64
CA GLY C 362 -2.52 -39.46 -25.01
C GLY C 362 -3.44 -39.18 -23.83
N THR C 363 -3.46 -40.09 -22.87
CA THR C 363 -4.35 -39.99 -21.71
C THR C 363 -4.22 -38.65 -21.01
N GLY C 364 -2.98 -38.19 -20.81
CA GLY C 364 -2.73 -36.93 -20.16
C GLY C 364 -3.16 -35.72 -20.94
N GLY C 365 -3.65 -35.92 -22.17
CA GLY C 365 -4.12 -34.83 -22.99
C GLY C 365 -5.58 -34.96 -23.41
N GLN C 366 -6.36 -35.73 -22.64
CA GLN C 366 -7.79 -35.87 -22.84
C GLN C 366 -8.54 -35.33 -21.63
N VAL C 367 -9.55 -34.47 -21.89
CA VAL C 367 -10.11 -33.62 -20.85
C VAL C 367 -10.75 -34.42 -19.74
N HIS C 368 -11.33 -35.58 -20.05
CA HIS C 368 -12.00 -36.37 -19.02
C HIS C 368 -11.07 -37.36 -18.32
N LEU C 369 -9.81 -37.49 -18.76
CA LEU C 369 -8.90 -38.49 -18.20
C LEU C 369 -7.56 -37.94 -17.70
N SER C 370 -7.24 -36.68 -17.96
CA SER C 370 -5.85 -36.21 -17.88
C SER C 370 -5.13 -36.51 -16.58
N PRO C 371 -5.73 -36.43 -15.38
CA PRO C 371 -4.97 -36.78 -14.17
C PRO C 371 -4.55 -38.25 -14.10
N ASN C 372 -5.10 -39.14 -14.93
CA ASN C 372 -4.70 -40.55 -14.91
C ASN C 372 -3.23 -40.70 -15.21
N ASP C 373 -2.66 -39.80 -15.99
CA ASP C 373 -1.22 -39.74 -16.19
C ASP C 373 -0.60 -38.89 -15.07
N PRO C 374 0.28 -39.45 -14.23
CA PRO C 374 0.80 -38.69 -13.09
C PRO C 374 1.66 -37.49 -13.49
N ILE C 375 2.07 -37.36 -14.75
CA ILE C 375 2.69 -36.10 -15.20
C ILE C 375 1.74 -34.93 -14.92
N PHE C 376 0.43 -35.17 -14.91
CA PHE C 376 -0.54 -34.13 -14.57
C PHE C 376 -0.12 -33.36 -13.32
N VAL C 377 0.29 -34.09 -12.29
CA VAL C 377 0.66 -33.49 -11.01
C VAL C 377 1.74 -32.46 -11.20
N LEU C 378 2.80 -32.84 -11.92
CA LEU C 378 3.97 -31.99 -12.07
C LEU C 378 3.68 -30.84 -13.02
N LEU C 379 2.85 -31.10 -14.04
CA LEU C 379 2.42 -30.05 -14.96
C LEU C 379 1.67 -28.97 -14.21
N HIS C 380 0.92 -29.34 -13.18
CA HIS C 380 0.08 -28.37 -12.49
C HIS C 380 0.76 -27.71 -11.31
N THR C 381 1.74 -28.36 -10.65
CA THR C 381 2.53 -27.62 -9.69
C THR C 381 3.33 -26.52 -10.38
N PHE C 382 3.82 -26.81 -11.59
CA PHE C 382 4.51 -25.75 -12.33
C PHE C 382 3.54 -24.64 -12.74
N THR C 383 2.35 -24.99 -13.23
CA THR C 383 1.34 -23.98 -13.50
C THR C 383 1.02 -23.17 -12.25
N ASP C 384 0.95 -23.84 -11.10
CA ASP C 384 0.67 -23.16 -9.85
C ASP C 384 1.82 -22.28 -9.44
N ALA C 385 3.05 -22.64 -9.81
CA ALA C 385 4.18 -21.77 -9.53
C ALA C 385 4.08 -20.47 -10.33
N VAL C 386 3.70 -20.55 -11.61
CA VAL C 386 3.49 -19.33 -12.39
C VAL C 386 2.40 -18.47 -11.75
N PHE C 387 1.32 -19.11 -11.27
CA PHE C 387 0.23 -18.40 -10.59
C PHE C 387 0.74 -17.68 -9.35
N ASP C 388 1.54 -18.37 -8.54
CA ASP C 388 2.04 -17.79 -7.31
C ASP C 388 2.98 -16.63 -7.59
N GLU C 389 3.79 -16.75 -8.64
CA GLU C 389 4.66 -15.64 -9.00
C GLU C 389 3.85 -14.42 -9.44
N TRP C 390 2.75 -14.64 -10.17
CA TRP C 390 1.86 -13.54 -10.52
C TRP C 390 1.28 -12.89 -9.26
N LEU C 391 0.86 -13.70 -8.30
CA LEU C 391 0.30 -13.18 -7.05
C LEU C 391 1.33 -12.31 -6.34
N ARG C 392 2.60 -12.73 -6.32
CA ARG C 392 3.63 -11.91 -5.69
C ARG C 392 3.84 -10.60 -6.44
N ARG C 393 3.92 -10.65 -7.76
CA ARG C 393 4.30 -9.47 -8.53
C ARG C 393 3.18 -8.43 -8.60
N TYR C 394 1.94 -8.88 -8.66
CA TYR C 394 0.80 -7.98 -8.75
C TYR C 394 0.03 -7.84 -7.44
N ASN C 395 0.68 -8.15 -6.32
CA ASN C 395 0.16 -7.92 -4.98
C ASN C 395 -1.22 -8.55 -4.77
N ALA C 396 -1.37 -9.80 -5.24
CA ALA C 396 -2.58 -10.59 -4.99
C ALA C 396 -3.84 -9.79 -5.29
N ASP C 397 -3.85 -9.12 -6.45
CA ASP C 397 -4.98 -8.29 -6.85
C ASP C 397 -6.12 -9.15 -7.37
N ILE C 398 -7.18 -9.30 -6.57
CA ILE C 398 -8.32 -10.13 -6.94
C ILE C 398 -9.43 -9.32 -7.62
N SER C 399 -9.21 -8.02 -7.88
CA SER C 399 -10.31 -7.15 -8.29
C SER C 399 -10.95 -7.57 -9.60
N THR C 400 -10.19 -8.17 -10.53
CA THR C 400 -10.80 -8.59 -11.79
C THR C 400 -11.42 -9.98 -11.73
N PHE C 401 -11.27 -10.68 -10.63
CA PHE C 401 -11.95 -11.95 -10.47
C PHE C 401 -13.42 -11.64 -10.24
N PRO C 402 -14.31 -11.92 -11.19
CA PRO C 402 -15.68 -11.39 -11.09
C PRO C 402 -16.48 -12.04 -9.97
N LEU C 403 -17.31 -11.23 -9.32
CA LEU C 403 -18.23 -11.78 -8.33
C LEU C 403 -19.45 -12.42 -8.98
N GLU C 404 -19.79 -12.07 -10.21
CA GLU C 404 -20.95 -12.64 -10.87
C GLU C 404 -20.73 -12.63 -12.38
N ASN C 405 -21.56 -13.41 -13.08
CA ASN C 405 -21.61 -13.53 -14.53
C ASN C 405 -20.44 -14.29 -15.11
N ALA C 406 -19.63 -14.96 -14.27
CA ALA C 406 -18.67 -15.91 -14.80
C ALA C 406 -19.38 -17.18 -15.23
N PRO C 407 -18.74 -18.04 -16.02
CA PRO C 407 -19.30 -19.37 -16.30
C PRO C 407 -19.63 -20.06 -14.97
N ILE C 408 -20.67 -20.91 -15.00
CA ILE C 408 -21.13 -21.52 -13.76
C ILE C 408 -19.96 -22.28 -13.13
N GLY C 409 -19.81 -22.13 -11.82
CA GLY C 409 -18.68 -22.65 -11.09
C GLY C 409 -17.53 -21.67 -10.93
N HIS C 410 -17.54 -20.55 -11.66
CA HIS C 410 -16.36 -19.69 -11.70
C HIS C 410 -16.55 -18.34 -11.05
N ASN C 411 -17.74 -18.04 -10.51
CA ASN C 411 -17.88 -16.84 -9.69
C ASN C 411 -16.95 -16.95 -8.49
N ARG C 412 -16.47 -15.79 -8.04
CA ARG C 412 -15.40 -15.75 -7.05
C ARG C 412 -15.76 -16.50 -5.77
N GLN C 413 -17.02 -16.40 -5.32
CA GLN C 413 -17.47 -17.07 -4.10
C GLN C 413 -18.11 -18.44 -4.34
N TYR C 414 -18.02 -18.97 -5.55
CA TYR C 414 -18.49 -20.33 -5.79
C TYR C 414 -17.64 -21.31 -5.00
N ASN C 415 -18.29 -22.30 -4.38
CA ASN C 415 -17.55 -23.37 -3.72
C ASN C 415 -17.00 -24.30 -4.80
N MET C 416 -15.67 -24.42 -4.88
CA MET C 416 -15.03 -25.14 -5.99
C MET C 416 -15.46 -26.60 -5.99
N VAL C 417 -15.94 -27.07 -7.14
CA VAL C 417 -16.61 -28.38 -7.25
C VAL C 417 -15.66 -29.55 -7.59
N PRO C 418 -15.73 -30.66 -6.84
CA PRO C 418 -16.59 -31.02 -5.70
C PRO C 418 -15.89 -31.10 -4.34
N PHE C 419 -15.13 -30.09 -3.97
CA PHE C 419 -14.29 -30.23 -2.80
C PHE C 419 -15.10 -30.11 -1.52
N TRP C 420 -14.71 -30.91 -0.53
CA TRP C 420 -15.36 -30.91 0.75
C TRP C 420 -14.32 -30.88 1.86
N PRO C 421 -14.55 -30.08 2.91
CA PRO C 421 -15.67 -29.13 3.11
C PRO C 421 -15.67 -27.97 2.10
N PRO C 422 -16.77 -27.25 1.98
CA PRO C 422 -16.85 -26.17 0.98
C PRO C 422 -15.69 -25.21 1.08
N VAL C 423 -15.09 -24.87 -0.07
CA VAL C 423 -13.97 -23.94 -0.12
C VAL C 423 -14.11 -23.08 -1.37
N THR C 424 -14.02 -21.76 -1.20
CA THR C 424 -14.26 -20.83 -2.31
C THR C 424 -12.97 -20.53 -3.07
N ASN C 425 -13.14 -19.97 -4.27
CA ASN C 425 -11.98 -19.53 -5.05
C ASN C 425 -11.17 -18.49 -4.31
N THR C 426 -11.86 -17.61 -3.55
CA THR C 426 -11.17 -16.55 -2.81
C THR C 426 -10.13 -17.12 -1.86
N GLU C 427 -10.44 -18.23 -1.19
CA GLU C 427 -9.50 -18.78 -0.20
C GLU C 427 -8.20 -19.25 -0.81
N MET C 428 -8.17 -19.56 -2.11
CA MET C 428 -6.94 -19.96 -2.78
C MET C 428 -6.22 -18.78 -3.45
N PHE C 429 -6.88 -17.62 -3.54
CA PHE C 429 -6.27 -16.47 -4.21
C PHE C 429 -5.38 -15.70 -3.23
N VAL C 430 -4.34 -16.38 -2.76
CA VAL C 430 -3.40 -15.83 -1.79
C VAL C 430 -2.00 -16.31 -2.12
N THR C 431 -1.00 -15.49 -1.77
CA THR C 431 0.38 -15.92 -1.95
C THR C 431 0.68 -17.13 -1.06
N ALA C 432 1.19 -18.19 -1.69
CA ALA C 432 1.35 -19.47 -1.00
C ALA C 432 2.30 -19.46 0.19
N PRO C 433 3.48 -18.82 0.15
CA PRO C 433 4.43 -19.00 1.27
C PRO C 433 3.90 -18.52 2.61
N ASP C 434 3.16 -17.40 2.63
CA ASP C 434 2.63 -16.87 3.88
C ASP C 434 1.24 -17.35 4.22
N ASN C 435 0.51 -17.94 3.29
CA ASN C 435 -0.88 -18.26 3.56
C ASN C 435 -1.20 -19.75 3.47
N LEU C 436 -0.44 -20.53 2.70
CA LEU C 436 -0.74 -21.92 2.47
C LEU C 436 0.38 -22.87 2.88
N GLY C 437 1.47 -22.36 3.44
CA GLY C 437 2.50 -23.23 3.99
C GLY C 437 3.41 -23.89 2.97
N TYR C 438 3.53 -23.36 1.76
CA TYR C 438 4.46 -23.94 0.80
C TYR C 438 5.04 -22.84 -0.07
N THR C 439 6.18 -23.14 -0.67
CA THR C 439 6.84 -22.20 -1.56
C THR C 439 7.52 -23.00 -2.68
N TYR C 440 7.89 -22.30 -3.76
CA TYR C 440 8.55 -22.93 -4.91
C TYR C 440 10.02 -22.55 -4.93
N GLU C 441 10.90 -23.55 -5.01
CA GLU C 441 12.30 -23.32 -5.31
C GLU C 441 12.40 -23.18 -6.82
N ILE C 442 12.45 -21.94 -7.31
CA ILE C 442 12.34 -21.69 -8.74
C ILE C 442 12.92 -20.31 -9.03
N GLN C 443 13.44 -20.15 -10.25
CA GLN C 443 13.97 -18.88 -10.74
C GLN C 443 13.27 -18.56 -12.04
N TRP C 444 12.97 -17.29 -12.25
CA TRP C 444 12.17 -17.02 -13.44
C TRP C 444 13.00 -16.34 -14.53
N PRO C 445 12.78 -16.71 -15.79
CA PRO C 445 13.53 -16.07 -16.88
C PRO C 445 13.23 -14.57 -16.92
N SER C 446 14.32 -13.79 -17.08
CA SER C 446 14.53 -12.29 -17.07
C SER C 446 15.74 -11.82 -17.82
N GLN D 1 -9.52 10.47 -19.99
CA GLN D 1 -9.10 11.86 -19.95
C GLN D 1 -9.12 12.42 -18.56
N PHE D 2 -9.47 11.60 -17.56
CA PHE D 2 -9.68 12.08 -16.20
C PHE D 2 -8.62 11.50 -15.26
N PRO D 3 -8.28 12.21 -14.18
CA PRO D 3 -7.39 11.63 -13.17
C PRO D 3 -7.97 10.31 -12.70
N ARG D 4 -7.09 9.33 -12.44
CA ARG D 4 -7.58 8.00 -12.12
C ARG D 4 -8.41 7.99 -10.84
N GLN D 5 -8.13 8.88 -9.91
CA GLN D 5 -8.92 8.94 -8.69
C GLN D 5 -10.29 9.58 -8.91
N CYS D 6 -10.54 10.16 -10.08
CA CYS D 6 -11.86 10.66 -10.41
C CYS D 6 -12.66 9.70 -11.28
N ALA D 7 -12.04 8.64 -11.81
CA ALA D 7 -12.72 7.69 -12.68
C ALA D 7 -13.41 6.59 -11.87
N THR D 8 -14.15 6.99 -10.85
CA THR D 8 -14.79 6.08 -9.92
C THR D 8 -16.30 6.29 -9.93
N VAL D 9 -17.00 5.33 -9.31
CA VAL D 9 -18.45 5.45 -9.16
C VAL D 9 -18.79 6.63 -8.27
N GLU D 10 -18.05 6.83 -7.18
CA GLU D 10 -18.34 7.92 -6.25
C GLU D 10 -18.15 9.27 -6.94
N ALA D 11 -17.03 9.47 -7.63
CA ALA D 11 -16.76 10.77 -8.22
C ALA D 11 -17.73 11.08 -9.35
N LEU D 12 -18.02 10.10 -10.21
CA LEU D 12 -18.95 10.39 -11.30
C LEU D 12 -20.35 10.66 -10.78
N ARG D 13 -20.74 10.01 -9.68
CA ARG D 13 -22.05 10.29 -9.10
C ARG D 13 -22.09 11.68 -8.47
N SER D 14 -21.02 12.08 -7.79
CA SER D 14 -21.00 13.42 -7.21
C SER D 14 -20.85 14.50 -8.26
N GLY D 15 -20.32 14.16 -9.45
CA GLY D 15 -19.98 15.20 -10.41
C GLY D 15 -18.80 16.07 -10.03
N MET D 16 -18.01 15.63 -9.06
CA MET D 16 -16.89 16.39 -8.53
C MET D 16 -15.58 15.68 -8.83
N CYS D 17 -14.65 16.37 -9.48
CA CYS D 17 -13.29 15.88 -9.66
C CYS D 17 -12.37 16.87 -8.95
N CYS D 18 -12.19 16.66 -7.64
CA CYS D 18 -11.41 17.55 -6.79
C CYS D 18 -10.53 16.73 -5.85
N PRO D 19 -9.52 16.05 -6.40
CA PRO D 19 -8.76 15.10 -5.58
C PRO D 19 -7.90 15.80 -4.55
N ASP D 20 -7.53 15.02 -3.52
CA ASP D 20 -6.65 15.53 -2.48
C ASP D 20 -5.24 15.73 -3.03
N LEU D 21 -4.52 16.66 -2.41
CA LEU D 21 -3.10 16.86 -2.70
C LEU D 21 -2.23 16.16 -1.65
N SER D 22 -2.17 16.71 -0.43
CA SER D 22 -1.45 16.09 0.67
C SER D 22 -2.35 16.10 1.89
N PRO D 23 -3.22 15.12 2.04
CA PRO D 23 -4.11 15.11 3.19
C PRO D 23 -3.40 14.49 4.38
N VAL D 24 -3.45 15.14 5.53
CA VAL D 24 -2.89 14.58 6.75
C VAL D 24 -3.92 14.57 7.87
N SER D 25 -5.19 14.69 7.52
CA SER D 25 -6.30 14.41 8.41
C SER D 25 -7.23 13.34 7.85
N GLY D 26 -6.78 12.61 6.83
CA GLY D 26 -7.61 11.60 6.20
C GLY D 26 -8.05 12.07 4.84
N PRO D 27 -8.77 11.21 4.11
CA PRO D 27 -9.29 11.65 2.81
C PRO D 27 -10.22 12.84 2.95
N GLY D 28 -10.27 13.65 1.90
CA GLY D 28 -11.11 14.81 1.83
C GLY D 28 -10.66 16.01 2.62
N THR D 29 -9.46 15.98 3.19
CA THR D 29 -9.00 17.11 4.00
C THR D 29 -8.09 18.08 3.24
N ASP D 30 -7.60 17.75 2.05
CA ASP D 30 -6.76 18.69 1.29
C ASP D 30 -7.17 18.74 -0.18
N ARG D 31 -8.48 18.84 -0.44
CA ARG D 31 -8.95 18.91 -1.81
C ARG D 31 -8.36 20.14 -2.50
N CYS D 32 -7.74 19.91 -3.66
CA CYS D 32 -7.14 20.99 -4.46
C CYS D 32 -6.00 21.70 -3.74
N GLY D 33 -5.34 21.03 -2.79
CA GLY D 33 -4.30 21.68 -2.01
C GLY D 33 -4.81 22.87 -1.20
N SER D 34 -6.08 22.84 -0.77
CA SER D 34 -6.63 23.98 -0.04
C SER D 34 -6.03 24.14 1.35
N SER D 35 -5.37 23.10 1.89
CA SER D 35 -4.74 23.27 3.21
C SER D 35 -3.52 24.17 3.13
N SER D 36 -2.80 24.14 2.02
CA SER D 36 -1.87 25.20 1.67
C SER D 36 -2.65 26.31 0.96
N GLY D 37 -1.99 27.28 0.37
CA GLY D 37 -2.77 28.27 -0.33
C GLY D 37 -3.01 27.92 -1.78
N ARG D 38 -2.97 26.62 -2.15
CA ARG D 38 -2.72 26.23 -3.54
C ARG D 38 -3.96 26.23 -4.44
N GLY D 39 -5.17 25.97 -3.93
CA GLY D 39 -6.35 26.02 -4.79
C GLY D 39 -7.60 25.67 -4.02
N ARG D 40 -8.72 25.61 -4.77
CA ARG D 40 -10.04 25.29 -4.23
C ARG D 40 -10.86 24.48 -5.23
N CYS D 41 -11.76 23.66 -4.68
CA CYS D 41 -12.78 22.97 -5.47
C CYS D 41 -13.91 23.93 -5.75
N GLU D 42 -14.32 24.03 -7.02
CA GLU D 42 -15.40 24.93 -7.42
C GLU D 42 -16.18 24.45 -8.61
N ALA D 43 -17.24 25.21 -8.88
CA ALA D 43 -18.06 24.94 -10.05
C ALA D 43 -17.24 25.16 -11.32
N VAL D 44 -17.53 24.32 -12.32
CA VAL D 44 -16.87 24.39 -13.63
C VAL D 44 -17.37 25.61 -14.39
N THR D 45 -16.44 26.32 -15.04
CA THR D 45 -16.76 27.33 -16.03
C THR D 45 -16.67 26.71 -17.43
N ALA D 46 -17.80 26.66 -18.13
CA ALA D 46 -17.86 26.12 -19.48
C ALA D 46 -18.56 27.11 -20.40
N ASP D 47 -18.19 27.09 -21.67
CA ASP D 47 -18.79 27.99 -22.65
C ASP D 47 -20.21 27.55 -22.98
N SER D 48 -21.16 28.48 -22.91
CA SER D 48 -22.55 28.18 -23.23
C SER D 48 -23.03 28.88 -24.49
N ARG D 49 -22.12 29.52 -25.22
CA ARG D 49 -22.49 30.28 -26.39
C ARG D 49 -22.87 29.38 -27.55
N PRO D 50 -23.63 29.90 -28.52
CA PRO D 50 -24.07 29.07 -29.64
C PRO D 50 -22.94 28.75 -30.61
N HIS D 51 -23.04 27.60 -31.25
CA HIS D 51 -22.12 27.17 -32.27
C HIS D 51 -22.82 27.20 -33.63
N SER D 52 -22.06 26.90 -34.67
CA SER D 52 -22.60 26.93 -36.02
C SER D 52 -23.68 25.87 -36.18
N PRO D 53 -24.59 26.05 -37.14
CA PRO D 53 -25.63 25.04 -37.38
C PRO D 53 -25.11 23.77 -38.01
N GLN D 54 -23.81 23.66 -38.29
CA GLN D 54 -23.30 22.44 -38.91
C GLN D 54 -23.57 21.22 -38.04
N TYR D 55 -23.55 21.40 -36.71
CA TYR D 55 -23.82 20.32 -35.78
C TYR D 55 -25.25 20.41 -35.28
N PRO D 56 -26.16 19.55 -35.72
CA PRO D 56 -27.56 19.66 -35.29
C PRO D 56 -27.95 18.76 -34.12
N HIS D 57 -26.99 18.12 -33.46
CA HIS D 57 -27.31 17.07 -32.48
C HIS D 57 -27.00 17.44 -31.04
N ASP D 58 -27.22 18.70 -30.66
CA ASP D 58 -27.07 19.10 -29.27
C ASP D 58 -27.82 18.15 -28.35
N GLY D 59 -27.16 17.72 -27.28
CA GLY D 59 -27.75 16.78 -26.36
C GLY D 59 -27.36 15.34 -26.58
N ARG D 60 -26.63 15.04 -27.65
CA ARG D 60 -26.31 13.66 -27.97
C ARG D 60 -24.87 13.26 -27.69
N ASP D 61 -23.97 14.20 -27.48
CA ASP D 61 -22.54 13.90 -27.47
C ASP D 61 -21.90 14.36 -26.16
N ASP D 62 -21.12 13.46 -25.53
CA ASP D 62 -20.45 13.79 -24.28
C ASP D 62 -19.45 14.94 -24.42
N ARG D 63 -19.06 15.29 -25.64
CA ARG D 63 -18.07 16.35 -25.84
C ARG D 63 -18.68 17.75 -25.79
N GLU D 64 -20.00 17.87 -25.94
CA GLU D 64 -20.62 19.18 -25.86
C GLU D 64 -20.40 19.78 -24.47
N VAL D 65 -20.24 21.10 -24.44
CA VAL D 65 -20.06 21.85 -23.20
C VAL D 65 -19.08 21.17 -22.25
N TRP D 66 -17.94 20.74 -22.79
CA TRP D 66 -16.90 20.05 -22.01
C TRP D 66 -16.45 20.85 -20.79
N PRO D 67 -16.37 20.19 -19.62
CA PRO D 67 -16.60 18.77 -19.33
C PRO D 67 -17.91 18.46 -18.58
N LEU D 68 -18.94 19.31 -18.77
CA LEU D 68 -20.13 19.30 -17.94
C LEU D 68 -20.93 18.00 -18.03
N ARG D 69 -20.69 17.17 -19.05
CA ARG D 69 -21.37 15.89 -19.07
C ARG D 69 -20.73 14.90 -18.10
N PHE D 70 -19.58 15.22 -17.51
CA PHE D 70 -18.95 14.34 -16.54
C PHE D 70 -18.74 14.97 -15.18
N PHE D 71 -18.27 16.22 -15.12
CA PHE D 71 -18.02 16.87 -13.84
C PHE D 71 -18.43 18.33 -13.92
N ASN D 72 -19.03 18.84 -12.85
CA ASN D 72 -19.34 20.27 -12.76
C ASN D 72 -18.58 20.95 -11.62
N ARG D 73 -17.65 20.25 -10.98
CA ARG D 73 -16.79 20.84 -9.95
C ARG D 73 -15.38 20.32 -10.16
N THR D 74 -14.42 21.25 -10.15
CA THR D 74 -13.02 20.97 -10.45
C THR D 74 -12.13 21.81 -9.54
N CYS D 75 -10.85 21.47 -9.52
CA CYS D 75 -9.88 22.28 -8.81
C CYS D 75 -9.57 23.52 -9.63
N HIS D 76 -9.60 24.67 -8.98
CA HIS D 76 -9.12 25.92 -9.57
C HIS D 76 -7.93 26.34 -8.74
N CYS D 77 -6.76 26.43 -9.39
CA CYS D 77 -5.53 26.65 -8.65
C CYS D 77 -5.23 28.13 -8.51
N ASN D 78 -4.75 28.52 -7.34
CA ASN D 78 -4.41 29.91 -7.06
C ASN D 78 -3.05 30.28 -7.66
N GLY D 79 -2.89 31.56 -7.94
CA GLY D 79 -1.61 32.08 -8.41
C GLY D 79 -1.17 31.32 -9.64
N ASN D 80 0.00 30.70 -9.57
CA ASN D 80 0.49 29.89 -10.68
C ASN D 80 0.74 28.44 -10.31
N PHE D 81 0.01 27.92 -9.31
CA PHE D 81 -0.05 26.47 -9.18
C PHE D 81 -0.93 25.91 -10.28
N SER D 82 -0.79 24.61 -10.55
CA SER D 82 -1.50 23.99 -11.65
C SER D 82 -1.64 22.49 -11.37
N GLY D 83 -2.38 21.82 -12.25
CA GLY D 83 -2.60 20.38 -12.15
C GLY D 83 -3.96 20.04 -11.58
N HIS D 84 -4.36 18.78 -11.79
CA HIS D 84 -5.68 18.33 -11.38
C HIS D 84 -5.95 18.58 -9.89
N ASN D 85 -4.92 18.51 -9.05
CA ASN D 85 -5.07 18.78 -7.62
C ASN D 85 -4.20 19.96 -7.16
N CYS D 86 -3.81 20.84 -8.09
CA CYS D 86 -3.02 22.04 -7.80
C CYS D 86 -1.64 21.71 -7.25
N GLY D 87 -1.15 20.50 -7.49
CA GLY D 87 0.13 20.08 -6.98
C GLY D 87 1.34 20.33 -7.87
N THR D 88 1.17 20.96 -9.04
CA THR D 88 2.32 21.28 -9.87
C THR D 88 2.26 22.75 -10.26
N CYS D 89 3.07 23.16 -11.23
CA CYS D 89 3.18 24.56 -11.62
C CYS D 89 2.76 24.72 -13.07
N ARG D 90 2.25 25.91 -13.39
CA ARG D 90 1.97 26.27 -14.77
C ARG D 90 3.21 26.24 -15.65
N PRO D 91 3.05 26.24 -16.97
CA PRO D 91 4.22 26.20 -17.86
C PRO D 91 5.14 27.39 -17.67
N GLY D 92 6.44 27.09 -17.55
CA GLY D 92 7.45 28.10 -17.31
C GLY D 92 7.83 28.34 -15.87
N TRP D 93 7.33 27.53 -14.93
CA TRP D 93 7.60 27.73 -13.51
C TRP D 93 7.87 26.40 -12.82
N ARG D 94 8.78 26.42 -11.86
CA ARG D 94 9.13 25.22 -11.09
C ARG D 94 9.29 25.61 -9.62
N GLY D 95 9.37 24.60 -8.77
CA GLY D 95 9.63 24.83 -7.36
C GLY D 95 8.38 24.60 -6.50
N ALA D 96 8.62 24.34 -5.22
CA ALA D 96 7.53 24.12 -4.29
C ALA D 96 6.58 25.32 -4.25
N ALA D 97 7.10 26.52 -4.48
CA ALA D 97 6.28 27.73 -4.51
C ALA D 97 5.95 28.20 -5.91
N CYS D 98 6.37 27.47 -6.94
CA CYS D 98 6.12 27.84 -8.34
C CYS D 98 6.60 29.27 -8.62
N ASP D 99 7.80 29.57 -8.14
CA ASP D 99 8.40 30.90 -8.27
C ASP D 99 9.78 30.87 -8.93
N GLN D 100 10.22 29.72 -9.43
CA GLN D 100 11.48 29.60 -10.15
C GLN D 100 11.18 29.53 -11.64
N ARG D 101 11.66 30.52 -12.41
CA ARG D 101 11.31 30.59 -13.82
C ARG D 101 12.15 29.62 -14.65
N VAL D 102 11.52 29.04 -15.67
CA VAL D 102 12.23 28.21 -16.63
C VAL D 102 11.78 28.63 -18.02
N LEU D 103 12.68 28.43 -18.99
CA LEU D 103 12.41 28.63 -20.41
C LEU D 103 13.16 27.57 -21.16
N ILE D 104 12.47 26.59 -21.75
CA ILE D 104 13.13 25.56 -22.53
C ILE D 104 13.10 25.98 -24.00
N VAL D 105 13.95 25.35 -24.82
CA VAL D 105 14.13 25.73 -26.23
C VAL D 105 13.79 24.54 -27.12
N ARG D 106 12.83 24.74 -28.03
CA ARG D 106 12.52 23.72 -29.04
C ARG D 106 13.36 23.97 -30.29
N ARG D 107 14.15 22.98 -30.69
CA ARG D 107 15.13 23.13 -31.77
C ARG D 107 14.81 22.20 -32.94
N ASN D 108 15.40 22.52 -34.09
CA ASN D 108 15.30 21.67 -35.27
C ASN D 108 15.94 20.32 -34.99
N LEU D 109 15.21 19.24 -35.27
CA LEU D 109 15.68 17.91 -34.90
C LEU D 109 16.99 17.58 -35.57
N LEU D 110 17.22 18.12 -36.77
CA LEU D 110 18.44 17.88 -37.52
C LEU D 110 19.64 18.64 -36.95
N ASP D 111 19.43 19.69 -36.16
CA ASP D 111 20.51 20.44 -35.55
C ASP D 111 20.99 19.84 -34.24
N LEU D 112 20.37 18.76 -33.78
CA LEU D 112 20.77 18.20 -32.50
C LEU D 112 22.01 17.34 -32.67
N SER D 113 22.73 17.13 -31.57
CA SER D 113 23.88 16.23 -31.62
C SER D 113 23.40 14.79 -31.76
N LYS D 114 24.34 13.89 -32.04
CA LYS D 114 23.97 12.48 -32.18
C LYS D 114 23.48 11.89 -30.86
N GLU D 115 24.01 12.36 -29.71
CA GLU D 115 23.50 11.91 -28.43
C GLU D 115 22.11 12.47 -28.15
N GLU D 116 21.89 13.76 -28.44
CA GLU D 116 20.57 14.34 -28.25
C GLU D 116 19.54 13.66 -29.15
N LYS D 117 19.93 13.35 -30.40
CA LYS D 117 19.04 12.61 -31.29
C LYS D 117 18.68 11.25 -30.71
N ASN D 118 19.69 10.50 -30.23
CA ASN D 118 19.43 9.17 -29.68
C ASN D 118 18.58 9.26 -28.41
N HIS D 119 18.81 10.31 -27.61
CA HIS D 119 18.03 10.48 -26.38
C HIS D 119 16.56 10.80 -26.69
N PHE D 120 16.31 11.57 -27.75
CA PHE D 120 14.94 11.87 -28.14
C PHE D 120 14.21 10.63 -28.63
N VAL D 121 14.87 9.80 -29.44
CA VAL D 121 14.21 8.60 -29.94
C VAL D 121 13.88 7.65 -28.80
N ARG D 122 14.80 7.48 -27.85
CA ARG D 122 14.53 6.55 -26.76
C ARG D 122 13.49 7.11 -25.80
N ALA D 123 13.42 8.44 -25.68
CA ALA D 123 12.39 9.03 -24.84
C ALA D 123 11.00 8.78 -25.41
N LEU D 124 10.85 8.94 -26.72
CA LEU D 124 9.57 8.64 -27.36
C LEU D 124 9.18 7.18 -27.13
N ASP D 125 10.14 6.27 -27.34
CA ASP D 125 9.87 4.85 -27.18
C ASP D 125 9.50 4.53 -25.74
N MET D 126 10.18 5.17 -24.79
CA MET D 126 9.78 4.97 -23.40
C MET D 126 8.37 5.50 -23.15
N ALA D 127 8.02 6.65 -23.75
CA ALA D 127 6.69 7.19 -23.54
C ALA D 127 5.62 6.26 -24.12
N LYS D 128 5.97 5.53 -25.18
CA LYS D 128 5.06 4.56 -25.79
C LYS D 128 4.82 3.37 -24.87
N ARG D 129 5.76 3.06 -24.01
CA ARG D 129 5.71 1.86 -23.18
C ARG D 129 5.26 2.11 -21.75
N THR D 130 5.38 3.34 -21.23
CA THR D 130 5.19 3.66 -19.82
C THR D 130 3.76 4.14 -19.54
N THR D 131 3.10 3.47 -18.59
CA THR D 131 1.74 3.83 -18.20
C THR D 131 1.64 5.29 -17.78
N HIS D 132 0.59 5.98 -18.25
CA HIS D 132 0.42 7.36 -17.80
C HIS D 132 0.15 7.34 -16.30
N PRO D 133 0.92 8.06 -15.48
CA PRO D 133 0.71 7.97 -14.02
C PRO D 133 -0.57 8.62 -13.54
N LEU D 134 -1.15 9.53 -14.31
CA LEU D 134 -2.27 10.31 -13.86
C LEU D 134 -3.58 9.95 -14.55
N PHE D 135 -3.61 9.89 -15.88
CA PHE D 135 -4.85 9.80 -16.63
C PHE D 135 -5.23 8.37 -17.00
N VAL D 136 -6.54 8.10 -17.00
CA VAL D 136 -7.08 6.88 -17.59
C VAL D 136 -8.07 7.27 -18.68
N ILE D 137 -8.29 6.38 -19.64
CA ILE D 137 -9.17 6.66 -20.77
C ILE D 137 -10.45 5.84 -20.64
N ALA D 138 -11.56 6.46 -20.98
CA ALA D 138 -12.85 5.80 -21.06
C ALA D 138 -12.91 4.95 -22.32
N THR D 139 -13.52 3.77 -22.20
CA THR D 139 -13.77 2.94 -23.37
C THR D 139 -15.22 2.93 -23.81
N ARG D 140 -16.12 3.56 -23.02
CA ARG D 140 -17.54 3.66 -23.33
C ARG D 140 -18.01 5.10 -23.12
N ARG D 141 -19.08 5.46 -23.82
CA ARG D 141 -19.68 6.77 -23.63
C ARG D 141 -20.35 6.85 -22.25
N SER D 142 -20.80 8.06 -21.88
CA SER D 142 -21.20 8.31 -20.49
C SER D 142 -22.36 7.42 -20.07
N GLU D 143 -23.27 7.13 -21.00
CA GLU D 143 -24.44 6.32 -20.68
C GLU D 143 -24.03 4.93 -20.21
N GLU D 144 -22.95 4.37 -20.75
CA GLU D 144 -22.48 3.05 -20.38
C GLU D 144 -21.19 3.11 -19.57
N ILE D 145 -20.87 4.27 -19.01
CA ILE D 145 -19.55 4.46 -18.42
C ILE D 145 -19.38 3.61 -17.18
N LEU D 146 -20.48 3.27 -16.51
CA LEU D 146 -20.40 2.50 -15.28
C LEU D 146 -20.62 1.01 -15.51
N GLY D 147 -20.69 0.58 -16.78
CA GLY D 147 -20.67 -0.82 -17.12
C GLY D 147 -22.02 -1.50 -17.03
N PRO D 148 -22.08 -2.77 -17.44
CA PRO D 148 -23.36 -3.52 -17.34
C PRO D 148 -23.89 -3.65 -15.92
N ASP D 149 -23.07 -3.95 -14.92
CA ASP D 149 -23.65 -4.04 -13.58
C ASP D 149 -23.86 -2.67 -12.94
N GLY D 150 -23.53 -1.59 -13.63
CA GLY D 150 -23.69 -0.26 -13.08
C GLY D 150 -22.72 0.12 -11.99
N ASN D 151 -21.69 -0.71 -11.73
CA ASN D 151 -20.75 -0.38 -10.64
C ASN D 151 -19.29 -0.62 -11.04
N THR D 152 -18.98 -0.75 -12.33
CA THR D 152 -17.61 -0.99 -12.79
C THR D 152 -17.24 0.05 -13.83
N PRO D 153 -16.50 1.09 -13.44
CA PRO D 153 -16.13 2.14 -14.41
C PRO D 153 -15.35 1.60 -15.59
N GLN D 154 -15.70 2.08 -16.78
CA GLN D 154 -15.15 1.60 -18.04
C GLN D 154 -13.95 2.45 -18.49
N PHE D 155 -12.92 2.43 -17.65
CA PHE D 155 -11.68 3.15 -17.90
C PHE D 155 -10.52 2.16 -17.94
N GLU D 156 -9.48 2.49 -18.68
CA GLU D 156 -8.28 1.66 -18.78
C GLU D 156 -7.05 2.50 -18.55
N ASN D 157 -6.00 1.88 -18.02
CA ASN D 157 -4.72 2.54 -18.07
C ASN D 157 -4.25 2.66 -19.51
N ILE D 158 -3.33 3.58 -19.76
CA ILE D 158 -2.87 3.83 -21.12
C ILE D 158 -1.49 4.46 -21.01
N SER D 159 -0.63 4.18 -21.99
CA SER D 159 0.72 4.71 -21.93
C SER D 159 0.70 6.22 -22.19
N ILE D 160 1.83 6.86 -21.85
CA ILE D 160 1.94 8.31 -22.00
C ILE D 160 1.72 8.72 -23.45
N TYR D 161 2.34 7.98 -24.39
CA TYR D 161 2.18 8.34 -25.78
C TYR D 161 0.83 7.90 -26.33
N ASN D 162 0.30 6.75 -25.89
CA ASN D 162 -1.02 6.36 -26.39
C ASN D 162 -2.11 7.29 -25.85
N TYR D 163 -1.91 7.91 -24.69
CA TYR D 163 -2.82 8.95 -24.22
C TYR D 163 -2.80 10.15 -25.17
N PHE D 164 -1.61 10.49 -25.68
CA PHE D 164 -1.47 11.53 -26.71
C PHE D 164 -2.26 11.16 -27.97
N VAL D 165 -2.22 9.89 -28.37
CA VAL D 165 -2.99 9.46 -29.54
C VAL D 165 -4.49 9.51 -29.24
N TRP D 166 -4.88 9.05 -28.05
CA TRP D 166 -6.29 8.86 -27.72
C TRP D 166 -7.04 10.18 -27.63
N THR D 167 -6.43 11.22 -27.03
CA THR D 167 -7.12 12.50 -26.94
C THR D 167 -7.37 13.11 -28.31
N HIS D 168 -6.42 12.93 -29.23
CA HIS D 168 -6.63 13.38 -30.60
C HIS D 168 -7.77 12.61 -31.24
N TYR D 169 -7.81 11.28 -31.03
CA TYR D 169 -8.91 10.47 -31.56
C TYR D 169 -10.26 10.94 -31.02
N TYR D 170 -10.33 11.18 -29.70
CA TYR D 170 -11.60 11.55 -29.08
C TYR D 170 -12.10 12.88 -29.61
N SER D 171 -11.18 13.77 -30.01
CA SER D 171 -11.57 15.08 -30.50
C SER D 171 -12.09 15.05 -31.94
N VAL D 172 -11.77 14.01 -32.72
CA VAL D 172 -12.21 13.95 -34.12
C VAL D 172 -13.26 12.86 -34.37
N LYS D 173 -13.59 12.04 -33.38
CA LYS D 173 -14.50 10.92 -33.57
C LYS D 173 -15.90 11.38 -33.99
N LYS D 174 -16.63 10.46 -34.62
CA LYS D 174 -17.99 10.72 -35.07
C LYS D 174 -18.95 10.68 -33.89
N THR D 175 -20.01 11.48 -33.99
CA THR D 175 -21.06 11.43 -32.99
C THR D 175 -21.88 10.17 -33.18
N PHE D 176 -21.93 9.32 -32.15
CA PHE D 176 -22.74 8.11 -32.23
C PHE D 176 -24.20 8.43 -31.97
N LEU D 177 -25.08 8.06 -32.90
CA LEU D 177 -26.49 8.40 -32.81
C LEU D 177 -27.38 7.23 -32.40
N GLY D 178 -26.87 6.01 -32.42
CA GLY D 178 -27.62 4.84 -31.98
C GLY D 178 -27.33 3.67 -32.88
N VAL D 179 -27.45 2.46 -32.32
CA VAL D 179 -27.24 1.24 -33.10
C VAL D 179 -28.22 1.20 -34.27
N GLY D 180 -27.70 0.82 -35.43
CA GLY D 180 -28.49 0.79 -36.64
C GLY D 180 -28.52 2.10 -37.39
N GLN D 181 -28.15 3.20 -36.73
CA GLN D 181 -28.07 4.50 -37.35
C GLN D 181 -26.63 4.82 -37.74
N GLU D 182 -26.50 5.70 -38.74
CA GLU D 182 -25.19 6.10 -39.24
C GLU D 182 -24.65 7.27 -38.42
N SER D 183 -23.41 7.13 -37.94
CA SER D 183 -22.83 8.13 -37.06
C SER D 183 -22.58 9.44 -37.79
N PHE D 184 -22.69 10.54 -37.05
CA PHE D 184 -22.58 11.87 -37.63
C PHE D 184 -21.11 12.31 -37.64
N GLY D 185 -20.63 12.72 -38.81
CA GLY D 185 -19.22 12.97 -39.02
C GLY D 185 -18.86 14.41 -39.35
N GLU D 186 -19.84 15.30 -39.46
CA GLU D 186 -19.54 16.70 -39.74
C GLU D 186 -19.32 17.47 -38.44
N VAL D 187 -18.38 16.94 -37.65
CA VAL D 187 -18.02 17.49 -36.34
C VAL D 187 -16.56 17.17 -36.10
N ASP D 188 -15.82 18.12 -35.55
CA ASP D 188 -14.39 17.95 -35.29
C ASP D 188 -13.96 19.01 -34.29
N PHE D 189 -13.63 18.59 -33.07
CA PHE D 189 -13.34 19.51 -31.99
C PHE D 189 -11.94 20.10 -32.05
N SER D 190 -11.09 19.65 -32.97
CA SER D 190 -9.72 20.14 -33.00
C SER D 190 -9.22 20.49 -34.40
N HIS D 191 -10.03 20.39 -35.44
CA HIS D 191 -9.60 20.74 -36.78
C HIS D 191 -10.71 21.48 -37.50
N GLU D 192 -10.36 22.10 -38.62
CA GLU D 192 -11.32 22.80 -39.48
C GLU D 192 -12.10 23.87 -38.71
N GLY D 193 -11.37 24.74 -38.02
CA GLY D 193 -11.98 25.76 -37.21
C GLY D 193 -10.92 26.49 -36.41
N PRO D 194 -11.29 27.60 -35.76
CA PRO D 194 -10.29 28.45 -35.09
C PRO D 194 -9.46 27.75 -34.01
N ALA D 195 -9.97 26.68 -33.40
CA ALA D 195 -9.27 26.01 -32.30
C ALA D 195 -8.14 25.11 -32.77
N PHE D 196 -7.93 25.01 -34.08
CA PHE D 196 -6.93 24.09 -34.61
C PHE D 196 -5.55 24.34 -33.99
N LEU D 197 -5.14 25.59 -33.92
CA LEU D 197 -3.77 25.85 -33.48
C LEU D 197 -3.64 25.79 -31.95
N THR D 198 -4.65 26.28 -31.22
CA THR D 198 -4.58 26.27 -29.77
C THR D 198 -4.74 24.85 -29.22
N TRP D 199 -5.59 24.05 -29.87
CA TRP D 199 -5.76 22.66 -29.45
C TRP D 199 -4.45 21.90 -29.58
N HIS D 200 -3.83 21.97 -30.74
CA HIS D 200 -2.60 21.22 -30.97
C HIS D 200 -1.44 21.77 -30.16
N ARG D 201 -1.47 23.06 -29.82
CA ARG D 201 -0.46 23.63 -28.93
C ARG D 201 -0.53 23.01 -27.55
N TYR D 202 -1.74 22.90 -26.98
CA TYR D 202 -1.87 22.31 -25.66
C TYR D 202 -1.58 20.82 -25.70
N HIS D 203 -2.01 20.14 -26.76
CA HIS D 203 -1.69 18.74 -26.99
C HIS D 203 -0.18 18.49 -26.78
N LEU D 204 0.65 19.32 -27.44
CA LEU D 204 2.11 19.18 -27.33
C LEU D 204 2.63 19.54 -25.95
N LEU D 205 2.13 20.63 -25.37
CA LEU D 205 2.59 21.04 -24.06
C LEU D 205 2.36 19.94 -23.02
N ARG D 206 1.22 19.25 -23.14
CA ARG D 206 0.89 18.15 -22.24
C ARG D 206 1.85 16.98 -22.42
N LEU D 207 2.13 16.59 -23.67
CA LEU D 207 3.07 15.50 -23.92
C LEU D 207 4.46 15.86 -23.42
N GLU D 208 4.91 17.10 -23.70
CA GLU D 208 6.22 17.56 -23.25
C GLU D 208 6.33 17.51 -21.73
N LYS D 209 5.28 17.97 -21.04
CA LYS D 209 5.26 17.90 -19.58
C LYS D 209 5.30 16.44 -19.11
N ASP D 210 4.49 15.58 -19.72
CA ASP D 210 4.51 14.18 -19.29
C ASP D 210 5.89 13.57 -19.48
N MET D 211 6.60 13.92 -20.58
CA MET D 211 7.91 13.36 -20.83
C MET D 211 8.97 13.96 -19.90
N GLN D 212 8.84 15.25 -19.54
CA GLN D 212 9.72 15.82 -18.53
C GLN D 212 9.60 15.06 -17.20
N GLU D 213 8.38 14.71 -16.81
CA GLU D 213 8.20 13.98 -15.55
C GLU D 213 8.74 12.55 -15.65
N MET D 214 8.47 11.89 -16.77
CA MET D 214 8.91 10.53 -17.02
C MET D 214 10.44 10.40 -17.00
N LEU D 215 11.13 11.35 -17.62
CA LEU D 215 12.58 11.35 -17.72
C LEU D 215 13.29 11.94 -16.51
N GLN D 216 12.57 12.52 -15.54
CA GLN D 216 13.18 13.36 -14.51
C GLN D 216 14.10 14.41 -15.13
N GLU D 217 13.67 14.99 -16.24
CA GLU D 217 14.47 15.96 -16.98
C GLU D 217 13.63 17.21 -17.18
N PRO D 218 13.71 18.17 -16.27
CA PRO D 218 12.78 19.32 -16.33
C PRO D 218 12.90 20.14 -17.59
N SER D 219 14.07 20.21 -18.19
CA SER D 219 14.32 21.04 -19.36
C SER D 219 14.10 20.29 -20.67
N PHE D 220 13.72 19.01 -20.64
CA PHE D 220 13.52 18.27 -21.88
C PHE D 220 12.52 18.98 -22.78
N SER D 221 12.83 19.07 -24.06
CA SER D 221 11.95 19.79 -24.96
C SER D 221 11.72 18.98 -26.23
N LEU D 222 10.56 19.22 -26.86
CA LEU D 222 10.21 18.54 -28.11
C LEU D 222 10.83 19.30 -29.27
N PRO D 223 11.59 18.61 -30.15
CA PRO D 223 12.15 19.24 -31.35
C PRO D 223 11.07 19.39 -32.41
N TYR D 224 11.44 20.03 -33.51
CA TYR D 224 10.54 20.16 -34.65
C TYR D 224 11.18 19.66 -35.92
N TRP D 225 10.33 19.39 -36.89
CA TRP D 225 10.69 19.00 -38.25
C TRP D 225 10.33 20.12 -39.20
N ASN D 226 11.34 20.73 -39.84
CA ASN D 226 11.06 21.72 -40.90
C ASN D 226 10.64 20.95 -42.16
N PHE D 227 9.34 20.79 -42.36
CA PHE D 227 8.82 20.10 -43.53
C PHE D 227 8.66 21.03 -44.73
N ALA D 228 8.92 22.32 -44.57
CA ALA D 228 8.76 23.29 -45.65
C ALA D 228 10.08 23.46 -46.40
N THR D 229 10.57 22.35 -46.95
CA THR D 229 11.81 22.32 -47.71
C THR D 229 11.58 22.14 -49.21
N GLY D 230 10.34 21.88 -49.64
CA GLY D 230 10.07 21.53 -51.02
C GLY D 230 10.59 20.19 -51.45
N LYS D 231 10.97 19.34 -50.49
CA LYS D 231 11.63 18.10 -50.84
C LYS D 231 10.64 17.02 -51.24
N ASN D 232 11.17 16.06 -52.02
CA ASN D 232 10.62 14.82 -52.55
C ASN D 232 10.68 13.66 -51.56
N VAL D 233 11.44 13.81 -50.48
CA VAL D 233 11.74 12.75 -49.53
C VAL D 233 11.53 13.28 -48.12
N CYS D 234 11.40 12.36 -47.16
CA CYS D 234 11.27 12.70 -45.74
C CYS D 234 12.67 12.70 -45.13
N ASP D 235 13.23 13.90 -44.92
CA ASP D 235 14.63 14.01 -44.50
C ASP D 235 14.85 13.64 -43.05
N ILE D 236 13.80 13.28 -42.32
CA ILE D 236 13.97 12.74 -41.00
C ILE D 236 13.64 11.26 -40.95
N CYS D 237 13.42 10.62 -42.09
CA CYS D 237 13.13 9.19 -42.06
C CYS D 237 14.41 8.38 -42.23
N THR D 238 15.25 8.44 -41.20
CA THR D 238 16.47 7.65 -41.11
C THR D 238 16.47 6.83 -39.82
N ASP D 239 17.28 5.77 -39.80
CA ASP D 239 17.17 4.82 -38.71
C ASP D 239 17.74 5.35 -37.40
N ASP D 240 18.43 6.48 -37.41
CA ASP D 240 18.74 7.16 -36.16
C ASP D 240 17.67 8.19 -35.74
N LEU D 241 16.62 8.41 -36.56
CA LEU D 241 15.53 9.34 -36.24
C LEU D 241 14.27 8.96 -37.02
N MET D 242 13.25 8.46 -36.35
CA MET D 242 11.91 8.27 -36.96
C MET D 242 11.84 7.12 -37.96
N GLY D 243 12.97 6.65 -38.46
CA GLY D 243 13.02 5.40 -39.19
C GLY D 243 12.89 5.47 -40.70
N SER D 244 13.73 4.70 -41.38
CA SER D 244 13.69 4.67 -42.82
C SER D 244 12.75 3.55 -43.27
N ARG D 245 12.63 3.42 -44.57
CA ARG D 245 11.73 2.46 -45.17
C ARG D 245 12.25 1.03 -45.00
N SER D 246 11.33 0.11 -44.74
CA SER D 246 11.72 -1.30 -44.65
C SER D 246 12.09 -1.86 -46.03
N ASN D 247 13.20 -2.61 -46.08
CA ASN D 247 13.62 -3.26 -47.32
C ASN D 247 12.75 -4.48 -47.63
N PHE D 248 11.89 -4.91 -46.72
CA PHE D 248 11.04 -6.05 -46.95
C PHE D 248 9.58 -5.67 -47.20
N ASP D 249 9.18 -4.46 -46.85
CA ASP D 249 7.83 -3.97 -47.13
C ASP D 249 7.93 -2.45 -47.23
N SER D 250 7.73 -1.90 -48.42
CA SER D 250 7.98 -0.48 -48.61
C SER D 250 7.00 0.41 -47.85
N THR D 251 5.94 -0.15 -47.25
CA THR D 251 5.02 0.63 -46.42
C THR D 251 5.26 0.46 -44.93
N LEU D 252 6.27 -0.31 -44.53
CA LEU D 252 6.61 -0.47 -43.12
C LEU D 252 7.87 0.31 -42.80
N ILE D 253 8.16 0.43 -41.50
CA ILE D 253 9.36 1.13 -41.04
C ILE D 253 10.47 0.08 -40.91
N SER D 254 11.69 0.50 -41.23
CA SER D 254 12.86 -0.37 -41.16
C SER D 254 12.93 -1.10 -39.81
N PRO D 255 13.15 -2.42 -39.79
CA PRO D 255 13.33 -3.13 -38.52
C PRO D 255 14.54 -2.65 -37.71
N ASN D 256 15.39 -1.78 -38.24
CA ASN D 256 16.50 -1.25 -37.45
C ASN D 256 16.13 0.02 -36.69
N SER D 257 14.85 0.39 -36.67
CA SER D 257 14.32 1.51 -35.89
C SER D 257 13.34 0.98 -34.85
N VAL D 258 13.35 1.56 -33.64
CA VAL D 258 12.39 1.09 -32.65
C VAL D 258 10.96 1.29 -33.12
N PHE D 259 10.73 2.27 -33.98
CA PHE D 259 9.35 2.58 -34.35
C PHE D 259 8.72 1.50 -35.22
N SER D 260 9.51 0.57 -35.75
CA SER D 260 8.93 -0.60 -36.40
C SER D 260 8.27 -1.53 -35.39
N GLN D 261 8.62 -1.39 -34.11
CA GLN D 261 7.99 -2.20 -33.07
C GLN D 261 6.68 -1.60 -32.56
N TRP D 262 6.40 -0.34 -32.84
CA TRP D 262 5.19 0.29 -32.34
C TRP D 262 3.96 -0.37 -32.94
N ARG D 263 2.91 -0.51 -32.13
CA ARG D 263 1.60 -0.97 -32.57
C ARG D 263 0.52 0.06 -32.24
N VAL D 264 -0.39 0.29 -33.19
CA VAL D 264 -1.24 1.49 -33.16
C VAL D 264 -2.49 1.26 -32.30
N VAL D 265 -3.04 2.36 -31.78
CA VAL D 265 -4.31 2.33 -31.07
C VAL D 265 -5.34 3.09 -31.89
N CYS D 266 -6.62 2.75 -31.64
CA CYS D 266 -7.78 3.46 -32.18
C CYS D 266 -8.04 3.16 -33.65
N ASP D 267 -7.61 2.01 -34.18
CA ASP D 267 -7.80 1.71 -35.59
C ASP D 267 -9.02 0.82 -35.86
N SER D 268 -10.06 0.90 -35.03
CA SER D 268 -11.25 0.09 -35.29
C SER D 268 -12.50 0.95 -35.42
N LEU D 269 -12.49 1.89 -36.37
CA LEU D 269 -13.62 2.80 -36.55
C LEU D 269 -14.92 2.06 -36.82
N GLU D 270 -14.85 0.90 -37.48
CA GLU D 270 -16.06 0.14 -37.73
C GLU D 270 -16.69 -0.36 -36.43
N ASP D 271 -15.89 -0.68 -35.42
CA ASP D 271 -16.47 -1.04 -34.13
C ASP D 271 -17.02 0.19 -33.42
N TYR D 272 -16.24 1.27 -33.35
CA TYR D 272 -16.66 2.43 -32.59
C TYR D 272 -17.91 3.05 -33.18
N ASP D 273 -17.94 3.21 -34.50
CA ASP D 273 -19.04 3.91 -35.17
C ASP D 273 -20.26 3.03 -35.44
N THR D 274 -20.23 1.74 -35.06
CA THR D 274 -21.41 0.89 -35.19
C THR D 274 -21.89 0.31 -33.87
N LEU D 275 -21.02 0.13 -32.88
CA LEU D 275 -21.46 -0.32 -31.56
C LEU D 275 -21.52 0.80 -30.54
N GLY D 276 -21.01 1.98 -30.86
CA GLY D 276 -21.02 3.08 -29.92
C GLY D 276 -19.91 3.03 -28.88
N THR D 277 -18.90 2.18 -29.07
CA THR D 277 -17.79 2.10 -28.14
C THR D 277 -16.77 3.20 -28.45
N LEU D 278 -15.74 3.28 -27.60
CA LEU D 278 -14.64 4.20 -27.80
C LEU D 278 -13.36 3.40 -28.00
N CYS D 279 -12.38 4.05 -28.66
CA CYS D 279 -11.05 3.49 -28.76
C CYS D 279 -10.56 3.06 -27.38
N ASN D 280 -9.95 1.88 -27.28
CA ASN D 280 -9.41 1.46 -25.99
C ASN D 280 -7.89 1.31 -26.08
N SER D 281 -7.29 0.81 -25.00
CA SER D 281 -5.85 0.82 -24.91
C SER D 281 -5.18 -0.38 -25.58
N THR D 282 -5.93 -1.25 -26.24
CA THR D 282 -5.35 -2.42 -26.90
C THR D 282 -4.77 -2.04 -28.26
N GLU D 283 -3.48 -2.31 -28.46
CA GLU D 283 -2.82 -2.02 -29.72
C GLU D 283 -3.06 -3.13 -30.74
N ASP D 284 -2.94 -2.76 -32.03
CA ASP D 284 -3.25 -3.68 -33.13
C ASP D 284 -2.06 -3.76 -34.11
N GLY D 285 -2.20 -3.15 -35.30
CA GLY D 285 -1.20 -3.28 -36.34
C GLY D 285 -0.02 -2.32 -36.27
N PRO D 286 0.89 -2.42 -37.25
CA PRO D 286 2.08 -1.56 -37.24
C PRO D 286 1.83 -0.20 -37.89
N ILE D 287 2.81 0.68 -37.73
CA ILE D 287 2.77 1.95 -38.45
C ILE D 287 3.01 1.70 -39.92
N ARG D 288 2.15 2.26 -40.77
CA ARG D 288 2.37 2.31 -42.21
C ARG D 288 2.86 3.70 -42.59
N ARG D 289 3.93 3.76 -43.37
CA ARG D 289 4.47 5.04 -43.82
C ARG D 289 5.09 4.86 -45.19
N ASN D 290 4.77 5.74 -46.14
CA ASN D 290 5.28 5.64 -47.51
C ASN D 290 5.47 7.05 -48.05
N PRO D 291 6.48 7.76 -47.57
CA PRO D 291 6.62 9.17 -47.94
C PRO D 291 6.70 9.32 -49.45
N ALA D 292 5.98 10.32 -49.97
CA ALA D 292 5.85 10.63 -51.40
C ALA D 292 5.21 9.51 -52.21
N GLY D 293 4.56 8.55 -51.55
CA GLY D 293 4.08 7.38 -52.24
C GLY D 293 2.65 7.40 -52.74
N ASN D 294 1.95 8.53 -52.68
CA ASN D 294 0.55 8.57 -53.12
C ASN D 294 0.54 8.85 -54.61
N VAL D 295 0.76 7.79 -55.40
CA VAL D 295 0.89 7.97 -56.84
C VAL D 295 -0.44 8.41 -57.45
N ALA D 296 -1.57 7.97 -56.88
CA ALA D 296 -2.87 8.37 -57.39
C ALA D 296 -3.14 9.85 -57.21
N ARG D 297 -2.28 10.57 -56.49
CA ARG D 297 -2.54 11.96 -56.09
C ARG D 297 -1.24 12.73 -56.13
N PRO D 298 -0.77 13.10 -57.32
CA PRO D 298 0.57 13.69 -57.45
C PRO D 298 0.77 14.97 -56.66
N MET D 299 -0.30 15.67 -56.29
CA MET D 299 -0.11 16.94 -55.59
C MET D 299 0.38 16.75 -54.15
N VAL D 300 0.22 15.56 -53.59
CA VAL D 300 0.68 15.30 -52.24
C VAL D 300 1.97 14.48 -52.25
N GLN D 301 2.71 14.48 -53.35
CA GLN D 301 3.96 13.76 -53.44
C GLN D 301 5.18 14.66 -53.23
N ARG D 302 4.96 15.92 -52.83
CA ARG D 302 6.05 16.82 -52.54
C ARG D 302 5.62 17.75 -51.42
N LEU D 303 6.55 18.09 -50.55
CA LEU D 303 6.29 18.87 -49.34
C LEU D 303 6.12 20.35 -49.68
N PRO D 304 5.64 21.14 -48.71
CA PRO D 304 5.54 22.59 -48.92
C PRO D 304 6.90 23.21 -49.21
N GLU D 305 6.88 24.34 -49.96
CA GLU D 305 8.09 25.08 -50.28
C GLU D 305 8.41 26.08 -49.17
N PRO D 306 9.69 26.46 -49.02
CA PRO D 306 10.05 27.42 -47.95
C PRO D 306 9.27 28.74 -47.99
N GLN D 307 8.84 29.19 -49.15
CA GLN D 307 8.10 30.44 -49.31
C GLN D 307 6.63 30.32 -48.93
N ASP D 308 6.06 29.11 -49.00
CA ASP D 308 4.73 28.87 -48.45
C ASP D 308 4.64 29.33 -47.00
N VAL D 309 5.69 29.07 -46.22
CA VAL D 309 5.71 29.55 -44.84
C VAL D 309 5.81 31.07 -44.80
N ALA D 310 6.66 31.64 -45.67
CA ALA D 310 6.84 33.09 -45.69
C ALA D 310 5.56 33.80 -46.07
N GLN D 311 4.78 33.21 -46.99
CA GLN D 311 3.58 33.88 -47.45
C GLN D 311 2.42 33.73 -46.46
N CYS D 312 2.30 32.57 -45.81
CA CYS D 312 1.19 32.41 -44.87
C CYS D 312 1.33 33.33 -43.67
N LEU D 313 2.56 33.69 -43.30
CA LEU D 313 2.85 34.68 -42.27
C LEU D 313 2.51 36.12 -42.72
N GLU D 314 2.04 36.31 -43.97
CA GLU D 314 1.52 37.59 -44.41
C GLU D 314 0.00 37.69 -44.32
N VAL D 315 -0.68 36.60 -43.99
CA VAL D 315 -2.13 36.65 -43.78
C VAL D 315 -2.38 37.25 -42.41
N GLY D 316 -2.97 38.45 -42.37
CA GLY D 316 -3.03 39.26 -41.15
C GLY D 316 -4.19 38.93 -40.22
N LEU D 317 -5.25 38.35 -40.74
CA LEU D 317 -6.39 37.93 -39.92
C LEU D 317 -6.20 36.48 -39.45
N PHE D 318 -6.35 36.24 -38.15
CA PHE D 318 -6.17 34.89 -37.64
C PHE D 318 -7.20 33.92 -38.25
N ASP D 319 -8.47 34.32 -38.25
CA ASP D 319 -9.49 33.49 -38.86
C ASP D 319 -10.59 34.39 -39.42
N THR D 320 -11.41 33.84 -40.30
CA THR D 320 -12.47 34.57 -40.97
C THR D 320 -13.74 33.74 -41.00
N PRO D 321 -14.92 34.40 -41.01
CA PRO D 321 -16.21 33.72 -41.19
C PRO D 321 -16.15 32.98 -42.50
N PRO D 322 -16.78 31.81 -42.60
CA PRO D 322 -17.59 31.18 -41.55
C PRO D 322 -16.76 30.26 -40.63
N PHE D 323 -15.46 30.52 -40.52
CA PHE D 323 -14.57 29.81 -39.58
C PHE D 323 -14.56 28.30 -39.83
N TYR D 324 -14.32 27.93 -41.09
CA TYR D 324 -14.26 26.54 -41.53
C TYR D 324 -13.02 26.30 -42.37
N SER D 325 -12.95 25.09 -42.97
CA SER D 325 -11.99 24.65 -44.00
C SER D 325 -12.22 25.35 -45.33
N ASN D 326 -13.19 26.25 -45.19
CA ASN D 326 -13.80 27.09 -46.21
C ASN D 326 -13.27 28.51 -46.24
N SER D 327 -12.71 28.99 -45.13
CA SER D 327 -12.33 30.38 -45.01
C SER D 327 -11.21 30.77 -45.99
N THR D 328 -11.32 31.99 -46.51
CA THR D 328 -10.31 32.65 -47.32
C THR D 328 -9.71 33.78 -46.49
N ASN D 329 -8.43 34.07 -46.74
CA ASN D 329 -7.70 35.09 -45.99
C ASN D 329 -7.68 34.83 -44.50
N SER D 330 -7.74 33.55 -44.13
CA SER D 330 -7.64 33.10 -42.74
C SER D 330 -6.26 32.51 -42.53
N PHE D 331 -5.50 33.05 -41.58
CA PHE D 331 -4.21 32.47 -41.26
C PHE D 331 -4.36 31.02 -40.77
N ARG D 332 -5.31 30.79 -39.86
CA ARG D 332 -5.55 29.45 -39.34
C ARG D 332 -5.83 28.48 -40.47
N ASN D 333 -6.71 28.85 -41.40
CA ASN D 333 -7.03 27.96 -42.50
C ASN D 333 -5.85 27.82 -43.45
N THR D 334 -4.95 28.80 -43.49
CA THR D 334 -3.82 28.70 -44.40
C THR D 334 -2.76 27.76 -43.85
N VAL D 335 -2.35 27.96 -42.59
CA VAL D 335 -1.36 27.04 -42.05
C VAL D 335 -1.96 25.66 -41.86
N GLU D 336 -3.26 25.56 -41.55
CA GLU D 336 -3.89 24.25 -41.49
C GLU D 336 -3.78 23.55 -42.84
N GLY D 337 -3.95 24.29 -43.93
CA GLY D 337 -3.61 23.75 -45.23
C GLY D 337 -4.77 23.58 -46.19
N PHE D 338 -5.94 24.14 -45.86
CA PHE D 338 -7.07 24.10 -46.78
C PHE D 338 -7.04 25.22 -47.80
N SER D 339 -6.35 26.32 -47.50
CA SER D 339 -6.14 27.41 -48.45
C SER D 339 -4.71 27.35 -48.97
N ASP D 340 -4.47 28.01 -50.11
CA ASP D 340 -3.12 28.09 -50.63
C ASP D 340 -2.36 29.10 -49.76
N PRO D 341 -1.04 29.14 -49.84
CA PRO D 341 -0.26 29.96 -48.90
C PRO D 341 -0.57 31.46 -48.94
N THR D 342 -1.31 31.92 -49.95
CA THR D 342 -1.75 33.32 -50.03
C THR D 342 -3.02 33.58 -49.26
N GLY D 343 -3.75 32.54 -48.85
CA GLY D 343 -5.03 32.70 -48.19
C GLY D 343 -6.23 32.40 -49.06
N LYS D 344 -6.00 32.05 -50.33
CA LYS D 344 -7.07 31.76 -51.27
C LYS D 344 -7.55 30.32 -51.09
N TYR D 345 -8.83 30.14 -50.80
CA TYR D 345 -9.40 28.81 -50.67
C TYR D 345 -9.60 28.18 -52.04
N ASP D 346 -9.40 26.84 -52.11
CA ASP D 346 -9.63 26.04 -53.32
C ASP D 346 -9.81 24.59 -52.88
N PRO D 347 -10.98 23.98 -53.13
CA PRO D 347 -11.24 22.63 -52.62
C PRO D 347 -10.25 21.57 -53.09
N ALA D 348 -9.45 21.85 -54.12
CA ALA D 348 -8.44 20.91 -54.59
C ALA D 348 -7.09 21.14 -53.92
N VAL D 349 -6.98 22.15 -53.06
CA VAL D 349 -5.72 22.52 -52.43
C VAL D 349 -5.48 21.68 -51.17
N SER D 350 -4.24 21.22 -51.02
CA SER D 350 -3.72 20.72 -49.75
C SER D 350 -2.34 21.34 -49.62
N SER D 351 -2.15 22.22 -48.63
CA SER D 351 -0.86 22.89 -48.44
C SER D 351 -0.42 22.77 -46.98
N LEU D 352 0.81 23.23 -46.72
CA LEU D 352 1.39 23.32 -45.38
C LEU D 352 1.04 22.12 -44.48
N HIS D 353 0.34 22.35 -43.35
CA HIS D 353 0.13 21.28 -42.36
C HIS D 353 -0.57 20.08 -42.98
N ASN D 354 -1.67 20.31 -43.70
CA ASN D 354 -2.41 19.20 -44.31
C ASN D 354 -1.53 18.45 -45.30
N LEU D 355 -0.70 19.18 -46.05
CA LEU D 355 0.17 18.57 -47.05
C LEU D 355 1.26 17.71 -46.40
N ALA D 356 1.87 18.19 -45.31
CA ALA D 356 2.88 17.37 -44.65
C ALA D 356 2.30 16.03 -44.22
N HIS D 357 1.05 16.04 -43.74
CA HIS D 357 0.37 14.81 -43.34
C HIS D 357 0.17 13.88 -44.51
N LEU D 358 -0.39 14.39 -45.62
CA LEU D 358 -0.71 13.54 -46.77
C LEU D 358 0.55 13.03 -47.47
N PHE D 359 1.64 13.79 -47.40
CA PHE D 359 2.91 13.35 -47.98
C PHE D 359 3.35 12.00 -47.43
N LEU D 360 3.04 11.71 -46.17
CA LEU D 360 3.48 10.46 -45.54
C LEU D 360 2.74 9.24 -46.09
N ASN D 361 1.56 9.43 -46.68
CA ASN D 361 0.79 8.37 -47.36
C ASN D 361 0.71 7.10 -46.51
N GLY D 362 0.10 7.27 -45.33
CA GLY D 362 0.00 6.18 -44.38
C GLY D 362 -0.68 6.58 -43.10
N THR D 363 -0.28 5.90 -42.01
CA THR D 363 -0.87 6.11 -40.69
C THR D 363 -0.87 7.57 -40.31
N GLY D 364 0.28 8.24 -40.50
CA GLY D 364 0.44 9.64 -40.19
C GLY D 364 -0.36 10.55 -41.06
N GLY D 365 -1.03 10.01 -42.08
CA GLY D 365 -1.88 10.77 -42.97
C GLY D 365 -3.32 10.28 -42.97
N GLN D 366 -3.74 9.61 -41.92
CA GLN D 366 -5.13 9.21 -41.77
C GLN D 366 -5.71 9.92 -40.55
N VAL D 367 -6.87 10.54 -40.73
CA VAL D 367 -7.37 11.51 -39.75
C VAL D 367 -7.65 10.84 -38.40
N HIS D 368 -8.04 9.57 -38.39
CA HIS D 368 -8.35 8.93 -37.10
C HIS D 368 -7.14 8.29 -36.45
N LEU D 369 -5.98 8.29 -37.12
CA LEU D 369 -4.79 7.62 -36.62
C LEU D 369 -3.54 8.48 -36.56
N SER D 370 -3.54 9.70 -37.12
CA SER D 370 -2.28 10.37 -37.46
C SER D 370 -1.26 10.45 -36.31
N PRO D 371 -1.63 10.68 -35.04
CA PRO D 371 -0.59 10.72 -33.99
C PRO D 371 0.12 9.40 -33.75
N ASN D 372 -0.41 8.26 -34.25
CA ASN D 372 0.29 6.99 -34.06
C ASN D 372 1.67 7.01 -34.71
N ASP D 373 1.87 7.80 -35.76
CA ASP D 373 3.20 7.97 -36.33
C ASP D 373 3.91 9.10 -35.58
N PRO D 374 5.03 8.85 -34.91
CA PRO D 374 5.66 9.89 -34.08
C PRO D 374 6.16 11.09 -34.85
N ILE D 375 6.24 11.01 -36.18
CA ILE D 375 6.46 12.22 -36.97
C ILE D 375 5.40 13.27 -36.65
N PHE D 376 4.19 12.84 -36.26
CA PHE D 376 3.15 13.77 -35.86
C PHE D 376 3.70 14.83 -34.90
N VAL D 377 4.49 14.40 -33.91
CA VAL D 377 4.99 15.33 -32.90
C VAL D 377 5.76 16.47 -33.56
N LEU D 378 6.70 16.11 -34.44
CA LEU D 378 7.59 17.08 -35.06
C LEU D 378 6.87 17.91 -36.11
N LEU D 379 5.90 17.30 -36.78
CA LEU D 379 5.05 18.04 -37.70
C LEU D 379 4.30 19.14 -36.97
N HIS D 380 3.89 18.89 -35.72
CA HIS D 380 3.09 19.88 -35.03
C HIS D 380 3.87 20.86 -34.20
N THR D 381 5.09 20.51 -33.74
CA THR D 381 5.91 21.55 -33.12
C THR D 381 6.31 22.59 -34.17
N PHE D 382 6.57 22.16 -35.41
CA PHE D 382 6.87 23.15 -36.45
C PHE D 382 5.65 24.02 -36.75
N THR D 383 4.48 23.39 -36.93
CA THR D 383 3.24 24.15 -37.10
C THR D 383 3.02 25.13 -35.93
N ASP D 384 3.33 24.69 -34.70
CA ASP D 384 3.20 25.56 -33.56
C ASP D 384 4.21 26.70 -33.58
N ALA D 385 5.39 26.49 -34.19
CA ALA D 385 6.34 27.59 -34.36
C ALA D 385 5.81 28.64 -35.32
N VAL D 386 5.23 28.23 -36.44
CA VAL D 386 4.62 29.18 -37.35
C VAL D 386 3.51 29.94 -36.63
N PHE D 387 2.71 29.24 -35.82
CA PHE D 387 1.68 29.89 -35.02
C PHE D 387 2.31 30.88 -34.05
N ASP D 388 3.39 30.48 -33.37
CA ASP D 388 4.01 31.39 -32.41
C ASP D 388 4.61 32.62 -33.09
N GLU D 389 5.24 32.45 -34.26
CA GLU D 389 5.79 33.62 -34.96
C GLU D 389 4.68 34.56 -35.40
N TRP D 390 3.53 34.01 -35.81
CA TRP D 390 2.37 34.84 -36.11
C TRP D 390 1.94 35.65 -34.90
N LEU D 391 1.92 35.00 -33.73
CA LEU D 391 1.53 35.67 -32.50
C LEU D 391 2.47 36.82 -32.16
N ARG D 392 3.78 36.63 -32.37
CA ARG D 392 4.74 37.71 -32.14
C ARG D 392 4.50 38.87 -33.09
N ARG D 393 4.24 38.55 -34.36
CA ARG D 393 4.23 39.51 -35.45
C ARG D 393 2.97 40.36 -35.46
N TYR D 394 1.84 39.80 -35.02
CA TYR D 394 0.58 40.52 -34.97
C TYR D 394 0.12 40.76 -33.54
N ASN D 395 1.06 40.69 -32.58
CA ASN D 395 0.81 41.03 -31.18
C ASN D 395 -0.39 40.28 -30.63
N ALA D 396 -0.44 38.98 -30.93
CA ALA D 396 -1.43 38.06 -30.38
C ALA D 396 -2.84 38.64 -30.50
N ASP D 397 -3.16 39.15 -31.69
CA ASP D 397 -4.46 39.78 -31.92
C ASP D 397 -5.52 38.70 -32.01
N ILE D 398 -6.30 38.55 -30.93
CA ILE D 398 -7.31 37.49 -30.81
C ILE D 398 -8.70 37.95 -31.27
N SER D 399 -8.79 39.19 -31.77
CA SER D 399 -10.11 39.79 -31.99
C SER D 399 -10.92 38.99 -32.99
N THR D 400 -10.27 38.36 -33.96
CA THR D 400 -10.96 37.60 -34.99
C THR D 400 -11.26 36.16 -34.59
N PHE D 401 -10.78 35.71 -33.44
CA PHE D 401 -11.15 34.41 -32.89
C PHE D 401 -12.57 34.51 -32.38
N PRO D 402 -13.57 33.89 -33.03
CA PRO D 402 -14.96 34.16 -32.68
C PRO D 402 -15.33 33.64 -31.29
N LEU D 403 -16.17 34.39 -30.59
CA LEU D 403 -16.74 33.92 -29.33
C LEU D 403 -17.95 33.02 -29.55
N GLU D 404 -18.60 33.11 -30.71
CA GLU D 404 -19.76 32.28 -30.97
C GLU D 404 -19.87 32.05 -32.47
N ASN D 405 -20.69 31.05 -32.82
CA ASN D 405 -21.00 30.66 -34.20
C ASN D 405 -19.86 29.97 -34.91
N ALA D 406 -18.76 29.66 -34.22
CA ALA D 406 -17.76 28.77 -34.79
C ALA D 406 -18.28 27.33 -34.78
N PRO D 407 -17.66 26.43 -35.53
CA PRO D 407 -17.99 25.00 -35.40
C PRO D 407 -17.90 24.57 -33.93
N ILE D 408 -18.72 23.58 -33.56
CA ILE D 408 -18.76 23.20 -32.15
C ILE D 408 -17.37 22.76 -31.71
N GLY D 409 -16.97 23.21 -30.51
CA GLY D 409 -15.64 23.02 -29.99
C GLY D 409 -14.68 24.14 -30.25
N HIS D 410 -15.03 25.08 -31.14
CA HIS D 410 -14.08 26.07 -31.63
C HIS D 410 -14.39 27.49 -31.17
N ASN D 411 -15.45 27.72 -30.38
CA ASN D 411 -15.63 29.02 -29.77
C ASN D 411 -14.43 29.35 -28.89
N ARG D 412 -14.11 30.65 -28.79
CA ARG D 412 -12.89 31.07 -28.11
C ARG D 412 -12.82 30.57 -26.67
N GLN D 413 -13.95 30.58 -25.95
CA GLN D 413 -13.99 30.19 -24.54
C GLN D 413 -14.35 28.73 -24.31
N TYR D 414 -14.45 27.91 -25.35
CA TYR D 414 -14.68 26.48 -25.20
C TYR D 414 -13.51 25.81 -24.49
N ASN D 415 -13.80 24.83 -23.63
CA ASN D 415 -12.74 24.02 -23.05
C ASN D 415 -12.28 23.00 -24.08
N MET D 416 -11.00 23.07 -24.46
CA MET D 416 -10.50 22.24 -25.55
C MET D 416 -10.65 20.78 -25.18
N VAL D 417 -11.32 20.01 -26.05
CA VAL D 417 -11.78 18.65 -25.74
C VAL D 417 -10.74 17.60 -26.11
N PRO D 418 -10.42 16.66 -25.19
CA PRO D 418 -10.89 16.43 -23.82
C PRO D 418 -9.85 16.73 -22.76
N PHE D 419 -9.18 17.86 -22.84
CA PHE D 419 -8.03 18.10 -21.97
C PHE D 419 -8.50 18.35 -20.55
N TRP D 420 -7.72 17.87 -19.58
CA TRP D 420 -8.03 18.02 -18.17
C TRP D 420 -6.83 18.51 -17.37
N PRO D 421 -7.04 19.42 -16.40
CA PRO D 421 -8.28 20.14 -16.07
C PRO D 421 -8.68 21.07 -17.21
N PRO D 422 -9.92 21.55 -17.21
CA PRO D 422 -10.40 22.37 -18.33
C PRO D 422 -9.45 23.51 -18.68
N VAL D 423 -9.22 23.70 -19.98
CA VAL D 423 -8.34 24.78 -20.46
C VAL D 423 -8.94 25.33 -21.75
N THR D 424 -9.07 26.65 -21.84
CA THR D 424 -9.75 27.25 -22.98
C THR D 424 -8.76 27.60 -24.11
N ASN D 425 -9.30 27.85 -25.29
CA ASN D 425 -8.48 28.31 -26.41
C ASN D 425 -7.78 29.62 -26.06
N THR D 426 -8.45 30.50 -25.31
CA THR D 426 -7.84 31.78 -24.94
C THR D 426 -6.52 31.59 -24.22
N GLU D 427 -6.45 30.62 -23.30
CA GLU D 427 -5.24 30.47 -22.50
C GLU D 427 -4.02 30.06 -23.34
N MET D 428 -4.23 29.47 -24.51
CA MET D 428 -3.13 29.11 -25.39
C MET D 428 -2.81 30.18 -26.44
N PHE D 429 -3.66 31.20 -26.59
CA PHE D 429 -3.48 32.25 -27.60
C PHE D 429 -2.57 33.36 -27.07
N VAL D 430 -1.34 32.97 -26.76
CA VAL D 430 -0.36 33.88 -26.17
C VAL D 430 1.02 33.55 -26.73
N THR D 431 1.90 34.56 -26.78
CA THR D 431 3.26 34.31 -27.21
C THR D 431 3.93 33.36 -26.24
N ALA D 432 4.46 32.27 -26.79
CA ALA D 432 4.99 31.20 -25.95
C ALA D 432 6.17 31.62 -25.07
N PRO D 433 7.15 32.43 -25.53
CA PRO D 433 8.34 32.64 -24.67
C PRO D 433 8.06 33.34 -23.34
N ASP D 434 7.16 34.32 -23.31
CA ASP D 434 6.86 35.04 -22.09
C ASP D 434 5.75 34.40 -21.26
N ASN D 435 4.97 33.49 -21.84
CA ASN D 435 3.75 33.00 -21.20
C ASN D 435 3.71 31.50 -20.97
N LEU D 436 4.39 30.70 -21.76
CA LEU D 436 4.30 29.25 -21.65
C LEU D 436 5.64 28.59 -21.37
N GLY D 437 6.72 29.37 -21.25
CA GLY D 437 8.00 28.82 -20.86
C GLY D 437 8.76 28.09 -21.95
N TYR D 438 8.44 28.33 -23.22
CA TYR D 438 9.24 27.71 -24.26
C TYR D 438 9.31 28.65 -25.45
N THR D 439 10.34 28.44 -26.26
CA THR D 439 10.59 29.25 -27.44
C THR D 439 11.22 28.37 -28.49
N TYR D 440 11.22 28.85 -29.73
CA TYR D 440 11.75 28.12 -30.87
C TYR D 440 13.05 28.73 -31.34
N GLU D 441 14.07 27.88 -31.47
CA GLU D 441 15.30 28.23 -32.17
C GLU D 441 15.02 27.98 -33.65
N ILE D 442 14.74 29.04 -34.40
CA ILE D 442 14.29 28.92 -35.77
C ILE D 442 14.51 30.27 -36.43
N GLN D 443 14.70 30.27 -37.75
CA GLN D 443 14.87 31.51 -38.50
C GLN D 443 13.79 31.58 -39.58
N TRP D 444 13.24 32.77 -39.80
CA TRP D 444 12.16 32.66 -40.76
C TRP D 444 12.56 33.21 -42.13
N PRO D 445 12.15 32.54 -43.21
CA PRO D 445 12.55 32.99 -44.55
C PRO D 445 12.11 34.42 -44.80
N SER D 446 13.00 35.20 -45.43
CA SER D 446 12.69 36.55 -45.89
C SER D 446 13.86 37.16 -46.66
#